data_6TGS
# 
_entry.id   6TGS 
# 
_audit_conform.dict_name       mmcif_pdbx.dic 
_audit_conform.dict_version    5.391 
_audit_conform.dict_location   http://mmcif.pdb.org/dictionaries/ascii/mmcif_pdbx.dic 
# 
loop_
_database_2.database_id 
_database_2.database_code 
_database_2.pdbx_database_accession 
_database_2.pdbx_DOI 
PDB   6TGS         pdb_00006tgs 10.2210/pdb6tgs/pdb 
WWPDB D_1292102752 ?            ?                   
# 
loop_
_pdbx_audit_revision_history.ordinal 
_pdbx_audit_revision_history.data_content_type 
_pdbx_audit_revision_history.major_revision 
_pdbx_audit_revision_history.minor_revision 
_pdbx_audit_revision_history.revision_date 
1 'Structure model' 1 0 2020-02-12 
2 'Structure model' 1 1 2024-05-01 
# 
_pdbx_audit_revision_details.ordinal             1 
_pdbx_audit_revision_details.revision_ordinal    1 
_pdbx_audit_revision_details.data_content_type   'Structure model' 
_pdbx_audit_revision_details.provider            repository 
_pdbx_audit_revision_details.type                'Initial release' 
_pdbx_audit_revision_details.description         ? 
_pdbx_audit_revision_details.details             ? 
# 
loop_
_pdbx_audit_revision_group.ordinal 
_pdbx_audit_revision_group.revision_ordinal 
_pdbx_audit_revision_group.data_content_type 
_pdbx_audit_revision_group.group 
1 2 'Structure model' 'Data collection'        
2 2 'Structure model' 'Database references'    
3 2 'Structure model' 'Refinement description' 
# 
loop_
_pdbx_audit_revision_category.ordinal 
_pdbx_audit_revision_category.revision_ordinal 
_pdbx_audit_revision_category.data_content_type 
_pdbx_audit_revision_category.category 
1 2 'Structure model' chem_comp_atom                
2 2 'Structure model' chem_comp_bond                
3 2 'Structure model' database_2                    
4 2 'Structure model' pdbx_initial_refinement_model 
# 
loop_
_pdbx_audit_revision_item.ordinal 
_pdbx_audit_revision_item.revision_ordinal 
_pdbx_audit_revision_item.data_content_type 
_pdbx_audit_revision_item.item 
1 2 'Structure model' '_database_2.pdbx_DOI'                
2 2 'Structure model' '_database_2.pdbx_database_accession' 
# 
_pdbx_database_status.status_code                     REL 
_pdbx_database_status.status_code_sf                  REL 
_pdbx_database_status.status_code_mr                  ? 
_pdbx_database_status.entry_id                        6TGS 
_pdbx_database_status.recvd_initial_deposition_date   2019-11-17 
_pdbx_database_status.SG_entry                        N 
_pdbx_database_status.deposit_site                    PDBE 
_pdbx_database_status.process_site                    PDBE 
_pdbx_database_status.status_code_cs                  ? 
_pdbx_database_status.methods_development_category    ? 
_pdbx_database_status.pdb_format_compatible           Y 
_pdbx_database_status.status_code_nmr_data            ? 
# 
loop_
_pdbx_database_related.db_name 
_pdbx_database_related.details 
_pdbx_database_related.db_id 
_pdbx_database_related.content_type 
EMDB . EMD-10500 'other EM volume' 
PDB  . 6TGP      unspecified       
EMDB . EMD-10499 'other EM volume' 
PDB  . 6TGN      unspecified       
# 
loop_
_audit_author.name 
_audit_author.pdbx_ordinal 
_audit_author.identifier_ORCID 
'Jakobi, A.J.' 1 0000-0002-7761-2027 
'Sachse, C.'   2 ?                   
# 
_citation.abstract                  ? 
_citation.abstract_id_CAS           ? 
_citation.book_id_ISBN              ? 
_citation.book_publisher            ? 
_citation.book_publisher_city       ? 
_citation.book_title                ? 
_citation.coordinate_linkage        ? 
_citation.country                   UK 
_citation.database_id_Medline       ? 
_citation.details                   ? 
_citation.id                        primary 
_citation.journal_abbrev            'Nat Commun' 
_citation.journal_id_ASTM           ? 
_citation.journal_id_CSD            ? 
_citation.journal_id_ISSN           2041-1723 
_citation.journal_full              ? 
_citation.journal_issue             ? 
_citation.journal_volume            11 
_citation.language                  ? 
_citation.page_first                440 
_citation.page_last                 440 
_citation.title                     'Structural basis of p62/SQSTM1 helical filaments and their role in cellular cargo uptake.' 
_citation.year                      2020 
_citation.database_id_CSD           ? 
_citation.pdbx_database_id_DOI      10.1038/s41467-020-14343-8 
_citation.pdbx_database_id_PubMed   31974402 
_citation.unpublished_flag          ? 
# 
loop_
_citation_author.citation_id 
_citation_author.name 
_citation_author.ordinal 
_citation_author.identifier_ORCID 
primary 'Jakobi, A.J.'    1  0000-0002-7761-2027 
primary 'Huber, S.T.'     2  0000-0003-3721-5104 
primary 'Mortensen, S.A.' 3  ?                   
primary 'Schultz, S.W.'   4  ?                   
primary 'Palara, A.'      5  ?                   
primary 'Kuhm, T.'        6  ?                   
primary 'Shrestha, B.K.'  7  ?                   
primary 'Lamark, T.'      8  0000-0001-6338-3342 
primary 'Hagen, W.J.H.'   9  ?                   
primary 'Wilmanns, M.'    10 0000-0002-4643-5435 
primary 'Johansen, T.'    11 0000-0003-1451-9578 
primary 'Brech, A.'       12 ?                   
primary 'Sachse, C.'      13 0000-0002-1168-5143 
# 
loop_
_entity.id 
_entity.type 
_entity.src_method 
_entity.pdbx_description 
_entity.formula_weight 
_entity.pdbx_number_of_molecules 
_entity.pdbx_ec 
_entity.pdbx_mutation 
_entity.pdbx_fragment 
_entity.details 
1 polymer     man 'Protein NBR1 homolog'  10052.500 1  ? ? ? ? 
2 non-polymer syn GLYCEROL                92.094    5  ? ? ? ? 
3 non-polymer syn 'DI(HYDROXYETHYL)ETHER' 106.120   1  ? ? ? ? 
4 non-polymer syn 'SULFATE ION'           96.063    2  ? ? ? ? 
5 non-polymer syn 'CHLORIDE ION'          35.453    1  ? ? ? ? 
6 non-polymer syn 'SUCCINIC ACID'         118.088   1  ? ? ? ? 
7 water       nat water                   18.015    35 ? ? ? ? 
# 
_entity_name_com.entity_id   1 
_entity_name_com.name        AtNBR1,At4g24690 
# 
_entity_poly.entity_id                      1 
_entity_poly.type                           'polypeptide(L)' 
_entity_poly.nstd_linkage                   no 
_entity_poly.nstd_monomer                   no 
_entity_poly.pdbx_seq_one_letter_code       
;MESTANALVVKVSYGGVLRRFRVPVKANGQLDLEMAGLKEKIAALFNLSADAELSLTYSAADGAVVALVDDNDLFDVTNQ
RLKFLKINVNAGVS
;
_entity_poly.pdbx_seq_one_letter_code_can   
;MESTANALVVKVSYGGVLRRFRVPVKANGQLDLEMAGLKEKIAALFNLSADAELSLTYSAADGAVVALVDDNDLFDVTNQ
RLKFLKINVNAGVS
;
_entity_poly.pdbx_strand_id                 A 
_entity_poly.pdbx_target_identifier         ? 
# 
loop_
_pdbx_entity_nonpoly.entity_id 
_pdbx_entity_nonpoly.name 
_pdbx_entity_nonpoly.comp_id 
2 GLYCEROL                GOL 
3 'DI(HYDROXYETHYL)ETHER' PEG 
4 'SULFATE ION'           SO4 
5 'CHLORIDE ION'          CL  
6 'SUCCINIC ACID'         SIN 
7 water                   HOH 
# 
loop_
_entity_poly_seq.entity_id 
_entity_poly_seq.num 
_entity_poly_seq.mon_id 
_entity_poly_seq.hetero 
1 1  MET n 
1 2  GLU n 
1 3  SER n 
1 4  THR n 
1 5  ALA n 
1 6  ASN n 
1 7  ALA n 
1 8  LEU n 
1 9  VAL n 
1 10 VAL n 
1 11 LYS n 
1 12 VAL n 
1 13 SER n 
1 14 TYR n 
1 15 GLY n 
1 16 GLY n 
1 17 VAL n 
1 18 LEU n 
1 19 ARG n 
1 20 ARG n 
1 21 PHE n 
1 22 ARG n 
1 23 VAL n 
1 24 PRO n 
1 25 VAL n 
1 26 LYS n 
1 27 ALA n 
1 28 ASN n 
1 29 GLY n 
1 30 GLN n 
1 31 LEU n 
1 32 ASP n 
1 33 LEU n 
1 34 GLU n 
1 35 MET n 
1 36 ALA n 
1 37 GLY n 
1 38 LEU n 
1 39 LYS n 
1 40 GLU n 
1 41 LYS n 
1 42 ILE n 
1 43 ALA n 
1 44 ALA n 
1 45 LEU n 
1 46 PHE n 
1 47 ASN n 
1 48 LEU n 
1 49 SER n 
1 50 ALA n 
1 51 ASP n 
1 52 ALA n 
1 53 GLU n 
1 54 LEU n 
1 55 SER n 
1 56 LEU n 
1 57 THR n 
1 58 TYR n 
1 59 SER n 
1 60 ALA n 
1 61 ALA n 
1 62 ASP n 
1 63 GLY n 
1 64 ALA n 
1 65 VAL n 
1 66 VAL n 
1 67 ALA n 
1 68 LEU n 
1 69 VAL n 
1 70 ASP n 
1 71 ASP n 
1 72 ASN n 
1 73 ASP n 
1 74 LEU n 
1 75 PHE n 
1 76 ASP n 
1 77 VAL n 
1 78 THR n 
1 79 ASN n 
1 80 GLN n 
1 81 ARG n 
1 82 LEU n 
1 83 LYS n 
1 84 PHE n 
1 85 LEU n 
1 86 LYS n 
1 87 ILE n 
1 88 ASN n 
1 89 VAL n 
1 90 ASN n 
1 91 ALA n 
1 92 GLY n 
1 93 VAL n 
1 94 SER n 
# 
_entity_src_gen.entity_id                          1 
_entity_src_gen.pdbx_src_id                        1 
_entity_src_gen.pdbx_alt_source_flag               sample 
_entity_src_gen.pdbx_seq_type                      'Biological sequence' 
_entity_src_gen.pdbx_beg_seq_num                   1 
_entity_src_gen.pdbx_end_seq_num                   94 
_entity_src_gen.gene_src_common_name               'Mouse-ear cress' 
_entity_src_gen.gene_src_genus                     ? 
_entity_src_gen.pdbx_gene_src_gene                 'NBR1, At4g24690, F22K18.110' 
_entity_src_gen.gene_src_species                   ? 
_entity_src_gen.gene_src_strain                    ? 
_entity_src_gen.gene_src_tissue                    ? 
_entity_src_gen.gene_src_tissue_fraction           ? 
_entity_src_gen.gene_src_details                   ? 
_entity_src_gen.pdbx_gene_src_fragment             ? 
_entity_src_gen.pdbx_gene_src_scientific_name      'Arabidopsis thaliana' 
_entity_src_gen.pdbx_gene_src_ncbi_taxonomy_id     3702 
_entity_src_gen.pdbx_gene_src_variant              ? 
_entity_src_gen.pdbx_gene_src_cell_line            ? 
_entity_src_gen.pdbx_gene_src_atcc                 ? 
_entity_src_gen.pdbx_gene_src_organ                ? 
_entity_src_gen.pdbx_gene_src_organelle            ? 
_entity_src_gen.pdbx_gene_src_cell                 ? 
_entity_src_gen.pdbx_gene_src_cellular_location    ? 
_entity_src_gen.host_org_common_name               ? 
_entity_src_gen.pdbx_host_org_scientific_name      'Escherichia coli BL21(DE3)' 
_entity_src_gen.pdbx_host_org_ncbi_taxonomy_id     469008 
_entity_src_gen.host_org_genus                     ? 
_entity_src_gen.pdbx_host_org_gene                 ? 
_entity_src_gen.pdbx_host_org_organ                ? 
_entity_src_gen.host_org_species                   ? 
_entity_src_gen.pdbx_host_org_tissue               ? 
_entity_src_gen.pdbx_host_org_tissue_fraction      ? 
_entity_src_gen.pdbx_host_org_strain               ? 
_entity_src_gen.pdbx_host_org_variant              ? 
_entity_src_gen.pdbx_host_org_cell_line            ? 
_entity_src_gen.pdbx_host_org_atcc                 ? 
_entity_src_gen.pdbx_host_org_culture_collection   ? 
_entity_src_gen.pdbx_host_org_cell                 ? 
_entity_src_gen.pdbx_host_org_organelle            ? 
_entity_src_gen.pdbx_host_org_cellular_location    ? 
_entity_src_gen.pdbx_host_org_vector_type          ? 
_entity_src_gen.pdbx_host_org_vector               ? 
_entity_src_gen.host_org_details                   ? 
_entity_src_gen.expression_system_id               ? 
_entity_src_gen.plasmid_name                       ? 
_entity_src_gen.plasmid_details                    ? 
_entity_src_gen.pdbx_description                   ? 
# 
loop_
_chem_comp.id 
_chem_comp.type 
_chem_comp.mon_nstd_flag 
_chem_comp.name 
_chem_comp.pdbx_synonyms 
_chem_comp.formula 
_chem_comp.formula_weight 
ALA 'L-peptide linking' y ALANINE                 ?                               'C3 H7 N O2'     89.093  
ARG 'L-peptide linking' y ARGININE                ?                               'C6 H15 N4 O2 1' 175.209 
ASN 'L-peptide linking' y ASPARAGINE              ?                               'C4 H8 N2 O3'    132.118 
ASP 'L-peptide linking' y 'ASPARTIC ACID'         ?                               'C4 H7 N O4'     133.103 
CL  non-polymer         . 'CHLORIDE ION'          ?                               'Cl -1'          35.453  
GLN 'L-peptide linking' y GLUTAMINE               ?                               'C5 H10 N2 O3'   146.144 
GLU 'L-peptide linking' y 'GLUTAMIC ACID'         ?                               'C5 H9 N O4'     147.129 
GLY 'peptide linking'   y GLYCINE                 ?                               'C2 H5 N O2'     75.067  
GOL non-polymer         . GLYCEROL                'GLYCERIN; PROPANE-1,2,3-TRIOL' 'C3 H8 O3'       92.094  
HOH non-polymer         . WATER                   ?                               'H2 O'           18.015  
ILE 'L-peptide linking' y ISOLEUCINE              ?                               'C6 H13 N O2'    131.173 
LEU 'L-peptide linking' y LEUCINE                 ?                               'C6 H13 N O2'    131.173 
LYS 'L-peptide linking' y LYSINE                  ?                               'C6 H15 N2 O2 1' 147.195 
MET 'L-peptide linking' y METHIONINE              ?                               'C5 H11 N O2 S'  149.211 
PEG non-polymer         . 'DI(HYDROXYETHYL)ETHER' ?                               'C4 H10 O3'      106.120 
PHE 'L-peptide linking' y PHENYLALANINE           ?                               'C9 H11 N O2'    165.189 
PRO 'L-peptide linking' y PROLINE                 ?                               'C5 H9 N O2'     115.130 
SER 'L-peptide linking' y SERINE                  ?                               'C3 H7 N O3'     105.093 
SIN non-polymer         . 'SUCCINIC ACID'         ?                               'C4 H6 O4'       118.088 
SO4 non-polymer         . 'SULFATE ION'           ?                               'O4 S -2'        96.063  
THR 'L-peptide linking' y THREONINE               ?                               'C4 H9 N O3'     119.119 
TYR 'L-peptide linking' y TYROSINE                ?                               'C9 H11 N O3'    181.189 
VAL 'L-peptide linking' y VALINE                  ?                               'C5 H11 N O2'    117.146 
# 
loop_
_pdbx_poly_seq_scheme.asym_id 
_pdbx_poly_seq_scheme.entity_id 
_pdbx_poly_seq_scheme.seq_id 
_pdbx_poly_seq_scheme.mon_id 
_pdbx_poly_seq_scheme.ndb_seq_num 
_pdbx_poly_seq_scheme.pdb_seq_num 
_pdbx_poly_seq_scheme.auth_seq_num 
_pdbx_poly_seq_scheme.pdb_mon_id 
_pdbx_poly_seq_scheme.auth_mon_id 
_pdbx_poly_seq_scheme.pdb_strand_id 
_pdbx_poly_seq_scheme.pdb_ins_code 
_pdbx_poly_seq_scheme.hetero 
A 1 1  MET 1  1  ?  ?   ?   A . n 
A 1 2  GLU 2  2  ?  ?   ?   A . n 
A 1 3  SER 3  3  ?  ?   ?   A . n 
A 1 4  THR 4  4  ?  ?   ?   A . n 
A 1 5  ALA 5  5  5  ALA ALA A . n 
A 1 6  ASN 6  6  6  ASN ASN A . n 
A 1 7  ALA 7  7  7  ALA ALA A . n 
A 1 8  LEU 8  8  8  LEU LEU A . n 
A 1 9  VAL 9  9  9  VAL VAL A . n 
A 1 10 VAL 10 10 10 VAL VAL A . n 
A 1 11 LYS 11 11 11 LYS LYS A . n 
A 1 12 VAL 12 12 12 VAL VAL A . n 
A 1 13 SER 13 13 13 SER SER A . n 
A 1 14 TYR 14 14 14 TYR TYR A . n 
A 1 15 GLY 15 15 15 GLY GLY A . n 
A 1 16 GLY 16 16 16 GLY GLY A . n 
A 1 17 VAL 17 17 17 VAL VAL A . n 
A 1 18 LEU 18 18 18 LEU LEU A . n 
A 1 19 ARG 19 19 19 ARG ARG A . n 
A 1 20 ARG 20 20 20 ARG ARG A . n 
A 1 21 PHE 21 21 21 PHE PHE A . n 
A 1 22 ARG 22 22 22 ARG ARG A . n 
A 1 23 VAL 23 23 23 VAL VAL A . n 
A 1 24 PRO 24 24 24 PRO PRO A . n 
A 1 25 VAL 25 25 25 VAL VAL A . n 
A 1 26 LYS 26 26 26 LYS LYS A . n 
A 1 27 ALA 27 27 27 ALA ALA A . n 
A 1 28 ASN 28 28 28 ASN ASN A . n 
A 1 29 GLY 29 29 29 GLY GLY A . n 
A 1 30 GLN 30 30 30 GLN GLN A . n 
A 1 31 LEU 31 31 31 LEU LEU A . n 
A 1 32 ASP 32 32 32 ASP ASP A . n 
A 1 33 LEU 33 33 33 LEU LEU A . n 
A 1 34 GLU 34 34 34 GLU GLU A . n 
A 1 35 MET 35 35 35 MET MET A . n 
A 1 36 ALA 36 36 36 ALA ALA A . n 
A 1 37 GLY 37 37 37 GLY GLY A . n 
A 1 38 LEU 38 38 38 LEU LEU A . n 
A 1 39 LYS 39 39 39 LYS LYS A . n 
A 1 40 GLU 40 40 40 GLU GLU A . n 
A 1 41 LYS 41 41 41 LYS LYS A . n 
A 1 42 ILE 42 42 42 ILE ILE A . n 
A 1 43 ALA 43 43 43 ALA ALA A . n 
A 1 44 ALA 44 44 44 ALA ALA A . n 
A 1 45 LEU 45 45 45 LEU LEU A . n 
A 1 46 PHE 46 46 46 PHE PHE A . n 
A 1 47 ASN 47 47 47 ASN ASN A . n 
A 1 48 LEU 48 48 48 LEU LEU A . n 
A 1 49 SER 49 49 49 SER SER A . n 
A 1 50 ALA 50 50 50 ALA ALA A . n 
A 1 51 ASP 51 51 51 ASP ASP A . n 
A 1 52 ALA 52 52 52 ALA ALA A . n 
A 1 53 GLU 53 53 53 GLU GLU A . n 
A 1 54 LEU 54 54 54 LEU LEU A . n 
A 1 55 SER 55 55 55 SER SER A . n 
A 1 56 LEU 56 56 56 LEU LEU A . n 
A 1 57 THR 57 57 57 THR THR A . n 
A 1 58 TYR 58 58 58 TYR TYR A . n 
A 1 59 SER 59 59 59 SER SER A . n 
A 1 60 ALA 60 60 60 ALA ALA A . n 
A 1 61 ALA 61 61 61 ALA ALA A . n 
A 1 62 ASP 62 62 62 ASP ASP A . n 
A 1 63 GLY 63 63 63 GLY GLY A . n 
A 1 64 ALA 64 64 64 ALA ALA A . n 
A 1 65 VAL 65 65 65 VAL VAL A . n 
A 1 66 VAL 66 66 66 VAL VAL A . n 
A 1 67 ALA 67 67 67 ALA ALA A . n 
A 1 68 LEU 68 68 68 LEU LEU A . n 
A 1 69 VAL 69 69 69 VAL VAL A . n 
A 1 70 ASP 70 70 70 ASP ASP A . n 
A 1 71 ASP 71 71 71 ASP ASP A . n 
A 1 72 ASN 72 72 72 ASN ASN A . n 
A 1 73 ASP 73 73 73 ASP ASP A . n 
A 1 74 LEU 74 74 74 LEU LEU A . n 
A 1 75 PHE 75 75 75 PHE PHE A . n 
A 1 76 ASP 76 76 76 ASP ASP A . n 
A 1 77 VAL 77 77 77 VAL VAL A . n 
A 1 78 THR 78 78 78 THR THR A . n 
A 1 79 ASN 79 79 79 ASN ASN A . n 
A 1 80 GLN 80 80 80 GLN GLN A . n 
A 1 81 ARG 81 81 81 ARG ARG A . n 
A 1 82 LEU 82 82 82 LEU LEU A . n 
A 1 83 LYS 83 83 83 LYS LYS A . n 
A 1 84 PHE 84 84 84 PHE PHE A . n 
A 1 85 LEU 85 85 85 LEU LEU A . n 
A 1 86 LYS 86 86 86 LYS LYS A . n 
A 1 87 ILE 87 87 87 ILE ILE A . n 
A 1 88 ASN 88 88 88 ASN ASN A . n 
A 1 89 VAL 89 89 89 VAL VAL A . n 
A 1 90 ASN 90 90 90 ASN ASN A . n 
A 1 91 ALA 91 91 91 ALA ALA A . n 
A 1 92 GLY 92 92 92 GLY GLY A . n 
A 1 93 VAL 93 93 ?  ?   ?   A . n 
A 1 94 SER 94 94 ?  ?   ?   A . n 
# 
loop_
_pdbx_nonpoly_scheme.asym_id 
_pdbx_nonpoly_scheme.entity_id 
_pdbx_nonpoly_scheme.mon_id 
_pdbx_nonpoly_scheme.ndb_seq_num 
_pdbx_nonpoly_scheme.pdb_seq_num 
_pdbx_nonpoly_scheme.auth_seq_num 
_pdbx_nonpoly_scheme.pdb_mon_id 
_pdbx_nonpoly_scheme.auth_mon_id 
_pdbx_nonpoly_scheme.pdb_strand_id 
_pdbx_nonpoly_scheme.pdb_ins_code 
B 2 GOL 1  101 1  GOL GOL A . 
C 2 GOL 1  102 2  GOL GOL A . 
D 2 GOL 1  103 3  GOL GOL A . 
E 2 GOL 1  104 4  GOL GOL A . 
F 2 GOL 1  105 5  GOL GOL A . 
G 3 PEG 1  106 1  PEG PEG A . 
H 4 SO4 1  107 1  SO4 SO4 A . 
I 4 SO4 1  108 2  SO4 SO4 A . 
J 5 CL  1  109 1  CL  CL  A . 
K 6 SIN 1  110 1  SIN SIN A . 
L 7 HOH 1  201 24 HOH HOH A . 
L 7 HOH 2  202 27 HOH HOH A . 
L 7 HOH 3  203 5  HOH HOH A . 
L 7 HOH 4  204 22 HOH HOH A . 
L 7 HOH 5  205 29 HOH HOH A . 
L 7 HOH 6  206 31 HOH HOH A . 
L 7 HOH 7  207 12 HOH HOH A . 
L 7 HOH 8  208 2  HOH HOH A . 
L 7 HOH 9  209 10 HOH HOH A . 
L 7 HOH 10 210 6  HOH HOH A . 
L 7 HOH 11 211 16 HOH HOH A . 
L 7 HOH 12 212 36 HOH HOH A . 
L 7 HOH 13 213 3  HOH HOH A . 
L 7 HOH 14 214 40 HOH HOH A . 
L 7 HOH 15 215 1  HOH HOH A . 
L 7 HOH 16 216 33 HOH HOH A . 
L 7 HOH 17 217 13 HOH HOH A . 
L 7 HOH 18 218 18 HOH HOH A . 
L 7 HOH 19 219 37 HOH HOH A . 
L 7 HOH 20 220 4  HOH HOH A . 
L 7 HOH 21 221 14 HOH HOH A . 
L 7 HOH 22 222 38 HOH HOH A . 
L 7 HOH 23 223 8  HOH HOH A . 
L 7 HOH 24 224 17 HOH HOH A . 
L 7 HOH 25 225 30 HOH HOH A . 
L 7 HOH 26 226 9  HOH HOH A . 
L 7 HOH 27 227 21 HOH HOH A . 
L 7 HOH 28 228 7  HOH HOH A . 
L 7 HOH 29 229 19 HOH HOH A . 
L 7 HOH 30 230 20 HOH HOH A . 
L 7 HOH 31 231 15 HOH HOH A . 
L 7 HOH 32 232 11 HOH HOH A . 
L 7 HOH 33 233 41 HOH HOH A . 
L 7 HOH 34 234 42 HOH HOH A . 
L 7 HOH 35 235 34 HOH HOH A . 
# 
loop_
_software.citation_id 
_software.classification 
_software.compiler_name 
_software.compiler_version 
_software.contact_author 
_software.contact_author_email 
_software.date 
_software.description 
_software.dependencies 
_software.hardware 
_software.language 
_software.location 
_software.mods 
_software.name 
_software.os 
_software.os_version 
_software.type 
_software.version 
_software.pdbx_ordinal 
? refinement       ? ? ? ? ? ? ? ? ? ? ? PHENIX  ? ? ? '(dev_3500: ???)' 1 
? 'data reduction' ? ? ? ? ? ? ? ? ? ? ? XDS     ? ? ? .                 2 
? 'data scaling'   ? ? ? ? ? ? ? ? ? ? ? Aimless ? ? ? .                 3 
? phasing          ? ? ? ? ? ? ? ? ? ? ? PHASER  ? ? ? .                 4 
# 
_cell.angle_alpha                  90.00 
_cell.angle_alpha_esd              ? 
_cell.angle_beta                   90.00 
_cell.angle_beta_esd               ? 
_cell.angle_gamma                  90.00 
_cell.angle_gamma_esd              ? 
_cell.entry_id                     6TGS 
_cell.details                      ? 
_cell.formula_units_Z              ? 
_cell.length_a                     43.128 
_cell.length_a_esd                 ? 
_cell.length_b                     79.438 
_cell.length_b_esd                 ? 
_cell.length_c                     24.135 
_cell.length_c_esd                 ? 
_cell.volume                       ? 
_cell.volume_esd                   ? 
_cell.Z_PDB                        4 
_cell.reciprocal_angle_alpha       ? 
_cell.reciprocal_angle_beta        ? 
_cell.reciprocal_angle_gamma       ? 
_cell.reciprocal_angle_alpha_esd   ? 
_cell.reciprocal_angle_beta_esd    ? 
_cell.reciprocal_angle_gamma_esd   ? 
_cell.reciprocal_length_a          ? 
_cell.reciprocal_length_b          ? 
_cell.reciprocal_length_c          ? 
_cell.reciprocal_length_a_esd      ? 
_cell.reciprocal_length_b_esd      ? 
_cell.reciprocal_length_c_esd      ? 
_cell.pdbx_unique_axis             ? 
# 
_symmetry.entry_id                         6TGS 
_symmetry.cell_setting                     ? 
_symmetry.Int_Tables_number                18 
_symmetry.space_group_name_Hall            ? 
_symmetry.space_group_name_H-M             'P 21 21 2' 
_symmetry.pdbx_full_space_group_name_H-M   ? 
# 
_exptl.absorpt_coefficient_mu     ? 
_exptl.absorpt_correction_T_max   ? 
_exptl.absorpt_correction_T_min   ? 
_exptl.absorpt_correction_type    ? 
_exptl.absorpt_process_details    ? 
_exptl.entry_id                   6TGS 
_exptl.crystals_number            1 
_exptl.details                    ? 
_exptl.method                     'X-RAY DIFFRACTION' 
_exptl.method_details             ? 
# 
_exptl_crystal.colour                      ? 
_exptl_crystal.density_diffrn              ? 
_exptl_crystal.density_Matthews            2.19 
_exptl_crystal.density_method              ? 
_exptl_crystal.density_percent_sol         43.96 
_exptl_crystal.description                 ? 
_exptl_crystal.F_000                       ? 
_exptl_crystal.id                          1 
_exptl_crystal.preparation                 ? 
_exptl_crystal.size_max                    ? 
_exptl_crystal.size_mid                    ? 
_exptl_crystal.size_min                    ? 
_exptl_crystal.size_rad                    ? 
_exptl_crystal.colour_lustre               ? 
_exptl_crystal.colour_modifier             ? 
_exptl_crystal.colour_primary              ? 
_exptl_crystal.density_meas                ? 
_exptl_crystal.density_meas_esd            ? 
_exptl_crystal.density_meas_gt             ? 
_exptl_crystal.density_meas_lt             ? 
_exptl_crystal.density_meas_temp           ? 
_exptl_crystal.density_meas_temp_esd       ? 
_exptl_crystal.density_meas_temp_gt        ? 
_exptl_crystal.density_meas_temp_lt        ? 
_exptl_crystal.pdbx_crystal_image_url      ? 
_exptl_crystal.pdbx_crystal_image_format   ? 
_exptl_crystal.pdbx_mosaicity              ? 
_exptl_crystal.pdbx_mosaicity_esd          ? 
# 
_exptl_crystal_grow.apparatus       ? 
_exptl_crystal_grow.atmosphere      ? 
_exptl_crystal_grow.crystal_id      1 
_exptl_crystal_grow.details         ? 
_exptl_crystal_grow.method          'VAPOR DIFFUSION, HANGING DROP' 
_exptl_crystal_grow.method_ref      ? 
_exptl_crystal_grow.pH              ? 
_exptl_crystal_grow.pressure        ? 
_exptl_crystal_grow.pressure_esd    ? 
_exptl_crystal_grow.seeding         ? 
_exptl_crystal_grow.seeding_ref     ? 
_exptl_crystal_grow.temp            293 
_exptl_crystal_grow.temp_details    ? 
_exptl_crystal_grow.temp_esd        ? 
_exptl_crystal_grow.time            ? 
_exptl_crystal_grow.pdbx_details    '0.1 M MES (pH 6.5), 18-20% (w/v) PEG20000' 
_exptl_crystal_grow.pdbx_pH_range   ? 
# 
_diffrn.ambient_environment              ? 
_diffrn.ambient_temp                     100 
_diffrn.ambient_temp_details             ? 
_diffrn.ambient_temp_esd                 ? 
_diffrn.crystal_id                       1 
_diffrn.crystal_support                  ? 
_diffrn.crystal_treatment                ? 
_diffrn.details                          ? 
_diffrn.id                               1 
_diffrn.ambient_pressure                 ? 
_diffrn.ambient_pressure_esd             ? 
_diffrn.ambient_pressure_gt              ? 
_diffrn.ambient_pressure_lt              ? 
_diffrn.ambient_temp_gt                  ? 
_diffrn.ambient_temp_lt                  ? 
_diffrn.pdbx_serial_crystal_experiment   N 
# 
_diffrn_detector.details                      ? 
_diffrn_detector.detector                     PIXEL 
_diffrn_detector.diffrn_id                    1 
_diffrn_detector.type                         'DECTRIS PILATUS 6M' 
_diffrn_detector.area_resol_mean              ? 
_diffrn_detector.dtime                        ? 
_diffrn_detector.pdbx_frames_total            ? 
_diffrn_detector.pdbx_collection_time_total   ? 
_diffrn_detector.pdbx_collection_date         2016-12-08 
_diffrn_detector.pdbx_frequency               ? 
# 
_diffrn_radiation.collimation                      ? 
_diffrn_radiation.diffrn_id                        1 
_diffrn_radiation.filter_edge                      ? 
_diffrn_radiation.inhomogeneity                    ? 
_diffrn_radiation.monochromator                    ? 
_diffrn_radiation.polarisn_norm                    ? 
_diffrn_radiation.polarisn_ratio                   ? 
_diffrn_radiation.probe                            ? 
_diffrn_radiation.type                             ? 
_diffrn_radiation.xray_symbol                      ? 
_diffrn_radiation.wavelength_id                    1 
_diffrn_radiation.pdbx_monochromatic_or_laue_m_l   M 
_diffrn_radiation.pdbx_wavelength_list             ? 
_diffrn_radiation.pdbx_wavelength                  ? 
_diffrn_radiation.pdbx_diffrn_protocol             'SINGLE WAVELENGTH' 
_diffrn_radiation.pdbx_analyzer                    ? 
_diffrn_radiation.pdbx_scattering_type             x-ray 
# 
_diffrn_radiation_wavelength.id           1 
_diffrn_radiation_wavelength.wavelength   0.873 
_diffrn_radiation_wavelength.wt           1.0 
# 
_diffrn_source.current                     ? 
_diffrn_source.details                     ? 
_diffrn_source.diffrn_id                   1 
_diffrn_source.power                       ? 
_diffrn_source.size                        ? 
_diffrn_source.source                      SYNCHROTRON 
_diffrn_source.target                      ? 
_diffrn_source.type                        'ESRF BEAMLINE ID23-2' 
_diffrn_source.voltage                     ? 
_diffrn_source.take-off_angle              ? 
_diffrn_source.pdbx_wavelength_list        0.873 
_diffrn_source.pdbx_wavelength             ? 
_diffrn_source.pdbx_synchrotron_beamline   ID23-2 
_diffrn_source.pdbx_synchrotron_site       ESRF 
# 
_reflns.B_iso_Wilson_estimate            ? 
_reflns.entry_id                         6TGS 
_reflns.data_reduction_details           ? 
_reflns.data_reduction_method            ? 
_reflns.d_resolution_high                1.53 
_reflns.d_resolution_low                 37.9 
_reflns.details                          ? 
_reflns.limit_h_max                      ? 
_reflns.limit_h_min                      ? 
_reflns.limit_k_max                      ? 
_reflns.limit_k_min                      ? 
_reflns.limit_l_max                      ? 
_reflns.limit_l_min                      ? 
_reflns.number_all                       ? 
_reflns.number_obs                       12367 
_reflns.observed_criterion               ? 
_reflns.observed_criterion_F_max         ? 
_reflns.observed_criterion_F_min         ? 
_reflns.observed_criterion_I_max         ? 
_reflns.observed_criterion_I_min         ? 
_reflns.observed_criterion_sigma_F       ? 
_reflns.observed_criterion_sigma_I       ? 
_reflns.percent_possible_obs             99.2 
_reflns.R_free_details                   ? 
_reflns.Rmerge_F_all                     ? 
_reflns.Rmerge_F_obs                     ? 
_reflns.Friedel_coverage                 ? 
_reflns.number_gt                        ? 
_reflns.threshold_expression             ? 
_reflns.pdbx_redundancy                  2.0 
_reflns.pdbx_Rmerge_I_obs                0.02799 
_reflns.pdbx_Rmerge_I_all                ? 
_reflns.pdbx_Rsym_value                  0.03958 
_reflns.pdbx_netI_over_av_sigmaI         ? 
_reflns.pdbx_netI_over_sigmaI            10.45 
_reflns.pdbx_res_netI_over_av_sigmaI_2   ? 
_reflns.pdbx_res_netI_over_sigmaI_2      ? 
_reflns.pdbx_chi_squared                 ? 
_reflns.pdbx_scaling_rejects             ? 
_reflns.pdbx_d_res_high_opt              ? 
_reflns.pdbx_d_res_low_opt               ? 
_reflns.pdbx_d_res_opt_method            ? 
_reflns.phase_calculation_details        ? 
_reflns.pdbx_Rrim_I_all                  ? 
_reflns.pdbx_Rpim_I_all                  0.02799 
_reflns.pdbx_d_opt                       ? 
_reflns.pdbx_number_measured_all         ? 
_reflns.pdbx_diffrn_id                   1 
_reflns.pdbx_ordinal                     1 
_reflns.pdbx_CC_half                     0.999 
_reflns.pdbx_CC_star                     ? 
_reflns.pdbx_R_split                     ? 
# 
_reflns_shell.d_res_high                  1.53 
_reflns_shell.d_res_low                   1.585 
_reflns_shell.meanI_over_sigI_all         ? 
_reflns_shell.meanI_over_sigI_obs         1.42 
_reflns_shell.number_measured_all         ? 
_reflns_shell.number_measured_obs         ? 
_reflns_shell.number_possible             ? 
_reflns_shell.number_unique_all           ? 
_reflns_shell.number_unique_obs           1271 
_reflns_shell.percent_possible_all        ? 
_reflns_shell.percent_possible_obs        ? 
_reflns_shell.Rmerge_F_all                ? 
_reflns_shell.Rmerge_F_obs                ? 
_reflns_shell.Rmerge_I_all                ? 
_reflns_shell.Rmerge_I_obs                0.4132 
_reflns_shell.meanI_over_sigI_gt          ? 
_reflns_shell.meanI_over_uI_all           ? 
_reflns_shell.meanI_over_uI_gt            ? 
_reflns_shell.number_measured_gt          ? 
_reflns_shell.number_unique_gt            ? 
_reflns_shell.percent_possible_gt         ? 
_reflns_shell.Rmerge_F_gt                 ? 
_reflns_shell.Rmerge_I_gt                 ? 
_reflns_shell.pdbx_redundancy             ? 
_reflns_shell.pdbx_Rsym_value             ? 
_reflns_shell.pdbx_chi_squared            ? 
_reflns_shell.pdbx_netI_over_sigmaI_all   ? 
_reflns_shell.pdbx_netI_over_sigmaI_obs   ? 
_reflns_shell.pdbx_Rrim_I_all             0.5844 
_reflns_shell.pdbx_Rpim_I_all             0.4132 
_reflns_shell.pdbx_rejects                ? 
_reflns_shell.pdbx_ordinal                1 
_reflns_shell.pdbx_diffrn_id              1 
_reflns_shell.pdbx_CC_half                0.655 
_reflns_shell.pdbx_CC_star                ? 
_reflns_shell.pdbx_R_split                ? 
# 
_refine.aniso_B[1][1]                            ? 
_refine.aniso_B[1][2]                            ? 
_refine.aniso_B[1][3]                            ? 
_refine.aniso_B[2][2]                            ? 
_refine.aniso_B[2][3]                            ? 
_refine.aniso_B[3][3]                            ? 
_refine.B_iso_max                                ? 
_refine.B_iso_mean                               ? 
_refine.B_iso_min                                ? 
_refine.correlation_coeff_Fo_to_Fc               ? 
_refine.correlation_coeff_Fo_to_Fc_free          ? 
_refine.details                                  ? 
_refine.diff_density_max                         ? 
_refine.diff_density_max_esd                     ? 
_refine.diff_density_min                         ? 
_refine.diff_density_min_esd                     ? 
_refine.diff_density_rms                         ? 
_refine.diff_density_rms_esd                     ? 
_refine.entry_id                                 6TGS 
_refine.pdbx_refine_id                           'X-RAY DIFFRACTION' 
_refine.ls_abs_structure_details                 ? 
_refine.ls_abs_structure_Flack                   ? 
_refine.ls_abs_structure_Flack_esd               ? 
_refine.ls_abs_structure_Rogers                  ? 
_refine.ls_abs_structure_Rogers_esd              ? 
_refine.ls_d_res_high                            1.530 
_refine.ls_d_res_low                             37.9 
_refine.ls_extinction_coef                       ? 
_refine.ls_extinction_coef_esd                   ? 
_refine.ls_extinction_expression                 ? 
_refine.ls_extinction_method                     ? 
_refine.ls_goodness_of_fit_all                   ? 
_refine.ls_goodness_of_fit_all_esd               ? 
_refine.ls_goodness_of_fit_obs                   ? 
_refine.ls_goodness_of_fit_obs_esd               ? 
_refine.ls_hydrogen_treatment                    ? 
_refine.ls_matrix_type                           ? 
_refine.ls_number_constraints                    ? 
_refine.ls_number_parameters                     ? 
_refine.ls_number_reflns_all                     ? 
_refine.ls_number_reflns_obs                     12367 
_refine.ls_number_reflns_R_free                  1227 
_refine.ls_number_reflns_R_work                  ? 
_refine.ls_number_restraints                     ? 
_refine.ls_percent_reflns_obs                    98.35 
_refine.ls_percent_reflns_R_free                 5.16 
_refine.ls_R_factor_all                          ? 
_refine.ls_R_factor_obs                          0.2221 
_refine.ls_R_factor_R_free                       0.2549 
_refine.ls_R_factor_R_free_error                 ? 
_refine.ls_R_factor_R_free_error_details         ? 
_refine.ls_R_factor_R_work                       0.2204 
_refine.ls_R_Fsqd_factor_obs                     ? 
_refine.ls_R_I_factor_obs                        ? 
_refine.ls_redundancy_reflns_all                 ? 
_refine.ls_redundancy_reflns_obs                 ? 
_refine.ls_restrained_S_all                      ? 
_refine.ls_restrained_S_obs                      ? 
_refine.ls_shift_over_esd_max                    ? 
_refine.ls_shift_over_esd_mean                   ? 
_refine.ls_structure_factor_coef                 ? 
_refine.ls_weighting_details                     ? 
_refine.ls_weighting_scheme                      ? 
_refine.ls_wR_factor_all                         ? 
_refine.ls_wR_factor_obs                         ? 
_refine.ls_wR_factor_R_free                      ? 
_refine.ls_wR_factor_R_work                      ? 
_refine.occupancy_max                            ? 
_refine.occupancy_min                            ? 
_refine.solvent_model_details                    ? 
_refine.solvent_model_param_bsol                 ? 
_refine.solvent_model_param_ksol                 ? 
_refine.pdbx_R_complete                          ? 
_refine.ls_R_factor_gt                           ? 
_refine.ls_goodness_of_fit_gt                    ? 
_refine.ls_goodness_of_fit_ref                   ? 
_refine.ls_shift_over_su_max                     ? 
_refine.ls_shift_over_su_max_lt                  ? 
_refine.ls_shift_over_su_mean                    ? 
_refine.ls_shift_over_su_mean_lt                 ? 
_refine.pdbx_ls_sigma_I                          ? 
_refine.pdbx_ls_sigma_F                          1.22 
_refine.pdbx_ls_sigma_Fsqd                       ? 
_refine.pdbx_data_cutoff_high_absF               ? 
_refine.pdbx_data_cutoff_high_rms_absF           ? 
_refine.pdbx_data_cutoff_low_absF                ? 
_refine.pdbx_isotropic_thermal_model             ? 
_refine.pdbx_ls_cross_valid_method               'FREE R-VALUE' 
_refine.pdbx_method_to_determine_struct          'MOLECULAR REPLACEMENT' 
_refine.pdbx_starting_model                      EMD-10499 
_refine.pdbx_stereochemistry_target_values       ? 
_refine.pdbx_R_Free_selection_details            ? 
_refine.pdbx_stereochem_target_val_spec_case     ? 
_refine.pdbx_overall_ESU_R                       ? 
_refine.pdbx_overall_ESU_R_Free                  ? 
_refine.pdbx_solvent_vdw_probe_radii             1.11 
_refine.pdbx_solvent_ion_probe_radii             ? 
_refine.pdbx_solvent_shrinkage_radii             0.90 
_refine.pdbx_real_space_R                        ? 
_refine.pdbx_density_correlation                 ? 
_refine.pdbx_pd_number_of_powder_patterns        ? 
_refine.pdbx_pd_number_of_points                 ? 
_refine.pdbx_pd_meas_number_of_points            ? 
_refine.pdbx_pd_proc_ls_prof_R_factor            ? 
_refine.pdbx_pd_proc_ls_prof_wR_factor           ? 
_refine.pdbx_pd_Marquardt_correlation_coeff      ? 
_refine.pdbx_pd_Fsqrd_R_factor                   ? 
_refine.pdbx_pd_ls_matrix_band_width             ? 
_refine.pdbx_overall_phase_error                 31.00 
_refine.pdbx_overall_SU_R_free_Cruickshank_DPI   ? 
_refine.pdbx_overall_SU_R_free_Blow_DPI          ? 
_refine.pdbx_overall_SU_R_Blow_DPI               ? 
_refine.pdbx_TLS_residual_ADP_flag               ? 
_refine.pdbx_diffrn_id                           1 
_refine.overall_SU_B                             ? 
_refine.overall_SU_ML                            0.24 
_refine.overall_SU_R_Cruickshank_DPI             ? 
_refine.overall_SU_R_free                        ? 
_refine.overall_FOM_free_R_set                   ? 
_refine.overall_FOM_work_R_set                   ? 
_refine.pdbx_average_fsc_overall                 ? 
_refine.pdbx_average_fsc_work                    ? 
_refine.pdbx_average_fsc_free                    ? 
# 
_refine_hist.pdbx_refine_id                   'X-RAY DIFFRACTION' 
_refine_hist.cycle_id                         LAST 
_refine_hist.details                          ? 
_refine_hist.d_res_high                       1.530 
_refine_hist.d_res_low                        37.9 
_refine_hist.number_atoms_solvent             35 
_refine_hist.number_atoms_total               753 
_refine_hist.number_reflns_all                ? 
_refine_hist.number_reflns_obs                ? 
_refine_hist.number_reflns_R_free             ? 
_refine_hist.number_reflns_R_work             ? 
_refine_hist.R_factor_all                     ? 
_refine_hist.R_factor_obs                     ? 
_refine_hist.R_factor_R_free                  ? 
_refine_hist.R_factor_R_work                  ? 
_refine_hist.pdbx_number_residues_total       ? 
_refine_hist.pdbx_B_iso_mean_ligand           ? 
_refine_hist.pdbx_B_iso_mean_solvent          ? 
_refine_hist.pdbx_number_atoms_protein        662 
_refine_hist.pdbx_number_atoms_nucleic_acid   0 
_refine_hist.pdbx_number_atoms_ligand         56 
_refine_hist.pdbx_number_atoms_lipid          ? 
_refine_hist.pdbx_number_atoms_carb           ? 
_refine_hist.pdbx_pseudo_atom_details         ? 
# 
loop_
_refine_ls_restr.pdbx_refine_id 
_refine_ls_restr.criterion 
_refine_ls_restr.dev_ideal 
_refine_ls_restr.dev_ideal_target 
_refine_ls_restr.number 
_refine_ls_restr.rejects 
_refine_ls_restr.type 
_refine_ls_restr.weight 
_refine_ls_restr.pdbx_restraint_function 
'X-RAY DIFFRACTION' ? 0.007 ? 783  ? f_bond_d           ? ? 
'X-RAY DIFFRACTION' ? 0.900 ? 1054 ? f_angle_d          ? ? 
'X-RAY DIFFRACTION' ? 5.793 ? 601  ? f_dihedral_angle_d ? ? 
'X-RAY DIFFRACTION' ? 0.057 ? 120  ? f_chiral_restr     ? ? 
'X-RAY DIFFRACTION' ? 0.005 ? 138  ? f_plane_restr      ? ? 
# 
loop_
_refine_ls_shell.pdbx_refine_id 
_refine_ls_shell.d_res_high 
_refine_ls_shell.d_res_low 
_refine_ls_shell.number_reflns_all 
_refine_ls_shell.number_reflns_obs 
_refine_ls_shell.number_reflns_R_free 
_refine_ls_shell.number_reflns_R_work 
_refine_ls_shell.percent_reflns_obs 
_refine_ls_shell.percent_reflns_R_free 
_refine_ls_shell.R_factor_all 
_refine_ls_shell.R_factor_obs 
_refine_ls_shell.R_factor_R_free 
_refine_ls_shell.R_factor_R_free_error 
_refine_ls_shell.R_factor_R_work 
_refine_ls_shell.redundancy_reflns_all 
_refine_ls_shell.redundancy_reflns_obs 
_refine_ls_shell.wR_factor_all 
_refine_ls_shell.wR_factor_obs 
_refine_ls_shell.wR_factor_R_free 
_refine_ls_shell.wR_factor_R_work 
_refine_ls_shell.pdbx_R_complete 
_refine_ls_shell.pdbx_total_number_of_bins_used 
_refine_ls_shell.pdbx_phase_error 
_refine_ls_shell.pdbx_fsc_work 
_refine_ls_shell.pdbx_fsc_free 
'X-RAY DIFFRACTION' 1.5300 1.5913  . . 104 2497 97.00 . . . 0.4122 . 0.3668 . . . . . . . . . . . 
'X-RAY DIFFRACTION' 1.5913 1.6637  . . 151 2501 99.00 . . . 0.3807 . 0.3310 . . . . . . . . . . . 
'X-RAY DIFFRACTION' 1.6637 1.7514  . . 151 2479 98.00 . . . 0.3576 . 0.3179 . . . . . . . . . . . 
'X-RAY DIFFRACTION' 1.7514 1.8611  . . 127 2552 99.00 . . . 0.2791 . 0.2844 . . . . . . . . . . . 
'X-RAY DIFFRACTION' 1.8611 2.0048  . . 126 2541 99.00 . . . 0.2472 . 0.2258 . . . . . . . . . . . 
'X-RAY DIFFRACTION' 2.0048 2.2066  . . 150 2447 97.00 . . . 0.2833 . 0.2113 . . . . . . . . . . . 
'X-RAY DIFFRACTION' 2.2066 2.5258  . . 157 2480 99.00 . . . 0.2293 . 0.2049 . . . . . . . . . . . 
'X-RAY DIFFRACTION' 2.5258 3.1821  . . 121 2536 99.00 . . . 0.2250 . 0.2078 . . . . . . . . . . . 
'X-RAY DIFFRACTION' 3.1821 39.7324 . . 140 2509 98.00 . . . 0.2329 . 0.1931 . . . . . . . . . . . 
# 
_struct.entry_id                     6TGS 
_struct.title                        'AtNBR1-PB1 domain' 
_struct.pdbx_model_details           ? 
_struct.pdbx_formula_weight          ? 
_struct.pdbx_formula_weight_method   ? 
_struct.pdbx_model_type_details      ? 
_struct.pdbx_CASP_flag               N 
# 
_struct_keywords.entry_id        6TGS 
_struct_keywords.text            'Autophagy, SIGNALING PROTEIN' 
_struct_keywords.pdbx_keywords   'SIGNALING PROTEIN' 
# 
loop_
_struct_asym.id 
_struct_asym.pdbx_blank_PDB_chainid_flag 
_struct_asym.pdbx_modified 
_struct_asym.entity_id 
_struct_asym.details 
A N N 1 ? 
B N N 2 ? 
C N N 2 ? 
D N N 2 ? 
E N N 2 ? 
F N N 2 ? 
G N N 3 ? 
H N N 4 ? 
I N N 4 ? 
J N N 5 ? 
K N N 6 ? 
L N N 7 ? 
# 
_struct_ref.id                         1 
_struct_ref.db_name                    UNP 
_struct_ref.db_code                    NBR1_ARATH 
_struct_ref.pdbx_db_accession          Q9SB64 
_struct_ref.pdbx_db_isoform            ? 
_struct_ref.entity_id                  1 
_struct_ref.pdbx_seq_one_letter_code   
;MESTANALVVKVSYGGVLRRFRVPVKANGQLDLEMAGLKEKIAALFNLSADAELSLTYSDEDGDVVALVDDNDLFDVTNQ
RLKFLKINVNAGVS
;
_struct_ref.pdbx_align_begin           1 
# 
_struct_ref_seq.align_id                      1 
_struct_ref_seq.ref_id                        1 
_struct_ref_seq.pdbx_PDB_id_code              6TGS 
_struct_ref_seq.pdbx_strand_id                A 
_struct_ref_seq.seq_align_beg                 1 
_struct_ref_seq.pdbx_seq_align_beg_ins_code   ? 
_struct_ref_seq.seq_align_end                 94 
_struct_ref_seq.pdbx_seq_align_end_ins_code   ? 
_struct_ref_seq.pdbx_db_accession             Q9SB64 
_struct_ref_seq.db_align_beg                  1 
_struct_ref_seq.pdbx_db_align_beg_ins_code    ? 
_struct_ref_seq.db_align_end                  94 
_struct_ref_seq.pdbx_db_align_end_ins_code    ? 
_struct_ref_seq.pdbx_auth_seq_align_beg       1 
_struct_ref_seq.pdbx_auth_seq_align_end       94 
# 
loop_
_struct_ref_seq_dif.align_id 
_struct_ref_seq_dif.pdbx_pdb_id_code 
_struct_ref_seq_dif.mon_id 
_struct_ref_seq_dif.pdbx_pdb_strand_id 
_struct_ref_seq_dif.seq_num 
_struct_ref_seq_dif.pdbx_pdb_ins_code 
_struct_ref_seq_dif.pdbx_seq_db_name 
_struct_ref_seq_dif.pdbx_seq_db_accession_code 
_struct_ref_seq_dif.db_mon_id 
_struct_ref_seq_dif.pdbx_seq_db_seq_num 
_struct_ref_seq_dif.details 
_struct_ref_seq_dif.pdbx_auth_seq_num 
_struct_ref_seq_dif.pdbx_ordinal 
1 6TGS ALA A 60 ? UNP Q9SB64 ASP 60 'engineered mutation' 60 1 
1 6TGS ALA A 61 ? UNP Q9SB64 GLU 61 'engineered mutation' 61 2 
1 6TGS ALA A 64 ? UNP Q9SB64 ASP 64 'engineered mutation' 64 3 
# 
_pdbx_struct_assembly.id                   1 
_pdbx_struct_assembly.details              software_defined_assembly 
_pdbx_struct_assembly.method_details       PISA 
_pdbx_struct_assembly.oligomeric_details   monomeric 
_pdbx_struct_assembly.oligomeric_count     1 
# 
loop_
_pdbx_struct_assembly_prop.biol_id 
_pdbx_struct_assembly_prop.type 
_pdbx_struct_assembly_prop.value 
_pdbx_struct_assembly_prop.details 
1 'ABSA (A^2)' 1730 ? 
1 MORE         -13  ? 
1 'SSA (A^2)'  5880 ? 
# 
_pdbx_struct_assembly_gen.assembly_id       1 
_pdbx_struct_assembly_gen.oper_expression   1 
_pdbx_struct_assembly_gen.asym_id_list      A,B,C,D,E,F,G,H,I,J,K,L 
# 
_pdbx_struct_assembly_auth_evidence.id                     1 
_pdbx_struct_assembly_auth_evidence.assembly_id            1 
_pdbx_struct_assembly_auth_evidence.experimental_support   none 
_pdbx_struct_assembly_auth_evidence.details                . 
# 
_pdbx_struct_oper_list.id                   1 
_pdbx_struct_oper_list.type                 'identity operation' 
_pdbx_struct_oper_list.name                 1_555 
_pdbx_struct_oper_list.symmetry_operation   x,y,z 
_pdbx_struct_oper_list.matrix[1][1]         1.0000000000 
_pdbx_struct_oper_list.matrix[1][2]         0.0000000000 
_pdbx_struct_oper_list.matrix[1][3]         0.0000000000 
_pdbx_struct_oper_list.vector[1]            0.0000000000 
_pdbx_struct_oper_list.matrix[2][1]         0.0000000000 
_pdbx_struct_oper_list.matrix[2][2]         1.0000000000 
_pdbx_struct_oper_list.matrix[2][3]         0.0000000000 
_pdbx_struct_oper_list.vector[2]            0.0000000000 
_pdbx_struct_oper_list.matrix[3][1]         0.0000000000 
_pdbx_struct_oper_list.matrix[3][2]         0.0000000000 
_pdbx_struct_oper_list.matrix[3][3]         1.0000000000 
_pdbx_struct_oper_list.vector[3]            0.0000000000 
# 
loop_
_struct_conf.conf_type_id 
_struct_conf.id 
_struct_conf.pdbx_PDB_helix_id 
_struct_conf.beg_label_comp_id 
_struct_conf.beg_label_asym_id 
_struct_conf.beg_label_seq_id 
_struct_conf.pdbx_beg_PDB_ins_code 
_struct_conf.end_label_comp_id 
_struct_conf.end_label_asym_id 
_struct_conf.end_label_seq_id 
_struct_conf.pdbx_end_PDB_ins_code 
_struct_conf.beg_auth_comp_id 
_struct_conf.beg_auth_asym_id 
_struct_conf.beg_auth_seq_id 
_struct_conf.end_auth_comp_id 
_struct_conf.end_auth_asym_id 
_struct_conf.end_auth_seq_id 
_struct_conf.pdbx_PDB_helix_class 
_struct_conf.details 
_struct_conf.pdbx_PDB_helix_length 
HELX_P HELX_P1 AA1 GLU A 34 ? ASN A 47 ? GLU A 34 ASN A 47 1 ? 14 
HELX_P HELX_P2 AA2 ASP A 70 ? GLN A 80 ? ASP A 70 GLN A 80 1 ? 11 
# 
_struct_conf_type.id          HELX_P 
_struct_conf_type.criteria    ? 
_struct_conf_type.reference   ? 
# 
_struct_sheet.id               AA1 
_struct_sheet.type             ? 
_struct_sheet.number_strands   5 
_struct_sheet.details          ? 
# 
loop_
_struct_sheet_order.sheet_id 
_struct_sheet_order.range_id_1 
_struct_sheet_order.range_id_2 
_struct_sheet_order.offset 
_struct_sheet_order.sense 
AA1 1 2 ? anti-parallel 
AA1 2 3 ? parallel      
AA1 3 4 ? anti-parallel 
AA1 4 5 ? anti-parallel 
# 
loop_
_struct_sheet_range.sheet_id 
_struct_sheet_range.id 
_struct_sheet_range.beg_label_comp_id 
_struct_sheet_range.beg_label_asym_id 
_struct_sheet_range.beg_label_seq_id 
_struct_sheet_range.pdbx_beg_PDB_ins_code 
_struct_sheet_range.end_label_comp_id 
_struct_sheet_range.end_label_asym_id 
_struct_sheet_range.end_label_seq_id 
_struct_sheet_range.pdbx_end_PDB_ins_code 
_struct_sheet_range.beg_auth_comp_id 
_struct_sheet_range.beg_auth_asym_id 
_struct_sheet_range.beg_auth_seq_id 
_struct_sheet_range.end_auth_comp_id 
_struct_sheet_range.end_auth_asym_id 
_struct_sheet_range.end_auth_seq_id 
AA1 1 VAL A 17 ? VAL A 23 ? VAL A 17 VAL A 23 
AA1 2 LEU A 8  ? TYR A 14 ? LEU A 8  TYR A 14 
AA1 3 PHE A 84 ? ASN A 90 ? PHE A 84 ASN A 90 
AA1 4 SER A 55 ? SER A 59 ? SER A 55 SER A 59 
AA1 5 VAL A 65 ? ALA A 67 ? VAL A 65 ALA A 67 
# 
loop_
_pdbx_struct_sheet_hbond.sheet_id 
_pdbx_struct_sheet_hbond.range_id_1 
_pdbx_struct_sheet_hbond.range_id_2 
_pdbx_struct_sheet_hbond.range_1_label_atom_id 
_pdbx_struct_sheet_hbond.range_1_label_comp_id 
_pdbx_struct_sheet_hbond.range_1_label_asym_id 
_pdbx_struct_sheet_hbond.range_1_label_seq_id 
_pdbx_struct_sheet_hbond.range_1_PDB_ins_code 
_pdbx_struct_sheet_hbond.range_1_auth_atom_id 
_pdbx_struct_sheet_hbond.range_1_auth_comp_id 
_pdbx_struct_sheet_hbond.range_1_auth_asym_id 
_pdbx_struct_sheet_hbond.range_1_auth_seq_id 
_pdbx_struct_sheet_hbond.range_2_label_atom_id 
_pdbx_struct_sheet_hbond.range_2_label_comp_id 
_pdbx_struct_sheet_hbond.range_2_label_asym_id 
_pdbx_struct_sheet_hbond.range_2_label_seq_id 
_pdbx_struct_sheet_hbond.range_2_PDB_ins_code 
_pdbx_struct_sheet_hbond.range_2_auth_atom_id 
_pdbx_struct_sheet_hbond.range_2_auth_comp_id 
_pdbx_struct_sheet_hbond.range_2_auth_asym_id 
_pdbx_struct_sheet_hbond.range_2_auth_seq_id 
AA1 1 2 O ARG A 19 ? O ARG A 19 N VAL A 12 ? N VAL A 12 
AA1 2 3 N LYS A 11 ? N LYS A 11 O LEU A 85 ? O LEU A 85 
AA1 3 4 O ASN A 90 ? O ASN A 90 N SER A 55 ? N SER A 55 
AA1 4 5 N TYR A 58 ? N TYR A 58 O VAL A 66 ? O VAL A 66 
# 
loop_
_struct_site.id 
_struct_site.pdbx_evidence_code 
_struct_site.pdbx_auth_asym_id 
_struct_site.pdbx_auth_comp_id 
_struct_site.pdbx_auth_seq_id 
_struct_site.pdbx_auth_ins_code 
_struct_site.pdbx_num_residues 
_struct_site.details 
AC1 Software A GOL 101 ? 5  'binding site for residue GOL A 101' 
AC2 Software A GOL 102 ? 5  'binding site for residue GOL A 102' 
AC3 Software A GOL 103 ? 9  'binding site for residue GOL A 103' 
AC4 Software A GOL 104 ? 4  'binding site for residue GOL A 104' 
AC5 Software A GOL 105 ? 12 'binding site for residue GOL A 105' 
AC6 Software A PEG 106 ? 9  'binding site for residue PEG A 106' 
AC7 Software A SO4 107 ? 6  'binding site for residue SO4 A 107' 
AC8 Software A SO4 108 ? 2  'binding site for residue SO4 A 108' 
AC9 Software A CL  109 ? 4  'binding site for residue CL A 109'  
AD1 Software A SIN 110 ? 11 'binding site for residue SIN A 110' 
# 
loop_
_struct_site_gen.id 
_struct_site_gen.site_id 
_struct_site_gen.pdbx_num_res 
_struct_site_gen.label_comp_id 
_struct_site_gen.label_asym_id 
_struct_site_gen.label_seq_id 
_struct_site_gen.pdbx_auth_ins_code 
_struct_site_gen.auth_comp_id 
_struct_site_gen.auth_asym_id 
_struct_site_gen.auth_seq_id 
_struct_site_gen.label_atom_id 
_struct_site_gen.label_alt_id 
_struct_site_gen.symmetry 
_struct_site_gen.details 
1  AC1 5  SER A 13 ? SER A 13  . ? 1_555 ? 
2  AC1 5  TYR A 14 ? TYR A 14  . ? 1_555 ? 
3  AC1 5  GLY A 15 ? GLY A 15  . ? 1_555 ? 
4  AC1 5  GLY A 16 ? GLY A 16  . ? 1_555 ? 
5  AC1 5  VAL A 89 ? VAL A 89  . ? 1_555 ? 
6  AC2 5  LYS A 39 ? LYS A 39  . ? 1_555 ? 
7  AC2 5  GLU A 53 ? GLU A 53  . ? 1_555 ? 
8  AC2 5  LEU A 54 ? LEU A 54  . ? 1_555 ? 
9  AC2 5  VAL A 69 ? VAL A 69  . ? 1_555 ? 
10 AC2 5  HOH L .  ? HOH A 206 . ? 1_555 ? 
11 AC3 9  PHE A 21 ? PHE A 21  . ? 1_554 ? 
12 AC3 9  ARG A 22 ? ARG A 22  . ? 1_554 ? 
13 AC3 9  TYR A 58 ? TYR A 58  . ? 1_555 ? 
14 AC3 9  VAL A 66 ? VAL A 66  . ? 1_555 ? 
15 AC3 9  ASP A 73 ? ASP A 73  . ? 1_555 ? 
16 AC3 9  ASP A 76 ? ASP A 76  . ? 1_555 ? 
17 AC3 9  GLN A 80 ? GLN A 80  . ? 1_555 ? 
18 AC3 9  HOH L .  ? HOH A 203 . ? 1_555 ? 
19 AC3 9  HOH L .  ? HOH A 208 . ? 1_555 ? 
20 AC4 4  ARG A 19 ? ARG A 19  . ? 1_555 ? 
21 AC4 4  LEU A 45 ? LEU A 45  . ? 1_555 ? 
22 AC4 4  SER A 55 ? SER A 55  . ? 1_556 ? 
23 AC4 4  ALA A 67 ? ALA A 67  . ? 1_556 ? 
24 AC5 12 VAL A 17 ? VAL A 17  . ? 4_456 ? 
25 AC5 12 ALA A 27 ? ALA A 27  . ? 2_555 ? 
26 AC5 12 ASP A 51 ? ASP A 51  . ? 1_555 ? 
27 AC5 12 SO4 H .  ? SO4 A 107 . ? 2_555 ? 
28 AC5 12 SIN K .  ? SIN A 110 . ? 1_555 ? 
29 AC5 12 HOH L .  ? HOH A 201 . ? 1_555 ? 
30 AC5 12 HOH L .  ? HOH A 202 . ? 1_555 ? 
31 AC5 12 HOH L .  ? HOH A 205 . ? 1_555 ? 
32 AC5 12 HOH L .  ? HOH A 207 . ? 1_555 ? 
33 AC5 12 HOH L .  ? HOH A 210 . ? 1_555 ? 
34 AC5 12 HOH L .  ? HOH A 211 . ? 1_555 ? 
35 AC5 12 HOH L .  ? HOH A 214 . ? 1_555 ? 
36 AC6 9  SER A 13 ? SER A 13  . ? 1_555 ? 
37 AC6 9  GLY A 16 ? GLY A 16  . ? 1_555 ? 
38 AC6 9  VAL A 17 ? VAL A 17  . ? 1_555 ? 
39 AC6 9  LEU A 18 ? LEU A 18  . ? 1_555 ? 
40 AC6 9  ALA A 43 ? ALA A 43  . ? 4_556 ? 
41 AC6 9  LEU A 48 ? LEU A 48  . ? 4_556 ? 
42 AC6 9  SER A 49 ? SER A 49  . ? 4_556 ? 
43 AC6 9  ALA A 50 ? ALA A 50  . ? 4_556 ? 
44 AC6 9  LYS A 86 ? LYS A 86  . ? 1_555 ? 
45 AC7 6  LYS A 26 ? LYS A 26  . ? 1_555 ? 
46 AC7 6  ALA A 27 ? ALA A 27  . ? 1_555 ? 
47 AC7 6  ASN A 28 ? ASN A 28  . ? 1_555 ? 
48 AC7 6  GLU A 40 ? GLU A 40  . ? 2_555 ? 
49 AC7 6  GOL F .  ? GOL A 105 . ? 2_555 ? 
50 AC7 6  SIN K .  ? SIN A 110 . ? 2_555 ? 
51 AC8 2  GLU A 34 ? GLU A 34  . ? 2_555 ? 
52 AC8 2  GLU A 34 ? GLU A 34  . ? 1_555 ? 
53 AC9 4  LYS A 11 ? LYS A 11  . ? 1_555 ? 
54 AC9 4  ASN A 47 ? ASN A 47  . ? 4_556 ? 
55 AC9 4  ASP A 62 ? ASP A 62  . ? 1_556 ? 
56 AC9 4  ALA A 64 ? ALA A 64  . ? 1_556 ? 
57 AD1 11 GLY A 16 ? GLY A 16  . ? 4_456 ? 
58 AD1 11 ALA A 36 ? ALA A 36  . ? 1_555 ? 
59 AD1 11 LYS A 39 ? LYS A 39  . ? 1_555 ? 
60 AD1 11 GLU A 40 ? GLU A 40  . ? 1_555 ? 
61 AD1 11 ALA A 50 ? ALA A 50  . ? 1_555 ? 
62 AD1 11 ASP A 51 ? ASP A 51  . ? 1_555 ? 
63 AD1 11 GOL F .  ? GOL A 105 . ? 1_555 ? 
64 AD1 11 SO4 H .  ? SO4 A 107 . ? 2_555 ? 
65 AD1 11 HOH L .  ? HOH A 201 . ? 1_555 ? 
66 AD1 11 HOH L .  ? HOH A 202 . ? 1_555 ? 
67 AD1 11 HOH L .  ? HOH A 216 . ? 2_555 ? 
# 
loop_
_pdbx_validate_close_contact.id 
_pdbx_validate_close_contact.PDB_model_num 
_pdbx_validate_close_contact.auth_atom_id_1 
_pdbx_validate_close_contact.auth_asym_id_1 
_pdbx_validate_close_contact.auth_comp_id_1 
_pdbx_validate_close_contact.auth_seq_id_1 
_pdbx_validate_close_contact.PDB_ins_code_1 
_pdbx_validate_close_contact.label_alt_id_1 
_pdbx_validate_close_contact.auth_atom_id_2 
_pdbx_validate_close_contact.auth_asym_id_2 
_pdbx_validate_close_contact.auth_comp_id_2 
_pdbx_validate_close_contact.auth_seq_id_2 
_pdbx_validate_close_contact.PDB_ins_code_2 
_pdbx_validate_close_contact.label_alt_id_2 
_pdbx_validate_close_contact.dist 
1 1 O2 A GOL 105 ? ? O A HOH 201 ? ? 1.95 
2 1 O1 A SIN 110 ? B O A HOH 201 ? ? 2.03 
3 1 O  A HOH 204 ? ? O A HOH 223 ? ? 2.05 
4 1 O1 A SIN 110 ? A O A HOH 201 ? ? 2.07 
5 1 O3 A SIN 110 ? B O A HOH 202 ? ? 2.13 
6 1 O1 A GOL 103 ? ? O A HOH 203 ? ? 2.18 
# 
loop_
_pdbx_validate_rmsd_bond.id 
_pdbx_validate_rmsd_bond.PDB_model_num 
_pdbx_validate_rmsd_bond.auth_atom_id_1 
_pdbx_validate_rmsd_bond.auth_asym_id_1 
_pdbx_validate_rmsd_bond.auth_comp_id_1 
_pdbx_validate_rmsd_bond.auth_seq_id_1 
_pdbx_validate_rmsd_bond.PDB_ins_code_1 
_pdbx_validate_rmsd_bond.label_alt_id_1 
_pdbx_validate_rmsd_bond.auth_atom_id_2 
_pdbx_validate_rmsd_bond.auth_asym_id_2 
_pdbx_validate_rmsd_bond.auth_comp_id_2 
_pdbx_validate_rmsd_bond.auth_seq_id_2 
_pdbx_validate_rmsd_bond.PDB_ins_code_2 
_pdbx_validate_rmsd_bond.label_alt_id_2 
_pdbx_validate_rmsd_bond.bond_value 
_pdbx_validate_rmsd_bond.bond_target_value 
_pdbx_validate_rmsd_bond.bond_deviation 
_pdbx_validate_rmsd_bond.bond_standard_deviation 
_pdbx_validate_rmsd_bond.linker_flag 
1 1 C A LYS 11 ? ? N A VAL 12 ? B 1.172 1.336 -0.164 0.023 Y 
2 1 C A LYS 83 ? ? N A PHE 84 ? ? 1.191 1.336 -0.145 0.023 Y 
# 
loop_
_pdbx_validate_rmsd_angle.id 
_pdbx_validate_rmsd_angle.PDB_model_num 
_pdbx_validate_rmsd_angle.auth_atom_id_1 
_pdbx_validate_rmsd_angle.auth_asym_id_1 
_pdbx_validate_rmsd_angle.auth_comp_id_1 
_pdbx_validate_rmsd_angle.auth_seq_id_1 
_pdbx_validate_rmsd_angle.PDB_ins_code_1 
_pdbx_validate_rmsd_angle.label_alt_id_1 
_pdbx_validate_rmsd_angle.auth_atom_id_2 
_pdbx_validate_rmsd_angle.auth_asym_id_2 
_pdbx_validate_rmsd_angle.auth_comp_id_2 
_pdbx_validate_rmsd_angle.auth_seq_id_2 
_pdbx_validate_rmsd_angle.PDB_ins_code_2 
_pdbx_validate_rmsd_angle.label_alt_id_2 
_pdbx_validate_rmsd_angle.auth_atom_id_3 
_pdbx_validate_rmsd_angle.auth_asym_id_3 
_pdbx_validate_rmsd_angle.auth_comp_id_3 
_pdbx_validate_rmsd_angle.auth_seq_id_3 
_pdbx_validate_rmsd_angle.PDB_ins_code_3 
_pdbx_validate_rmsd_angle.label_alt_id_3 
_pdbx_validate_rmsd_angle.angle_value 
_pdbx_validate_rmsd_angle.angle_target_value 
_pdbx_validate_rmsd_angle.angle_deviation 
_pdbx_validate_rmsd_angle.angle_standard_deviation 
_pdbx_validate_rmsd_angle.linker_flag 
1 1 CB A ASN 28 ? ? CA A ASN 28 ? ? C  A ASN 28 ? ? 93.06  110.40 -17.34 2.00 N 
2 1 C  A LYS 83 ? ? N  A PHE 84 ? ? CA A PHE 84 ? ? 140.48 121.70 18.78  2.50 Y 
3 1 O  A PHE 84 ? ? C  A PHE 84 ? ? N  A LEU 85 ? ? 134.42 122.70 11.72  1.60 Y 
# 
loop_
_pdbx_validate_polymer_linkage.id 
_pdbx_validate_polymer_linkage.PDB_model_num 
_pdbx_validate_polymer_linkage.auth_atom_id_1 
_pdbx_validate_polymer_linkage.auth_asym_id_1 
_pdbx_validate_polymer_linkage.auth_comp_id_1 
_pdbx_validate_polymer_linkage.auth_seq_id_1 
_pdbx_validate_polymer_linkage.PDB_ins_code_1 
_pdbx_validate_polymer_linkage.label_alt_id_1 
_pdbx_validate_polymer_linkage.auth_atom_id_2 
_pdbx_validate_polymer_linkage.auth_asym_id_2 
_pdbx_validate_polymer_linkage.auth_comp_id_2 
_pdbx_validate_polymer_linkage.auth_seq_id_2 
_pdbx_validate_polymer_linkage.PDB_ins_code_2 
_pdbx_validate_polymer_linkage.label_alt_id_2 
_pdbx_validate_polymer_linkage.dist 
1 1 C A LYS 11 ? ? N A VAL 12 ? B 1.17 
2 1 C A LYS 83 ? ? N A PHE 84 ? ? 1.19 
# 
loop_
_pdbx_struct_special_symmetry.id 
_pdbx_struct_special_symmetry.PDB_model_num 
_pdbx_struct_special_symmetry.auth_asym_id 
_pdbx_struct_special_symmetry.auth_comp_id 
_pdbx_struct_special_symmetry.auth_seq_id 
_pdbx_struct_special_symmetry.PDB_ins_code 
_pdbx_struct_special_symmetry.label_asym_id 
_pdbx_struct_special_symmetry.label_comp_id 
_pdbx_struct_special_symmetry.label_seq_id 
1 1 A SO4 108 ? I SO4 . 
2 1 A HOH 225 ? L HOH . 
# 
_pdbx_entry_details.entry_id                 6TGS 
_pdbx_entry_details.has_ligand_of_interest   N 
_pdbx_entry_details.compound_details         ? 
_pdbx_entry_details.source_details           ? 
_pdbx_entry_details.nonpolymer_details       ? 
_pdbx_entry_details.sequence_details         ? 
# 
loop_
_pdbx_unobs_or_zero_occ_residues.id 
_pdbx_unobs_or_zero_occ_residues.PDB_model_num 
_pdbx_unobs_or_zero_occ_residues.polymer_flag 
_pdbx_unobs_or_zero_occ_residues.occupancy_flag 
_pdbx_unobs_or_zero_occ_residues.auth_asym_id 
_pdbx_unobs_or_zero_occ_residues.auth_comp_id 
_pdbx_unobs_or_zero_occ_residues.auth_seq_id 
_pdbx_unobs_or_zero_occ_residues.PDB_ins_code 
_pdbx_unobs_or_zero_occ_residues.label_asym_id 
_pdbx_unobs_or_zero_occ_residues.label_comp_id 
_pdbx_unobs_or_zero_occ_residues.label_seq_id 
1 1 Y 1 A MET 1  ? A MET 1  
2 1 Y 1 A GLU 2  ? A GLU 2  
3 1 Y 1 A SER 3  ? A SER 3  
4 1 Y 1 A THR 4  ? A THR 4  
5 1 Y 1 A VAL 93 ? A VAL 93 
6 1 Y 1 A SER 94 ? A SER 94 
# 
loop_
_chem_comp_atom.comp_id 
_chem_comp_atom.atom_id 
_chem_comp_atom.type_symbol 
_chem_comp_atom.pdbx_aromatic_flag 
_chem_comp_atom.pdbx_stereo_config 
_chem_comp_atom.pdbx_ordinal 
ALA N    N  N N 1   
ALA CA   C  N S 2   
ALA C    C  N N 3   
ALA O    O  N N 4   
ALA CB   C  N N 5   
ALA OXT  O  N N 6   
ALA H    H  N N 7   
ALA H2   H  N N 8   
ALA HA   H  N N 9   
ALA HB1  H  N N 10  
ALA HB2  H  N N 11  
ALA HB3  H  N N 12  
ALA HXT  H  N N 13  
ARG N    N  N N 14  
ARG CA   C  N S 15  
ARG C    C  N N 16  
ARG O    O  N N 17  
ARG CB   C  N N 18  
ARG CG   C  N N 19  
ARG CD   C  N N 20  
ARG NE   N  N N 21  
ARG CZ   C  N N 22  
ARG NH1  N  N N 23  
ARG NH2  N  N N 24  
ARG OXT  O  N N 25  
ARG H    H  N N 26  
ARG H2   H  N N 27  
ARG HA   H  N N 28  
ARG HB2  H  N N 29  
ARG HB3  H  N N 30  
ARG HG2  H  N N 31  
ARG HG3  H  N N 32  
ARG HD2  H  N N 33  
ARG HD3  H  N N 34  
ARG HE   H  N N 35  
ARG HH11 H  N N 36  
ARG HH12 H  N N 37  
ARG HH21 H  N N 38  
ARG HH22 H  N N 39  
ARG HXT  H  N N 40  
ASN N    N  N N 41  
ASN CA   C  N S 42  
ASN C    C  N N 43  
ASN O    O  N N 44  
ASN CB   C  N N 45  
ASN CG   C  N N 46  
ASN OD1  O  N N 47  
ASN ND2  N  N N 48  
ASN OXT  O  N N 49  
ASN H    H  N N 50  
ASN H2   H  N N 51  
ASN HA   H  N N 52  
ASN HB2  H  N N 53  
ASN HB3  H  N N 54  
ASN HD21 H  N N 55  
ASN HD22 H  N N 56  
ASN HXT  H  N N 57  
ASP N    N  N N 58  
ASP CA   C  N S 59  
ASP C    C  N N 60  
ASP O    O  N N 61  
ASP CB   C  N N 62  
ASP CG   C  N N 63  
ASP OD1  O  N N 64  
ASP OD2  O  N N 65  
ASP OXT  O  N N 66  
ASP H    H  N N 67  
ASP H2   H  N N 68  
ASP HA   H  N N 69  
ASP HB2  H  N N 70  
ASP HB3  H  N N 71  
ASP HD2  H  N N 72  
ASP HXT  H  N N 73  
CL  CL   CL N N 74  
GLN N    N  N N 75  
GLN CA   C  N S 76  
GLN C    C  N N 77  
GLN O    O  N N 78  
GLN CB   C  N N 79  
GLN CG   C  N N 80  
GLN CD   C  N N 81  
GLN OE1  O  N N 82  
GLN NE2  N  N N 83  
GLN OXT  O  N N 84  
GLN H    H  N N 85  
GLN H2   H  N N 86  
GLN HA   H  N N 87  
GLN HB2  H  N N 88  
GLN HB3  H  N N 89  
GLN HG2  H  N N 90  
GLN HG3  H  N N 91  
GLN HE21 H  N N 92  
GLN HE22 H  N N 93  
GLN HXT  H  N N 94  
GLU N    N  N N 95  
GLU CA   C  N S 96  
GLU C    C  N N 97  
GLU O    O  N N 98  
GLU CB   C  N N 99  
GLU CG   C  N N 100 
GLU CD   C  N N 101 
GLU OE1  O  N N 102 
GLU OE2  O  N N 103 
GLU OXT  O  N N 104 
GLU H    H  N N 105 
GLU H2   H  N N 106 
GLU HA   H  N N 107 
GLU HB2  H  N N 108 
GLU HB3  H  N N 109 
GLU HG2  H  N N 110 
GLU HG3  H  N N 111 
GLU HE2  H  N N 112 
GLU HXT  H  N N 113 
GLY N    N  N N 114 
GLY CA   C  N N 115 
GLY C    C  N N 116 
GLY O    O  N N 117 
GLY OXT  O  N N 118 
GLY H    H  N N 119 
GLY H2   H  N N 120 
GLY HA2  H  N N 121 
GLY HA3  H  N N 122 
GLY HXT  H  N N 123 
GOL C1   C  N N 124 
GOL O1   O  N N 125 
GOL C2   C  N N 126 
GOL O2   O  N N 127 
GOL C3   C  N N 128 
GOL O3   O  N N 129 
GOL H11  H  N N 130 
GOL H12  H  N N 131 
GOL HO1  H  N N 132 
GOL H2   H  N N 133 
GOL HO2  H  N N 134 
GOL H31  H  N N 135 
GOL H32  H  N N 136 
GOL HO3  H  N N 137 
HOH O    O  N N 138 
HOH H1   H  N N 139 
HOH H2   H  N N 140 
ILE N    N  N N 141 
ILE CA   C  N S 142 
ILE C    C  N N 143 
ILE O    O  N N 144 
ILE CB   C  N S 145 
ILE CG1  C  N N 146 
ILE CG2  C  N N 147 
ILE CD1  C  N N 148 
ILE OXT  O  N N 149 
ILE H    H  N N 150 
ILE H2   H  N N 151 
ILE HA   H  N N 152 
ILE HB   H  N N 153 
ILE HG12 H  N N 154 
ILE HG13 H  N N 155 
ILE HG21 H  N N 156 
ILE HG22 H  N N 157 
ILE HG23 H  N N 158 
ILE HD11 H  N N 159 
ILE HD12 H  N N 160 
ILE HD13 H  N N 161 
ILE HXT  H  N N 162 
LEU N    N  N N 163 
LEU CA   C  N S 164 
LEU C    C  N N 165 
LEU O    O  N N 166 
LEU CB   C  N N 167 
LEU CG   C  N N 168 
LEU CD1  C  N N 169 
LEU CD2  C  N N 170 
LEU OXT  O  N N 171 
LEU H    H  N N 172 
LEU H2   H  N N 173 
LEU HA   H  N N 174 
LEU HB2  H  N N 175 
LEU HB3  H  N N 176 
LEU HG   H  N N 177 
LEU HD11 H  N N 178 
LEU HD12 H  N N 179 
LEU HD13 H  N N 180 
LEU HD21 H  N N 181 
LEU HD22 H  N N 182 
LEU HD23 H  N N 183 
LEU HXT  H  N N 184 
LYS N    N  N N 185 
LYS CA   C  N S 186 
LYS C    C  N N 187 
LYS O    O  N N 188 
LYS CB   C  N N 189 
LYS CG   C  N N 190 
LYS CD   C  N N 191 
LYS CE   C  N N 192 
LYS NZ   N  N N 193 
LYS OXT  O  N N 194 
LYS H    H  N N 195 
LYS H2   H  N N 196 
LYS HA   H  N N 197 
LYS HB2  H  N N 198 
LYS HB3  H  N N 199 
LYS HG2  H  N N 200 
LYS HG3  H  N N 201 
LYS HD2  H  N N 202 
LYS HD3  H  N N 203 
LYS HE2  H  N N 204 
LYS HE3  H  N N 205 
LYS HZ1  H  N N 206 
LYS HZ2  H  N N 207 
LYS HZ3  H  N N 208 
LYS HXT  H  N N 209 
MET N    N  N N 210 
MET CA   C  N S 211 
MET C    C  N N 212 
MET O    O  N N 213 
MET CB   C  N N 214 
MET CG   C  N N 215 
MET SD   S  N N 216 
MET CE   C  N N 217 
MET OXT  O  N N 218 
MET H    H  N N 219 
MET H2   H  N N 220 
MET HA   H  N N 221 
MET HB2  H  N N 222 
MET HB3  H  N N 223 
MET HG2  H  N N 224 
MET HG3  H  N N 225 
MET HE1  H  N N 226 
MET HE2  H  N N 227 
MET HE3  H  N N 228 
MET HXT  H  N N 229 
PEG C1   C  N N 230 
PEG O1   O  N N 231 
PEG C2   C  N N 232 
PEG O2   O  N N 233 
PEG C3   C  N N 234 
PEG C4   C  N N 235 
PEG O4   O  N N 236 
PEG H11  H  N N 237 
PEG H12  H  N N 238 
PEG HO1  H  N N 239 
PEG H21  H  N N 240 
PEG H22  H  N N 241 
PEG H31  H  N N 242 
PEG H32  H  N N 243 
PEG H41  H  N N 244 
PEG H42  H  N N 245 
PEG HO4  H  N N 246 
PHE N    N  N N 247 
PHE CA   C  N S 248 
PHE C    C  N N 249 
PHE O    O  N N 250 
PHE CB   C  N N 251 
PHE CG   C  Y N 252 
PHE CD1  C  Y N 253 
PHE CD2  C  Y N 254 
PHE CE1  C  Y N 255 
PHE CE2  C  Y N 256 
PHE CZ   C  Y N 257 
PHE OXT  O  N N 258 
PHE H    H  N N 259 
PHE H2   H  N N 260 
PHE HA   H  N N 261 
PHE HB2  H  N N 262 
PHE HB3  H  N N 263 
PHE HD1  H  N N 264 
PHE HD2  H  N N 265 
PHE HE1  H  N N 266 
PHE HE2  H  N N 267 
PHE HZ   H  N N 268 
PHE HXT  H  N N 269 
PRO N    N  N N 270 
PRO CA   C  N S 271 
PRO C    C  N N 272 
PRO O    O  N N 273 
PRO CB   C  N N 274 
PRO CG   C  N N 275 
PRO CD   C  N N 276 
PRO OXT  O  N N 277 
PRO H    H  N N 278 
PRO HA   H  N N 279 
PRO HB2  H  N N 280 
PRO HB3  H  N N 281 
PRO HG2  H  N N 282 
PRO HG3  H  N N 283 
PRO HD2  H  N N 284 
PRO HD3  H  N N 285 
PRO HXT  H  N N 286 
SER N    N  N N 287 
SER CA   C  N S 288 
SER C    C  N N 289 
SER O    O  N N 290 
SER CB   C  N N 291 
SER OG   O  N N 292 
SER OXT  O  N N 293 
SER H    H  N N 294 
SER H2   H  N N 295 
SER HA   H  N N 296 
SER HB2  H  N N 297 
SER HB3  H  N N 298 
SER HG   H  N N 299 
SER HXT  H  N N 300 
SIN C1   C  N N 301 
SIN O1   O  N N 302 
SIN O2   O  N N 303 
SIN C2   C  N N 304 
SIN C3   C  N N 305 
SIN C4   C  N N 306 
SIN O3   O  N N 307 
SIN O4   O  N N 308 
SIN HO2  H  N N 309 
SIN H21  H  N N 310 
SIN H22  H  N N 311 
SIN H31  H  N N 312 
SIN H32  H  N N 313 
SIN HO4  H  N N 314 
SO4 S    S  N N 315 
SO4 O1   O  N N 316 
SO4 O2   O  N N 317 
SO4 O3   O  N N 318 
SO4 O4   O  N N 319 
THR N    N  N N 320 
THR CA   C  N S 321 
THR C    C  N N 322 
THR O    O  N N 323 
THR CB   C  N R 324 
THR OG1  O  N N 325 
THR CG2  C  N N 326 
THR OXT  O  N N 327 
THR H    H  N N 328 
THR H2   H  N N 329 
THR HA   H  N N 330 
THR HB   H  N N 331 
THR HG1  H  N N 332 
THR HG21 H  N N 333 
THR HG22 H  N N 334 
THR HG23 H  N N 335 
THR HXT  H  N N 336 
TYR N    N  N N 337 
TYR CA   C  N S 338 
TYR C    C  N N 339 
TYR O    O  N N 340 
TYR CB   C  N N 341 
TYR CG   C  Y N 342 
TYR CD1  C  Y N 343 
TYR CD2  C  Y N 344 
TYR CE1  C  Y N 345 
TYR CE2  C  Y N 346 
TYR CZ   C  Y N 347 
TYR OH   O  N N 348 
TYR OXT  O  N N 349 
TYR H    H  N N 350 
TYR H2   H  N N 351 
TYR HA   H  N N 352 
TYR HB2  H  N N 353 
TYR HB3  H  N N 354 
TYR HD1  H  N N 355 
TYR HD2  H  N N 356 
TYR HE1  H  N N 357 
TYR HE2  H  N N 358 
TYR HH   H  N N 359 
TYR HXT  H  N N 360 
VAL N    N  N N 361 
VAL CA   C  N S 362 
VAL C    C  N N 363 
VAL O    O  N N 364 
VAL CB   C  N N 365 
VAL CG1  C  N N 366 
VAL CG2  C  N N 367 
VAL OXT  O  N N 368 
VAL H    H  N N 369 
VAL H2   H  N N 370 
VAL HA   H  N N 371 
VAL HB   H  N N 372 
VAL HG11 H  N N 373 
VAL HG12 H  N N 374 
VAL HG13 H  N N 375 
VAL HG21 H  N N 376 
VAL HG22 H  N N 377 
VAL HG23 H  N N 378 
VAL HXT  H  N N 379 
# 
loop_
_chem_comp_bond.comp_id 
_chem_comp_bond.atom_id_1 
_chem_comp_bond.atom_id_2 
_chem_comp_bond.value_order 
_chem_comp_bond.pdbx_aromatic_flag 
_chem_comp_bond.pdbx_stereo_config 
_chem_comp_bond.pdbx_ordinal 
ALA N   CA   sing N N 1   
ALA N   H    sing N N 2   
ALA N   H2   sing N N 3   
ALA CA  C    sing N N 4   
ALA CA  CB   sing N N 5   
ALA CA  HA   sing N N 6   
ALA C   O    doub N N 7   
ALA C   OXT  sing N N 8   
ALA CB  HB1  sing N N 9   
ALA CB  HB2  sing N N 10  
ALA CB  HB3  sing N N 11  
ALA OXT HXT  sing N N 12  
ARG N   CA   sing N N 13  
ARG N   H    sing N N 14  
ARG N   H2   sing N N 15  
ARG CA  C    sing N N 16  
ARG CA  CB   sing N N 17  
ARG CA  HA   sing N N 18  
ARG C   O    doub N N 19  
ARG C   OXT  sing N N 20  
ARG CB  CG   sing N N 21  
ARG CB  HB2  sing N N 22  
ARG CB  HB3  sing N N 23  
ARG CG  CD   sing N N 24  
ARG CG  HG2  sing N N 25  
ARG CG  HG3  sing N N 26  
ARG CD  NE   sing N N 27  
ARG CD  HD2  sing N N 28  
ARG CD  HD3  sing N N 29  
ARG NE  CZ   sing N N 30  
ARG NE  HE   sing N N 31  
ARG CZ  NH1  sing N N 32  
ARG CZ  NH2  doub N N 33  
ARG NH1 HH11 sing N N 34  
ARG NH1 HH12 sing N N 35  
ARG NH2 HH21 sing N N 36  
ARG NH2 HH22 sing N N 37  
ARG OXT HXT  sing N N 38  
ASN N   CA   sing N N 39  
ASN N   H    sing N N 40  
ASN N   H2   sing N N 41  
ASN CA  C    sing N N 42  
ASN CA  CB   sing N N 43  
ASN CA  HA   sing N N 44  
ASN C   O    doub N N 45  
ASN C   OXT  sing N N 46  
ASN CB  CG   sing N N 47  
ASN CB  HB2  sing N N 48  
ASN CB  HB3  sing N N 49  
ASN CG  OD1  doub N N 50  
ASN CG  ND2  sing N N 51  
ASN ND2 HD21 sing N N 52  
ASN ND2 HD22 sing N N 53  
ASN OXT HXT  sing N N 54  
ASP N   CA   sing N N 55  
ASP N   H    sing N N 56  
ASP N   H2   sing N N 57  
ASP CA  C    sing N N 58  
ASP CA  CB   sing N N 59  
ASP CA  HA   sing N N 60  
ASP C   O    doub N N 61  
ASP C   OXT  sing N N 62  
ASP CB  CG   sing N N 63  
ASP CB  HB2  sing N N 64  
ASP CB  HB3  sing N N 65  
ASP CG  OD1  doub N N 66  
ASP CG  OD2  sing N N 67  
ASP OD2 HD2  sing N N 68  
ASP OXT HXT  sing N N 69  
GLN N   CA   sing N N 70  
GLN N   H    sing N N 71  
GLN N   H2   sing N N 72  
GLN CA  C    sing N N 73  
GLN CA  CB   sing N N 74  
GLN CA  HA   sing N N 75  
GLN C   O    doub N N 76  
GLN C   OXT  sing N N 77  
GLN CB  CG   sing N N 78  
GLN CB  HB2  sing N N 79  
GLN CB  HB3  sing N N 80  
GLN CG  CD   sing N N 81  
GLN CG  HG2  sing N N 82  
GLN CG  HG3  sing N N 83  
GLN CD  OE1  doub N N 84  
GLN CD  NE2  sing N N 85  
GLN NE2 HE21 sing N N 86  
GLN NE2 HE22 sing N N 87  
GLN OXT HXT  sing N N 88  
GLU N   CA   sing N N 89  
GLU N   H    sing N N 90  
GLU N   H2   sing N N 91  
GLU CA  C    sing N N 92  
GLU CA  CB   sing N N 93  
GLU CA  HA   sing N N 94  
GLU C   O    doub N N 95  
GLU C   OXT  sing N N 96  
GLU CB  CG   sing N N 97  
GLU CB  HB2  sing N N 98  
GLU CB  HB3  sing N N 99  
GLU CG  CD   sing N N 100 
GLU CG  HG2  sing N N 101 
GLU CG  HG3  sing N N 102 
GLU CD  OE1  doub N N 103 
GLU CD  OE2  sing N N 104 
GLU OE2 HE2  sing N N 105 
GLU OXT HXT  sing N N 106 
GLY N   CA   sing N N 107 
GLY N   H    sing N N 108 
GLY N   H2   sing N N 109 
GLY CA  C    sing N N 110 
GLY CA  HA2  sing N N 111 
GLY CA  HA3  sing N N 112 
GLY C   O    doub N N 113 
GLY C   OXT  sing N N 114 
GLY OXT HXT  sing N N 115 
GOL C1  O1   sing N N 116 
GOL C1  C2   sing N N 117 
GOL C1  H11  sing N N 118 
GOL C1  H12  sing N N 119 
GOL O1  HO1  sing N N 120 
GOL C2  O2   sing N N 121 
GOL C2  C3   sing N N 122 
GOL C2  H2   sing N N 123 
GOL O2  HO2  sing N N 124 
GOL C3  O3   sing N N 125 
GOL C3  H31  sing N N 126 
GOL C3  H32  sing N N 127 
GOL O3  HO3  sing N N 128 
HOH O   H1   sing N N 129 
HOH O   H2   sing N N 130 
ILE N   CA   sing N N 131 
ILE N   H    sing N N 132 
ILE N   H2   sing N N 133 
ILE CA  C    sing N N 134 
ILE CA  CB   sing N N 135 
ILE CA  HA   sing N N 136 
ILE C   O    doub N N 137 
ILE C   OXT  sing N N 138 
ILE CB  CG1  sing N N 139 
ILE CB  CG2  sing N N 140 
ILE CB  HB   sing N N 141 
ILE CG1 CD1  sing N N 142 
ILE CG1 HG12 sing N N 143 
ILE CG1 HG13 sing N N 144 
ILE CG2 HG21 sing N N 145 
ILE CG2 HG22 sing N N 146 
ILE CG2 HG23 sing N N 147 
ILE CD1 HD11 sing N N 148 
ILE CD1 HD12 sing N N 149 
ILE CD1 HD13 sing N N 150 
ILE OXT HXT  sing N N 151 
LEU N   CA   sing N N 152 
LEU N   H    sing N N 153 
LEU N   H2   sing N N 154 
LEU CA  C    sing N N 155 
LEU CA  CB   sing N N 156 
LEU CA  HA   sing N N 157 
LEU C   O    doub N N 158 
LEU C   OXT  sing N N 159 
LEU CB  CG   sing N N 160 
LEU CB  HB2  sing N N 161 
LEU CB  HB3  sing N N 162 
LEU CG  CD1  sing N N 163 
LEU CG  CD2  sing N N 164 
LEU CG  HG   sing N N 165 
LEU CD1 HD11 sing N N 166 
LEU CD1 HD12 sing N N 167 
LEU CD1 HD13 sing N N 168 
LEU CD2 HD21 sing N N 169 
LEU CD2 HD22 sing N N 170 
LEU CD2 HD23 sing N N 171 
LEU OXT HXT  sing N N 172 
LYS N   CA   sing N N 173 
LYS N   H    sing N N 174 
LYS N   H2   sing N N 175 
LYS CA  C    sing N N 176 
LYS CA  CB   sing N N 177 
LYS CA  HA   sing N N 178 
LYS C   O    doub N N 179 
LYS C   OXT  sing N N 180 
LYS CB  CG   sing N N 181 
LYS CB  HB2  sing N N 182 
LYS CB  HB3  sing N N 183 
LYS CG  CD   sing N N 184 
LYS CG  HG2  sing N N 185 
LYS CG  HG3  sing N N 186 
LYS CD  CE   sing N N 187 
LYS CD  HD2  sing N N 188 
LYS CD  HD3  sing N N 189 
LYS CE  NZ   sing N N 190 
LYS CE  HE2  sing N N 191 
LYS CE  HE3  sing N N 192 
LYS NZ  HZ1  sing N N 193 
LYS NZ  HZ2  sing N N 194 
LYS NZ  HZ3  sing N N 195 
LYS OXT HXT  sing N N 196 
MET N   CA   sing N N 197 
MET N   H    sing N N 198 
MET N   H2   sing N N 199 
MET CA  C    sing N N 200 
MET CA  CB   sing N N 201 
MET CA  HA   sing N N 202 
MET C   O    doub N N 203 
MET C   OXT  sing N N 204 
MET CB  CG   sing N N 205 
MET CB  HB2  sing N N 206 
MET CB  HB3  sing N N 207 
MET CG  SD   sing N N 208 
MET CG  HG2  sing N N 209 
MET CG  HG3  sing N N 210 
MET SD  CE   sing N N 211 
MET CE  HE1  sing N N 212 
MET CE  HE2  sing N N 213 
MET CE  HE3  sing N N 214 
MET OXT HXT  sing N N 215 
PEG C1  O1   sing N N 216 
PEG C1  C2   sing N N 217 
PEG C1  H11  sing N N 218 
PEG C1  H12  sing N N 219 
PEG O1  HO1  sing N N 220 
PEG C2  O2   sing N N 221 
PEG C2  H21  sing N N 222 
PEG C2  H22  sing N N 223 
PEG O2  C3   sing N N 224 
PEG C3  C4   sing N N 225 
PEG C3  H31  sing N N 226 
PEG C3  H32  sing N N 227 
PEG C4  O4   sing N N 228 
PEG C4  H41  sing N N 229 
PEG C4  H42  sing N N 230 
PEG O4  HO4  sing N N 231 
PHE N   CA   sing N N 232 
PHE N   H    sing N N 233 
PHE N   H2   sing N N 234 
PHE CA  C    sing N N 235 
PHE CA  CB   sing N N 236 
PHE CA  HA   sing N N 237 
PHE C   O    doub N N 238 
PHE C   OXT  sing N N 239 
PHE CB  CG   sing N N 240 
PHE CB  HB2  sing N N 241 
PHE CB  HB3  sing N N 242 
PHE CG  CD1  doub Y N 243 
PHE CG  CD2  sing Y N 244 
PHE CD1 CE1  sing Y N 245 
PHE CD1 HD1  sing N N 246 
PHE CD2 CE2  doub Y N 247 
PHE CD2 HD2  sing N N 248 
PHE CE1 CZ   doub Y N 249 
PHE CE1 HE1  sing N N 250 
PHE CE2 CZ   sing Y N 251 
PHE CE2 HE2  sing N N 252 
PHE CZ  HZ   sing N N 253 
PHE OXT HXT  sing N N 254 
PRO N   CA   sing N N 255 
PRO N   CD   sing N N 256 
PRO N   H    sing N N 257 
PRO CA  C    sing N N 258 
PRO CA  CB   sing N N 259 
PRO CA  HA   sing N N 260 
PRO C   O    doub N N 261 
PRO C   OXT  sing N N 262 
PRO CB  CG   sing N N 263 
PRO CB  HB2  sing N N 264 
PRO CB  HB3  sing N N 265 
PRO CG  CD   sing N N 266 
PRO CG  HG2  sing N N 267 
PRO CG  HG3  sing N N 268 
PRO CD  HD2  sing N N 269 
PRO CD  HD3  sing N N 270 
PRO OXT HXT  sing N N 271 
SER N   CA   sing N N 272 
SER N   H    sing N N 273 
SER N   H2   sing N N 274 
SER CA  C    sing N N 275 
SER CA  CB   sing N N 276 
SER CA  HA   sing N N 277 
SER C   O    doub N N 278 
SER C   OXT  sing N N 279 
SER CB  OG   sing N N 280 
SER CB  HB2  sing N N 281 
SER CB  HB3  sing N N 282 
SER OG  HG   sing N N 283 
SER OXT HXT  sing N N 284 
SIN C1  O1   doub N N 285 
SIN C1  O2   sing N N 286 
SIN C1  C2   sing N N 287 
SIN O2  HO2  sing N N 288 
SIN C2  C3   sing N N 289 
SIN C2  H21  sing N N 290 
SIN C2  H22  sing N N 291 
SIN C3  C4   sing N N 292 
SIN C3  H31  sing N N 293 
SIN C3  H32  sing N N 294 
SIN C4  O3   doub N N 295 
SIN C4  O4   sing N N 296 
SIN O4  HO4  sing N N 297 
SO4 S   O1   doub N N 298 
SO4 S   O2   doub N N 299 
SO4 S   O3   sing N N 300 
SO4 S   O4   sing N N 301 
THR N   CA   sing N N 302 
THR N   H    sing N N 303 
THR N   H2   sing N N 304 
THR CA  C    sing N N 305 
THR CA  CB   sing N N 306 
THR CA  HA   sing N N 307 
THR C   O    doub N N 308 
THR C   OXT  sing N N 309 
THR CB  OG1  sing N N 310 
THR CB  CG2  sing N N 311 
THR CB  HB   sing N N 312 
THR OG1 HG1  sing N N 313 
THR CG2 HG21 sing N N 314 
THR CG2 HG22 sing N N 315 
THR CG2 HG23 sing N N 316 
THR OXT HXT  sing N N 317 
TYR N   CA   sing N N 318 
TYR N   H    sing N N 319 
TYR N   H2   sing N N 320 
TYR CA  C    sing N N 321 
TYR CA  CB   sing N N 322 
TYR CA  HA   sing N N 323 
TYR C   O    doub N N 324 
TYR C   OXT  sing N N 325 
TYR CB  CG   sing N N 326 
TYR CB  HB2  sing N N 327 
TYR CB  HB3  sing N N 328 
TYR CG  CD1  doub Y N 329 
TYR CG  CD2  sing Y N 330 
TYR CD1 CE1  sing Y N 331 
TYR CD1 HD1  sing N N 332 
TYR CD2 CE2  doub Y N 333 
TYR CD2 HD2  sing N N 334 
TYR CE1 CZ   doub Y N 335 
TYR CE1 HE1  sing N N 336 
TYR CE2 CZ   sing Y N 337 
TYR CE2 HE2  sing N N 338 
TYR CZ  OH   sing N N 339 
TYR OH  HH   sing N N 340 
TYR OXT HXT  sing N N 341 
VAL N   CA   sing N N 342 
VAL N   H    sing N N 343 
VAL N   H2   sing N N 344 
VAL CA  C    sing N N 345 
VAL CA  CB   sing N N 346 
VAL CA  HA   sing N N 347 
VAL C   O    doub N N 348 
VAL C   OXT  sing N N 349 
VAL CB  CG1  sing N N 350 
VAL CB  CG2  sing N N 351 
VAL CB  HB   sing N N 352 
VAL CG1 HG11 sing N N 353 
VAL CG1 HG12 sing N N 354 
VAL CG1 HG13 sing N N 355 
VAL CG2 HG21 sing N N 356 
VAL CG2 HG22 sing N N 357 
VAL CG2 HG23 sing N N 358 
VAL OXT HXT  sing N N 359 
# 
loop_
_pdbx_audit_support.funding_organization 
_pdbx_audit_support.country 
_pdbx_audit_support.grant_number 
_pdbx_audit_support.ordinal 
'European Commission'        Germany PIEF-GA-2012-331285    1 
'European Commission'        Germany PCOFUND-GA-2008-229597 2 
'German Research Foundation' Germany EXC1074                3 
# 
_pdbx_initial_refinement_model.accession_code   6TGN 
_pdbx_initial_refinement_model.id               1 
_pdbx_initial_refinement_model.entity_id_list   ? 
_pdbx_initial_refinement_model.type             'experimental model' 
_pdbx_initial_refinement_model.source_name      PDB 
_pdbx_initial_refinement_model.details          EMD-10499 
# 
_atom_sites.entry_id                    6TGS 
_atom_sites.Cartn_transf_matrix[1][1]   ? 
_atom_sites.Cartn_transf_matrix[1][2]   ? 
_atom_sites.Cartn_transf_matrix[1][3]   ? 
_atom_sites.Cartn_transf_matrix[2][1]   ? 
_atom_sites.Cartn_transf_matrix[2][2]   ? 
_atom_sites.Cartn_transf_matrix[2][3]   ? 
_atom_sites.Cartn_transf_matrix[3][1]   ? 
_atom_sites.Cartn_transf_matrix[3][2]   ? 
_atom_sites.Cartn_transf_matrix[3][3]   ? 
_atom_sites.Cartn_transf_vector[1]      ? 
_atom_sites.Cartn_transf_vector[2]      ? 
_atom_sites.Cartn_transf_vector[3]      ? 
_atom_sites.fract_transf_matrix[1][1]   0.00133374 
_atom_sites.fract_transf_matrix[1][2]   0.02266649 
_atom_sites.fract_transf_matrix[1][3]   0.00469984 
_atom_sites.fract_transf_matrix[2][1]   -0.01229615 
_atom_sites.fract_transf_matrix[2][2]   0.00122160 
_atom_sites.fract_transf_matrix[2][3]   -0.00240213 
_atom_sites.fract_transf_matrix[3][1]   -0.00854424 
_atom_sites.fract_transf_matrix[3][2]   -0.00774886 
_atom_sites.fract_transf_matrix[3][3]   0.03979607 
_atom_sites.fract_transf_vector[1]      0.213673 
_atom_sites.fract_transf_vector[2]      0.135423 
_atom_sites.fract_transf_vector[3]      0.204139 
_atom_sites.solution_primary            ? 
_atom_sites.solution_secondary          ? 
_atom_sites.solution_hydrogens          ? 
_atom_sites.special_details             ? 
# 
loop_
_atom_type.symbol 
C  
CL 
H  
N  
O  
S  
# 
loop_
_atom_site.group_PDB 
_atom_site.id 
_atom_site.type_symbol 
_atom_site.label_atom_id 
_atom_site.label_alt_id 
_atom_site.label_comp_id 
_atom_site.label_asym_id 
_atom_site.label_entity_id 
_atom_site.label_seq_id 
_atom_site.pdbx_PDB_ins_code 
_atom_site.Cartn_x 
_atom_site.Cartn_y 
_atom_site.Cartn_z 
_atom_site.occupancy 
_atom_site.B_iso_or_equiv 
_atom_site.pdbx_formal_charge 
_atom_site.auth_seq_id 
_atom_site.auth_comp_id 
_atom_site.auth_asym_id 
_atom_site.auth_atom_id 
_atom_site.pdbx_PDB_model_num 
ATOM   1   N  N   . ALA A 1 5  ? 15.606  2.932   9.863   1.00 77.68  ? 5   ALA A N   1 
ATOM   2   C  CA  . ALA A 1 5  ? 14.961  2.668   11.145  1.00 79.41  ? 5   ALA A CA  1 
ATOM   3   C  C   . ALA A 1 5  ? 13.766  3.596   11.365  1.00 76.43  ? 5   ALA A C   1 
ATOM   4   O  O   . ALA A 1 5  ? 13.300  3.768   12.492  1.00 77.43  ? 5   ALA A O   1 
ATOM   5   C  CB  . ALA A 1 5  ? 15.966  2.808   12.285  1.00 69.18  ? 5   ALA A CB  1 
ATOM   6   N  N   . ASN A 1 6  ? 13.278  4.195   10.278  1.00 72.55  ? 6   ASN A N   1 
ATOM   7   C  CA  . ASN A 1 6  ? 12.082  5.031   10.291  1.00 75.21  ? 6   ASN A CA  1 
ATOM   8   C  C   . ASN A 1 6  ? 11.065  4.419   9.335   1.00 67.94  ? 6   ASN A C   1 
ATOM   9   O  O   . ASN A 1 6  ? 11.369  4.192   8.162   1.00 71.02  ? 6   ASN A O   1 
ATOM   10  C  CB  . ASN A 1 6  ? 12.411  6.477   9.906   1.00 66.13  ? 6   ASN A CB  1 
ATOM   11  C  CG  . ASN A 1 6  ? 12.708  6.639   8.428   1.00 68.80  ? 6   ASN A CG  1 
ATOM   12  O  OD1 . ASN A 1 6  ? 13.721  6.148   7.933   1.00 67.25  ? 6   ASN A OD1 1 
ATOM   13  N  ND2 . ASN A 1 6  ? 11.815  7.315   7.713   1.00 66.67  ? 6   ASN A ND2 1 
ATOM   14  N  N   . ALA A 1 7  ? 9.868   4.144   9.836   1.00 59.95  ? 7   ALA A N   1 
ATOM   15  C  CA  . ALA A 1 7  ? 8.896   3.376   9.075   1.00 39.16  ? 7   ALA A CA  1 
ATOM   16  C  C   . ALA A 1 7  ? 8.051   4.281   8.182   1.00 47.31  ? 7   ALA A C   1 
ATOM   17  O  O   . ALA A 1 7  ? 7.896   5.478   8.433   1.00 48.13  ? 7   ALA A O   1 
ATOM   18  C  CB  . ALA A 1 7  ? 8.001   2.576   10.020  1.00 46.81  ? 7   ALA A CB  1 
ATOM   19  N  N   . LEU A 1 8  ? 7.516   3.687   7.114   1.00 36.74  ? 8   LEU A N   1 
ATOM   20  C  CA  . LEU A 1 8  ? 6.514   4.351   6.292   1.00 34.31  ? 8   LEU A CA  1 
ATOM   21  C  C   . LEU A 1 8  ? 5.145   4.190   6.934   1.00 28.99  ? 8   LEU A C   1 
ATOM   22  O  O   . LEU A 1 8  ? 4.726   3.072   7.242   1.00 26.05  ? 8   LEU A O   1 
ATOM   23  C  CB  . LEU A 1 8  ? 6.494   3.766   4.878   1.00 32.92  ? 8   LEU A CB  1 
ATOM   24  C  CG  . LEU A 1 8  ? 5.385   4.244   3.926   1.00 38.25  ? 8   LEU A CG  1 
ATOM   25  C  CD1 . LEU A 1 8  ? 5.612   5.680   3.484   1.00 37.17  ? 8   LEU A CD1 1 
ATOM   26  C  CD2 . LEU A 1 8  ? 5.256   3.323   2.716   1.00 35.42  ? 8   LEU A CD2 1 
ATOM   27  N  N   . VAL A 1 9  ? 4.450   5.301   7.127   1.00 27.24  ? 9   VAL A N   1 
ATOM   28  C  CA  . VAL A 1 9  ? 3.065   5.255   7.577   1.00 28.03  ? 9   VAL A CA  1 
ATOM   29  C  C   . VAL A 1 9  ? 2.182   5.026   6.356   1.00 21.75  ? 9   VAL A C   1 
ATOM   30  O  O   . VAL A 1 9  ? 2.241   5.781   5.382   1.00 25.52  ? 9   VAL A O   1 
ATOM   31  C  CB  . VAL A 1 9  ? 2.675   6.545   8.309   1.00 30.01  ? 9   VAL A CB  1 
ATOM   32  C  CG1 . VAL A 1 9  ? 1.184   6.556   8.590   1.00 25.26  ? 9   VAL A CG1 1 
ATOM   33  C  CG2 . VAL A 1 9  ? 3.457   6.654   9.599   1.00 38.41  ? 9   VAL A CG2 1 
ATOM   34  N  N   . VAL A 1 10 ? 1.368   3.976   6.410   1.00 17.24  ? 10  VAL A N   1 
ATOM   35  C  CA  . VAL A 1 10 ? 0.444   3.641   5.333   1.00 18.52  ? 10  VAL A CA  1 
ATOM   36  C  C   . VAL A 1 10 ? -0.967  3.817   5.866   1.00 20.25  ? 10  VAL A C   1 
ATOM   37  O  O   . VAL A 1 10 ? -1.308  3.283   6.925   1.00 23.20  ? 10  VAL A O   1 
ATOM   38  C  CB  . VAL A 1 10 ? 0.675   2.213   4.813   1.00 19.65  ? 10  VAL A CB  1 
ATOM   39  C  CG1 . VAL A 1 10 ? -0.324  1.875   3.703   1.00 23.23  ? 10  VAL A CG1 1 
ATOM   40  C  CG2 . VAL A 1 10 ? 2.101   2.068   4.307   1.00 20.52  ? 10  VAL A CG2 1 
ATOM   41  N  N   . LYS A 1 11 ? -1.767  4.595   5.164   1.00 16.64  ? 11  LYS A N   1 
ATOM   42  C  CA  . LYS A 1 11 ? -3.224  4.664   5.409   1.00 17.25  ? 11  LYS A CA  1 
ATOM   43  C  C   . LYS A 1 11 ? -4.022  3.980   4.282   1.00 21.98  ? 11  LYS A C   1 
ATOM   44  O  O   . LYS A 1 11 ? -3.717  4.316   3.168   1.00 22.11  ? 11  LYS A O   1 
ATOM   45  C  CB  . LYS A 1 11 ? -3.633  6.108   5.675   1.00 17.82  ? 11  LYS A CB  1 
ATOM   46  C  CG  . LYS A 1 11 ? -2.934  6.711   6.877   1.00 23.72  ? 11  LYS A CG  1 
ATOM   47  C  CD  . LYS A 1 11 ? -3.366  8.112   7.165   1.00 25.17  ? 11  LYS A CD  1 
ATOM   48  C  CE  . LYS A 1 11 ? -2.383  8.811   8.075   1.00 37.53  ? 11  LYS A CE  1 
ATOM   49  N  NZ  . LYS A 1 11 ? -2.583  10.277  8.064   1.00 45.57  ? 11  LYS A NZ  1 
ATOM   50  N  N   A VAL A 1 12 ? -4.896  3.206   4.575   0.70 16.01  ? 12  VAL A N   1 
ATOM   51  N  N   B VAL A 1 12 ? -4.872  3.223   4.564   0.30 16.13  ? 12  VAL A N   1 
ATOM   52  C  CA  A VAL A 1 12 ? -5.655  2.502   3.549   0.70 16.87  ? 12  VAL A CA  1 
ATOM   53  C  CA  B VAL A 1 12 ? -5.622  2.546   3.510   0.30 16.90  ? 12  VAL A CA  1 
ATOM   54  C  C   A VAL A 1 12 ? -7.113  2.896   3.709   0.70 16.21  ? 12  VAL A C   1 
ATOM   55  C  C   B VAL A 1 12 ? -7.094  2.900   3.660   0.30 16.29  ? 12  VAL A C   1 
ATOM   56  O  O   A VAL A 1 12 ? -7.635  2.922   4.828   0.70 16.77  ? 12  VAL A O   1 
ATOM   57  O  O   B VAL A 1 12 ? -7.639  2.857   4.769   0.30 16.99  ? 12  VAL A O   1 
ATOM   58  C  CB  A VAL A 1 12 ? -5.481  0.976   3.657   0.70 18.59  ? 12  VAL A CB  1 
ATOM   59  C  CB  B VAL A 1 12 ? -5.412  1.020   3.532   0.30 18.47  ? 12  VAL A CB  1 
ATOM   60  C  CG1 A VAL A 1 12 ? -6.187  0.294   2.498   0.70 18.51  ? 12  VAL A CG1 1 
ATOM   61  C  CG1 B VAL A 1 12 ? -5.939  0.429   4.841   0.30 17.34  ? 12  VAL A CG1 1 
ATOM   62  C  CG2 A VAL A 1 12 ? -4.006  0.603   3.669   0.70 19.11  ? 12  VAL A CG2 1 
ATOM   63  C  CG2 B VAL A 1 12 ? -6.057  0.359   2.323   0.30 15.65  ? 12  VAL A CG2 1 
ATOM   64  N  N   A SER A 1 13 ? -7.760  3.236   2.601   0.70 15.33  ? 13  SER A N   1 
ATOM   65  N  N   B SER A 1 13 ? -7.824  3.267   2.639   0.30 15.33  ? 13  SER A N   1 
ATOM   66  C  CA  A SER A 1 13 ? -9.171  3.585   2.600   0.70 17.75  ? 13  SER A CA  1 
ATOM   67  C  CA  B SER A 1 13 ? -9.229  3.648   2.705   0.30 18.10  ? 13  SER A CA  1 
ATOM   68  C  C   A SER A 1 13 ? -9.973  2.524   1.860   0.70 21.85  ? 13  SER A C   1 
ATOM   69  C  C   B SER A 1 13 ? -10.058 2.687   1.865   0.30 21.82  ? 13  SER A C   1 
ATOM   70  O  O   A SER A 1 13 ? -9.655  2.174   0.714   0.70 18.91  ? 13  SER A O   1 
ATOM   71  O  O   B SER A 1 13 ? -9.830  2.556   0.656   0.30 20.37  ? 13  SER A O   1 
ATOM   72  C  CB  A SER A 1 13 ? -9.393  4.953   1.964   0.70 20.04  ? 13  SER A CB  1 
ATOM   73  C  CB  B SER A 1 13 ? -9.428  5.090   2.236   0.30 20.61  ? 13  SER A CB  1 
ATOM   74  O  OG  A SER A 1 13 ? -10.762 5.290   2.021   0.70 24.59  ? 13  SER A OG  1 
ATOM   75  O  OG  B SER A 1 13 ? -9.064  5.253   0.880   0.30 25.31  ? 13  SER A OG  1 
ATOM   76  N  N   . TYR A 1 14 ? -11.017 2.021   2.509   1.00 20.90  ? 14  TYR A N   1 
ATOM   77  C  CA  . TYR A 1 14 ? -11.956 1.134   1.847   1.00 22.55  ? 14  TYR A CA  1 
ATOM   78  C  C   . TYR A 1 14 ? -13.328 1.330   2.476   1.00 27.32  ? 14  TYR A C   1 
ATOM   79  O  O   . TYR A 1 14 ? -13.435 1.454   3.697   1.00 31.62  ? 14  TYR A O   1 
ATOM   80  C  CB  . TYR A 1 14 ? -11.532 -0.342  1.966   1.00 21.27  ? 14  TYR A CB  1 
ATOM   81  C  CG  . TYR A 1 14 ? -12.516 -1.312  1.368   1.00 21.24  ? 14  TYR A CG  1 
ATOM   82  C  CD1 . TYR A 1 14 ? -12.581 -1.503  -0.002  1.00 28.76  ? 14  TYR A CD1 1 
ATOM   83  C  CD2 . TYR A 1 14 ? -13.378 -2.046  2.178   1.00 26.14  ? 14  TYR A CD2 1 
ATOM   84  C  CE1 . TYR A 1 14 ? -13.483 -2.394  -0.560  1.00 32.82  ? 14  TYR A CE1 1 
ATOM   85  C  CE2 . TYR A 1 14 ? -14.278 -2.943  1.629   1.00 25.22  ? 14  TYR A CE2 1 
ATOM   86  C  CZ  . TYR A 1 14 ? -14.326 -3.109  0.259   1.00 29.00  ? 14  TYR A CZ  1 
ATOM   87  O  OH  . TYR A 1 14 ? -15.227 -3.990  -0.289  1.00 33.49  ? 14  TYR A OH  1 
ATOM   88  N  N   . GLY A 1 15 ? -14.359 1.389   1.639   1.00 30.60  ? 15  GLY A N   1 
ATOM   89  C  CA  . GLY A 1 15 ? -15.725 1.514   2.150   1.00 43.62  ? 15  GLY A CA  1 
ATOM   90  C  C   . GLY A 1 15 ? -15.931 2.666   3.108   1.00 38.28  ? 15  GLY A C   1 
ATOM   91  O  O   . GLY A 1 15 ? -16.562 2.491   4.159   1.00 41.79  ? 15  GLY A O   1 
ATOM   92  N  N   . GLY A 1 16 ? -15.393 3.842   2.781   1.00 31.49  ? 16  GLY A N   1 
ATOM   93  C  CA  . GLY A 1 16 ? -15.527 5.018   3.629   1.00 29.08  ? 16  GLY A CA  1 
ATOM   94  C  C   . GLY A 1 16 ? -14.728 4.982   4.908   1.00 36.19  ? 16  GLY A C   1 
ATOM   95  O  O   . GLY A 1 16 ? -14.923 5.841   5.774   1.00 30.69  ? 16  GLY A O   1 
ATOM   96  N  N   . VAL A 1 17 ? -13.823 4.020   5.034   1.00 32.17  ? 17  VAL A N   1 
ATOM   97  C  CA  . VAL A 1 17 ? -13.158 3.674   6.278   1.00 30.87  ? 17  VAL A CA  1 
ATOM   98  C  C   . VAL A 1 17 ? -11.663 3.838   6.072   1.00 25.30  ? 17  VAL A C   1 
ATOM   99  O  O   . VAL A 1 17 ? -11.130 3.332   5.083   1.00 30.69  ? 17  VAL A O   1 
ATOM   100 C  CB  . VAL A 1 17 ? -13.486 2.218   6.668   1.00 36.21  ? 17  VAL A CB  1 
ATOM   101 C  CG1 . VAL A 1 17 ? -12.746 1.814   7.877   1.00 26.08  ? 17  VAL A CG1 1 
ATOM   102 C  CG2 . VAL A 1 17 ? -14.972 2.037   6.852   1.00 35.41  ? 17  VAL A CG2 1 
ATOM   103 N  N   . LEU A 1 18 ? -10.984 4.500   7.010   1.00 19.18  ? 18  LEU A N   1 
ATOM   104 C  CA  . LEU A 1 18 ? -9.534  4.670   6.949   1.00 18.65  ? 18  LEU A CA  1 
ATOM   105 C  C   . LEU A 1 18 ? -8.843  3.862   8.041   1.00 17.45  ? 18  LEU A C   1 
ATOM   106 O  O   . LEU A 1 18 ? -9.190  3.973   9.223   1.00 21.01  ? 18  LEU A O   1 
ATOM   107 C  CB  . LEU A 1 18 ? -9.151  6.148   7.084   1.00 25.44  ? 18  LEU A CB  1 
ATOM   108 C  CG  . LEU A 1 18 ? -7.753  6.625   6.680   1.00 24.52  ? 18  LEU A CG  1 
ATOM   109 C  CD1 . LEU A 1 18 ? -7.457  6.341   5.202   1.00 23.35  ? 18  LEU A CD1 1 
ATOM   110 C  CD2 . LEU A 1 18 ? -7.568  8.126   6.984   1.00 26.72  ? 18  LEU A CD2 1 
ATOM   111 N  N   . ARG A 1 19 ? -7.837  3.100   7.662   1.00 15.49  ? 19  ARG A N   1 
ATOM   112 C  CA  . ARG A 1 19 ? -7.036  2.354   8.624   1.00 17.54  ? 19  ARG A CA  1 
ATOM   113 C  C   . ARG A 1 19 ? -5.569  2.668   8.399   1.00 20.78  ? 19  ARG A C   1 
ATOM   114 O  O   . ARG A 1 19 ? -5.139  2.911   7.268   1.00 23.20  ? 19  ARG A O   1 
ATOM   115 C  CB  . ARG A 1 19 ? -7.287  0.839   8.513   1.00 16.30  ? 19  ARG A CB  1 
ATOM   116 C  CG  . ARG A 1 19 ? -8.722  0.428   8.859   1.00 15.86  ? 19  ARG A CG  1 
ATOM   117 C  CD  . ARG A 1 19 ? -8.987  0.532   10.374  1.00 18.22  ? 19  ARG A CD  1 
ATOM   118 N  NE  . ARG A 1 19 ? -10.350 0.121   10.739  1.00 20.44  ? 19  ARG A NE  1 
ATOM   119 C  CZ  . ARG A 1 19 ? -11.363 0.977   10.869  1.00 19.77  ? 19  ARG A CZ  1 
ATOM   120 N  NH1 . ARG A 1 19 ? -11.161 2.269   10.628  1.00 19.03  ? 19  ARG A NH1 1 
ATOM   121 N  NH2 . ARG A 1 19 ? -12.570 0.551   11.241  1.00 20.20  ? 19  ARG A NH2 1 
ATOM   122 N  N   . ARG A 1 20 ? -4.736  2.728   9.414   1.00 13.55  ? 20  ARG A N   1 
ATOM   123 C  CA  . ARG A 1 20 ? -3.340  3.127   9.527   1.00 14.82  ? 20  ARG A CA  1 
ATOM   124 C  C   . ARG A 1 20 ? -2.486  1.947   9.956   1.00 16.72  ? 20  ARG A C   1 
ATOM   125 O  O   . ARG A 1 20 ? -2.836  1.238   10.904  1.00 20.37  ? 20  ARG A O   1 
ATOM   126 C  CB  . ARG A 1 20 ? -3.191  4.256   10.553  1.00 18.97  ? 20  ARG A CB  1 
ATOM   127 C  CG  . ARG A 1 20 ? -1.768  4.777   10.743  1.00 31.81  ? 20  ARG A CG  1 
ATOM   128 C  CD  . ARG A 1 20 ? -1.742  5.922   11.775  1.00 26.68  ? 20  ARG A CD  1 
ATOM   129 N  NE  . ARG A 1 20 ? -0.401  6.437   11.976  1.00 37.61  ? 20  ARG A NE  1 
ATOM   130 C  CZ  . ARG A 1 20 ? 0.462   5.914   12.833  1.00 42.79  ? 20  ARG A CZ  1 
ATOM   131 N  NH1 . ARG A 1 20 ? 0.110   4.855   13.547  1.00 44.74  ? 20  ARG A NH1 1 
ATOM   132 N  NH2 . ARG A 1 20 ? 1.675   6.434   12.963  1.00 54.78  ? 20  ARG A NH2 1 
ATOM   133 N  N   . PHE A 1 21 ? -1.429  1.664   9.366   1.00 18.84  ? 21  PHE A N   1 
ATOM   134 C  CA  . PHE A 1 21 ? -0.404  0.781   9.906   1.00 19.40  ? 21  PHE A CA  1 
ATOM   135 C  C   . PHE A 1 21 ? 0.953   1.301   9.453   1.00 20.89  ? 21  PHE A C   1 
ATOM   136 O  O   . PHE A 1 21 ? 1.044   2.193   8.609   1.00 23.74  ? 21  PHE A O   1 
ATOM   137 C  CB  . PHE A 1 21 ? -0.614  -0.683  9.497   1.00 18.12  ? 21  PHE A CB  1 
ATOM   138 C  CG  . PHE A 1 21 ? -0.665  -0.909  8.019   1.00 19.99  ? 21  PHE A CG  1 
ATOM   139 C  CD1 . PHE A 1 21 ? -1.862  -0.823  7.343   1.00 21.41  ? 21  PHE A CD1 1 
ATOM   140 C  CD2 . PHE A 1 21 ? 0.482   -1.246  7.312   1.00 23.13  ? 21  PHE A CD2 1 
ATOM   141 C  CE1 . PHE A 1 21 ? -1.926  -1.049  5.977   1.00 23.78  ? 21  PHE A CE1 1 
ATOM   142 C  CE2 . PHE A 1 21 ? 0.425   -1.485  5.939   1.00 24.69  ? 21  PHE A CE2 1 
ATOM   143 C  CZ  . PHE A 1 21 ? -0.788  -1.379  5.279   1.00 20.30  ? 21  PHE A CZ  1 
ATOM   144 N  N   . ARG A 1 22 ? 2.018   0.749   10.018  1.00 22.91  ? 22  ARG A N   1 
ATOM   145 C  CA  . ARG A 1 22 ? 3.356   1.215   9.680   1.00 24.79  ? 22  ARG A CA  1 
ATOM   146 C  C   . ARG A 1 22 ? 4.172   0.075   9.098   1.00 23.16  ? 22  ARG A C   1 
ATOM   147 O  O   . ARG A 1 22 ? 4.042   -1.082  9.510   1.00 26.18  ? 22  ARG A O   1 
ATOM   148 C  CB  . ARG A 1 22 ? 4.067   1.801   10.903  1.00 25.90  ? 22  ARG A CB  1 
ATOM   149 C  CG  . ARG A 1 22 ? 3.324   2.964   11.539  1.00 27.23  ? 22  ARG A CG  1 
ATOM   150 C  CD  . ARG A 1 22 ? 4.264   3.875   12.320  1.00 38.86  ? 22  ARG A CD  1 
ATOM   151 N  NE  . ARG A 1 22 ? 5.084   3.139   13.279  1.00 37.78  ? 22  ARG A NE  1 
ATOM   152 C  CZ  . ARG A 1 22 ? 6.244   3.576   13.755  1.00 41.75  ? 22  ARG A CZ  1 
ATOM   153 N  NH1 . ARG A 1 22 ? 6.729   4.746   13.362  1.00 34.79  ? 22  ARG A NH1 1 
ATOM   154 N  NH2 . ARG A 1 22 ? 6.925   2.839   14.621  1.00 41.19  ? 22  ARG A NH2 1 
ATOM   155 N  N   . VAL A 1 23 ? 5.031   0.415   8.139   1.00 26.26  ? 23  VAL A N   1 
ATOM   156 C  CA  . VAL A 1 23 ? 5.811   -0.558  7.399   1.00 27.81  ? 23  VAL A CA  1 
ATOM   157 C  C   . VAL A 1 23 ? 7.287   -0.252  7.645   1.00 27.46  ? 23  VAL A C   1 
ATOM   158 O  O   . VAL A 1 23 ? 7.736   0.861   7.355   1.00 30.82  ? 23  VAL A O   1 
ATOM   159 C  CB  . VAL A 1 23 ? 5.507   -0.530  5.893   1.00 29.40  ? 23  VAL A CB  1 
ATOM   160 C  CG1 . VAL A 1 23 ? 6.435   -1.486  5.173   1.00 33.58  ? 23  VAL A CG1 1 
ATOM   161 C  CG2 . VAL A 1 23 ? 4.046   -0.897  5.644   1.00 27.81  ? 23  VAL A CG2 1 
ATOM   162 N  N   . PRO A 1 24 ? 8.061   -1.191  8.176   1.00 31.68  ? 24  PRO A N   1 
ATOM   163 C  CA  . PRO A 1 24 ? 9.488   -0.929  8.396   1.00 42.30  ? 24  PRO A CA  1 
ATOM   164 C  C   . PRO A 1 24 ? 10.238  -0.748  7.085   1.00 42.92  ? 24  PRO A C   1 
ATOM   165 O  O   . PRO A 1 24 ? 9.876   -1.303  6.045   1.00 34.49  ? 24  PRO A O   1 
ATOM   166 C  CB  . PRO A 1 24 ? 9.966   -2.177  9.147   1.00 38.16  ? 24  PRO A CB  1 
ATOM   167 C  CG  . PRO A 1 24 ? 8.980   -3.240  8.781   1.00 41.72  ? 24  PRO A CG  1 
ATOM   168 C  CD  . PRO A 1 24 ? 7.665   -2.530  8.638   1.00 34.84  ? 24  PRO A CD  1 
ATOM   169 N  N   . VAL A 1 25 ? 11.268  0.088   7.155   1.00 44.43  ? 25  VAL A N   1 
ATOM   170 C  CA  . VAL A 1 25 ? 12.179  0.310   6.004   1.00 44.83  ? 25  VAL A CA  1 
ATOM   171 C  C   . VAL A 1 25 ? 13.542  -0.304  6.317   1.00 53.86  ? 25  VAL A C   1 
ATOM   172 O  O   . VAL A 1 25 ? 13.922  -0.356  7.500   1.00 44.93  ? 25  VAL A O   1 
ATOM   173 C  CB  . VAL A 1 25 ? 12.303  1.804   5.657   1.00 49.97  ? 25  VAL A CB  1 
ATOM   174 C  CG1 . VAL A 1 25 ? 10.948  2.489   5.617   1.00 47.38  ? 25  VAL A CG1 1 
ATOM   175 C  CG2 . VAL A 1 25 ? 13.258  2.520   6.596   1.00 54.93  ? 25  VAL A CG2 1 
ATOM   176 N  N   . LYS A 1 26 ? 14.233  -0.771  5.285   1.00 52.79  ? 26  LYS A N   1 
ATOM   177 C  CA  . LYS A 1 26 ? 15.597  -1.311  5.469   1.00 53.26  ? 26  LYS A CA  1 
ATOM   178 C  C   . LYS A 1 26 ? 16.573  -0.131  5.461   1.00 51.62  ? 26  LYS A C   1 
ATOM   179 O  O   . LYS A 1 26 ? 16.137  0.997   5.202   1.00 53.15  ? 26  LYS A O   1 
ATOM   180 C  CB  . LYS A 1 26 ? 15.878  -2.301  4.339   1.00 54.55  ? 26  LYS A CB  1 
ATOM   181 C  CG  . LYS A 1 26 ? 15.029  -3.564  4.374   1.00 47.27  ? 26  LYS A CG  1 
ATOM   182 C  CD  . LYS A 1 26 ? 14.780  -4.153  3.006   1.00 62.97  ? 26  LYS A CD  1 
ATOM   183 C  CE  . LYS A 1 26 ? 13.706  -5.222  3.004   1.00 70.39  ? 26  LYS A CE  1 
ATOM   184 N  NZ  . LYS A 1 26 ? 14.048  -6.346  2.099   1.00 63.99  ? 26  LYS A NZ  1 
ATOM   185 N  N   . ALA A 1 27 ? 17.851  -0.396  5.681   1.00 59.52  ? 27  ALA A N   1 
ATOM   186 C  CA  . ALA A 1 27 ? 18.866  0.679   5.722   1.00 59.38  ? 27  ALA A CA  1 
ATOM   187 C  C   . ALA A 1 27 ? 18.942  1.307   4.334   1.00 63.63  ? 27  ALA A C   1 
ATOM   188 O  O   . ALA A 1 27 ? 19.451  2.434   4.259   1.00 76.46  ? 27  ALA A O   1 
ATOM   189 C  CB  . ALA A 1 27 ? 20.165  0.069   6.140   1.00 50.89  ? 27  ALA A CB  1 
ATOM   190 N  N   . ASN A 1 28 ? 18.503  0.588   3.302   1.00 60.66  ? 28  ASN A N   1 
ATOM   191 C  CA  . ASN A 1 28 ? 18.441  1.038   1.895   1.00 60.77  ? 28  ASN A CA  1 
ATOM   192 C  C   . ASN A 1 28 ? 17.385  2.114   1.776   1.00 61.73  ? 28  ASN A C   1 
ATOM   193 O  O   . ASN A 1 28 ? 17.476  2.939   0.874   1.00 58.34  ? 28  ASN A O   1 
ATOM   194 C  CB  . ASN A 1 28 ? 17.585  0.001   1.159   1.00 48.97  ? 28  ASN A CB  1 
ATOM   195 C  CG  . ASN A 1 28 ? 18.384  -1.052  0.440   1.00 68.96  ? 28  ASN A CG  1 
ATOM   196 O  OD1 . ASN A 1 28 ? 18.562  -0.976  -0.770  1.00 79.17  ? 28  ASN A OD1 1 
ATOM   197 N  ND2 . ASN A 1 28 ? 18.855  -2.042  1.181   1.00 76.81  ? 28  ASN A ND2 1 
ATOM   198 N  N   . GLY A 1 29 ? 16.423  2.077   2.664   1.00 51.51  ? 29  GLY A N   1 
ATOM   199 C  CA  . GLY A 1 29 ? 15.284  2.978   2.486   1.00 59.79  ? 29  GLY A CA  1 
ATOM   200 C  C   . GLY A 1 29 ? 14.183  2.192   1.801   1.00 54.84  ? 29  GLY A C   1 
ATOM   201 O  O   . GLY A 1 29 ? 13.070  2.687   1.762   1.00 59.86  ? 29  GLY A O   1 
ATOM   202 N  N   . GLN A 1 30 ? 14.511  0.984   1.368   1.00 40.26  ? 30  GLN A N   1 
ATOM   203 C  CA  . GLN A 1 30 ? 13.532  0.075   0.721   1.00 53.88  ? 30  GLN A CA  1 
ATOM   204 C  C   . GLN A 1 30 ? 12.506  -0.406  1.752   1.00 47.44  ? 30  GLN A C   1 
ATOM   205 O  O   . GLN A 1 30 ? 12.908  -0.710  2.880   1.00 46.30  ? 30  GLN A O   1 
ATOM   206 C  CB  . GLN A 1 30 ? 14.277  -1.178  0.263   1.00 53.01  ? 30  GLN A CB  1 
ATOM   207 C  CG  . GLN A 1 30 ? 14.708  -1.168  -1.189  1.00 64.90  ? 30  GLN A CG  1 
ATOM   208 C  CD  . GLN A 1 30 ? 14.983  -2.582  -1.639  1.00 68.61  ? 30  GLN A CD  1 
ATOM   209 O  OE1 . GLN A 1 30 ? 16.126  -3.023  -1.702  1.00 66.61  ? 30  GLN A OE1 1 
ATOM   210 N  NE2 . GLN A 1 30 ? 13.921  -3.310  -1.939  1.00 66.63  ? 30  GLN A NE2 1 
ATOM   211 N  N   . LEU A 1 31 ? 11.237  -0.510  1.352   1.00 48.66  ? 31  LEU A N   1 
ATOM   212 C  CA  . LEU A 1 31 ? 10.182  -1.013  2.266   1.00 41.84  ? 31  LEU A CA  1 
ATOM   213 C  C   . LEU A 1 31 ? 10.448  -2.482  2.607   1.00 39.01  ? 31  LEU A C   1 
ATOM   214 O  O   . LEU A 1 31 ? 10.742  -3.225  1.667   1.00 41.95  ? 31  LEU A O   1 
ATOM   215 C  CB  . LEU A 1 31 ? 8.818   -0.829  1.594   1.00 47.42  ? 31  LEU A CB  1 
ATOM   216 C  CG  . LEU A 1 31 ? 8.258   0.591   1.595   1.00 50.88  ? 31  LEU A CG  1 
ATOM   217 C  CD1 . LEU A 1 31 ? 6.883   0.623   0.943   1.00 38.73  ? 31  LEU A CD1 1 
ATOM   218 C  CD2 . LEU A 1 31 ? 8.188   1.148   3.006   1.00 43.01  ? 31  LEU A CD2 1 
ATOM   219 N  N   A ASP A 1 32 ? 10.233  -2.893  3.725   0.60 38.63  ? 32  ASP A N   1 
ATOM   220 N  N   B ASP A 1 32 ? 10.203  -2.894  3.722   0.40 38.70  ? 32  ASP A N   1 
ATOM   221 C  CA  A ASP A 1 32 ? 10.246  -4.318  4.049   0.60 42.13  ? 32  ASP A CA  1 
ATOM   222 C  CA  B ASP A 1 32 ? 10.317  -4.303  4.078   0.40 42.13  ? 32  ASP A CA  1 
ATOM   223 C  C   A ASP A 1 32 ? 8.850   -4.907  3.836   0.60 39.69  ? 32  ASP A C   1 
ATOM   224 C  C   B ASP A 1 32 ? 9.006   -5.032  3.804   0.40 39.86  ? 32  ASP A C   1 
ATOM   225 O  O   A ASP A 1 32 ? 8.189   -5.383  4.757   0.60 39.80  ? 32  ASP A O   1 
ATOM   226 O  O   B ASP A 1 32 ? 8.465   -5.700  4.690   0.40 40.88  ? 32  ASP A O   1 
ATOM   227 C  CB  A ASP A 1 32 ? 10.737  -4.534  5.478   0.60 43.67  ? 32  ASP A CB  1 
ATOM   228 C  CB  B ASP A 1 32 ? 10.714  -4.451  5.552   0.40 43.67  ? 32  ASP A CB  1 
ATOM   229 C  CG  A ASP A 1 32 ? 11.161  -5.971  5.744   0.60 49.13  ? 32  ASP A CG  1 
ATOM   230 C  CG  B ASP A 1 32 ? 11.108  -5.873  5.917   0.40 48.87  ? 32  ASP A CG  1 
ATOM   231 O  OD1 A ASP A 1 32 ? 10.999  -6.821  4.844   0.60 54.82  ? 32  ASP A OD1 1 
ATOM   232 O  OD1 B ASP A 1 32 ? 11.653  -6.586  5.049   0.40 53.47  ? 32  ASP A OD1 1 
ATOM   233 O  OD2 A ASP A 1 32 ? 11.658  -6.251  6.856   0.60 50.96  ? 32  ASP A OD2 1 
ATOM   234 O  OD2 B ASP A 1 32 ? 10.865  -6.281  7.074   0.40 49.90  ? 32  ASP A OD2 1 
ATOM   235 N  N   A LEU A 1 33 ? 8.405   -4.849  2.582   0.60 38.64  ? 33  LEU A N   1 
ATOM   236 N  N   B LEU A 1 33 ? 8.479   -4.906  2.587   0.40 38.67  ? 33  LEU A N   1 
ATOM   237 C  CA  A LEU A 1 33 ? 7.076   -5.309  2.207   0.60 36.40  ? 33  LEU A CA  1 
ATOM   238 C  CA  B LEU A 1 33 ? 7.272   -5.631  2.216   0.40 36.89  ? 33  LEU A CA  1 
ATOM   239 C  C   A LEU A 1 33 ? 6.997   -5.432  0.693   0.60 36.75  ? 33  LEU A C   1 
ATOM   240 C  C   B LEU A 1 33 ? 7.286   -5.918  0.721   0.40 36.66  ? 33  LEU A C   1 
ATOM   241 O  O   A LEU A 1 33 ? 7.515   -4.576  -0.032  0.60 33.43  ? 33  LEU A O   1 
ATOM   242 O  O   B LEU A 1 33 ? 8.190   -5.508  -0.011  0.40 37.46  ? 33  LEU A O   1 
ATOM   243 C  CB  A LEU A 1 33 ? 5.992   -4.347  2.715   0.60 34.43  ? 33  LEU A CB  1 
ATOM   244 C  CB  B LEU A 1 33 ? 6.002   -4.866  2.615   0.40 35.10  ? 33  LEU A CB  1 
ATOM   245 C  CG  A LEU A 1 33 ? 4.551   -4.868  2.727   0.60 29.62  ? 33  LEU A CG  1 
ATOM   246 C  CG  B LEU A 1 33 ? 5.740   -3.391  2.285   0.40 34.11  ? 33  LEU A CG  1 
ATOM   247 C  CD1 A LEU A 1 33 ? 4.397   -6.015  3.708   0.60 27.93  ? 33  LEU A CD1 1 
ATOM   248 C  CD1 B LEU A 1 33 ? 5.968   -3.013  0.827   0.40 37.44  ? 33  LEU A CD1 1 
ATOM   249 C  CD2 A LEU A 1 33 ? 3.584   -3.753  3.074   0.60 28.07  ? 33  LEU A CD2 1 
ATOM   250 C  CD2 B LEU A 1 33 ? 4.308   -3.049  2.682   0.40 34.55  ? 33  LEU A CD2 1 
ATOM   251 N  N   A GLU A 1 34 ? 6.352   -6.496  0.225   0.60 33.69  ? 34  GLU A N   1 
ATOM   252 N  N   B GLU A 1 34 ? 6.248   -6.620  0.279   0.40 33.80  ? 34  GLU A N   1 
ATOM   253 C  CA  A GLU A 1 34 ? 6.060   -6.709  -1.187  0.60 31.90  ? 34  GLU A CA  1 
ATOM   254 C  CA  B GLU A 1 34 ? 6.007   -6.932  -1.120  0.40 32.30  ? 34  GLU A CA  1 
ATOM   255 C  C   A GLU A 1 34 ? 4.547   -6.722  -1.390  0.60 30.88  ? 34  GLU A C   1 
ATOM   256 C  C   B GLU A 1 34 ? 4.518   -6.774  -1.380  0.40 30.91  ? 34  GLU A C   1 
ATOM   257 O  O   A GLU A 1 34 ? 3.766   -6.667  -0.431  0.60 26.81  ? 34  GLU A O   1 
ATOM   258 O  O   B GLU A 1 34 ? 3.719   -6.625  -0.448  0.40 26.90  ? 34  GLU A O   1 
ATOM   259 C  CB  A GLU A 1 34 ? 6.696   -8.009  -1.692  0.60 33.79  ? 34  GLU A CB  1 
ATOM   260 C  CB  B GLU A 1 34 ? 6.471   -8.353  -1.479  0.40 35.40  ? 34  GLU A CB  1 
ATOM   261 C  CG  A GLU A 1 34 ? 6.276   -9.245  -0.912  0.60 35.57  ? 34  GLU A CG  1 
ATOM   262 C  CG  B GLU A 1 34 ? 6.871   -9.231  -0.290  0.40 38.36  ? 34  GLU A CG  1 
ATOM   263 C  CD  A GLU A 1 34 ? 6.213   -10.486 -1.775  0.60 40.91  ? 34  GLU A CD  1 
ATOM   264 C  CD  B GLU A 1 34 ? 5.767   -9.400  0.752   0.40 39.40  ? 34  GLU A CD  1 
ATOM   265 O  OE1 A GLU A 1 34 ? 5.469   -10.476 -2.781  0.60 38.69  ? 34  GLU A OE1 1 
ATOM   266 O  OE1 B GLU A 1 34 ? 5.787   -8.657  1.758   0.40 39.24  ? 34  GLU A OE1 1 
ATOM   267 O  OE2 A GLU A 1 34 ? 6.908   -11.474 -1.451  0.60 52.51  ? 34  GLU A OE2 1 
ATOM   268 O  OE2 B GLU A 1 34 ? 4.892   -10.270 0.572   0.40 34.63  ? 34  GLU A OE2 1 
ATOM   269 N  N   . MET A 1 35 ? 4.139   -6.814  -2.661  1.00 28.48  ? 35  MET A N   1 
ATOM   270 C  CA  . MET A 1 35 ? 2.727   -6.666  -3.000  1.00 26.02  ? 35  MET A CA  1 
ATOM   271 C  C   . MET A 1 35 ? 1.882   -7.752  -2.350  1.00 28.00  ? 35  MET A C   1 
ATOM   272 O  O   . MET A 1 35 ? 0.764   -7.483  -1.898  1.00 23.85  ? 35  MET A O   1 
ATOM   273 C  CB  . MET A 1 35 ? 2.540   -6.667  -4.519  1.00 27.97  ? 35  MET A CB  1 
ATOM   274 C  CG  . MET A 1 35 ? 2.850   -5.312  -5.196  1.00 28.34  ? 35  MET A CG  1 
ATOM   275 S  SD  . MET A 1 35 ? 1.733   -3.954  -4.745  1.00 31.13  ? 35  MET A SD  1 
ATOM   276 C  CE  . MET A 1 35 ? 0.169   -4.799  -4.994  1.00 28.43  ? 35  MET A CE  1 
ATOM   277 N  N   . ALA A 1 36 ? 2.412   -8.975  -2.251  1.00 22.80  ? 36  ALA A N   1 
ATOM   278 C  CA  . ALA A 1 36 ? 1.640   -10.041 -1.621  1.00 26.83  ? 36  ALA A CA  1 
ATOM   279 C  C   . ALA A 1 36 ? 1.358   -9.732  -0.153  1.00 23.06  ? 36  ALA A C   1 
ATOM   280 O  O   . ALA A 1 36 ? 0.241   -9.958  0.340   1.00 23.07  ? 36  ALA A O   1 
ATOM   281 C  CB  . ALA A 1 36 ? 2.374   -11.374 -1.750  1.00 28.17  ? 36  ALA A CB  1 
ATOM   282 N  N   . GLY A 1 37 ? 2.362   -9.252  0.578   1.00 23.50  ? 37  GLY A N   1 
ATOM   283 C  CA  . GLY A 1 37 ? 2.145   -8.945  1.981   1.00 25.09  ? 37  GLY A CA  1 
ATOM   284 C  C   . GLY A 1 37 ? 1.239   -7.746  2.183   1.00 21.60  ? 37  GLY A C   1 
ATOM   285 O  O   . GLY A 1 37 ? 0.479   -7.697  3.156   1.00 20.36  ? 37  GLY A O   1 
ATOM   286 N  N   . LEU A 1 38 ? 1.298   -6.773  1.265   1.00 19.92  ? 38  LEU A N   1 
ATOM   287 C  CA  . LEU A 1 38 ? 0.392   -5.627  1.325   1.00 16.56  ? 38  LEU A CA  1 
ATOM   288 C  C   . LEU A 1 38 ? -1.048  -6.071  1.122   1.00 19.68  ? 38  LEU A C   1 
ATOM   289 O  O   . LEU A 1 38 ? -1.956  -5.659  1.858   1.00 17.08  ? 38  LEU A O   1 
ATOM   290 C  CB  . LEU A 1 38 ? 0.795   -4.600  0.264   1.00 18.67  ? 38  LEU A CB  1 
ATOM   291 C  CG  . LEU A 1 38 ? -0.157  -3.420  0.141   1.00 16.32  ? 38  LEU A CG  1 
ATOM   292 C  CD1 . LEU A 1 38 ? -0.245  -2.677  1.483   1.00 20.72  ? 38  LEU A CD1 1 
ATOM   293 C  CD2 . LEU A 1 38 ? 0.305   -2.510  -1.002  1.00 23.40  ? 38  LEU A CD2 1 
ATOM   294 N  N   . LYS A 1 39 ? -1.277  -6.916  0.118   1.00 17.53  ? 39  LYS A N   1 
ATOM   295 C  CA  . LYS A 1 39 ? -2.626  -7.402  -0.128  1.00 16.48  ? 39  LYS A CA  1 
ATOM   296 C  C   . LYS A 1 39 ? -3.134  -8.220  1.054   1.00 15.23  ? 39  LYS A C   1 
ATOM   297 O  O   . LYS A 1 39 ? -4.321  -8.160  1.394   1.00 18.81  ? 39  LYS A O   1 
ATOM   298 C  CB  . LYS A 1 39 ? -2.650  -8.209  -1.434  1.00 18.08  ? 39  LYS A CB  1 
ATOM   299 C  CG  . LYS A 1 39 ? -2.572  -7.310  -2.653  1.00 22.03  ? 39  LYS A CG  1 
ATOM   300 C  CD  . LYS A 1 39 ? -2.637  -8.077  -3.952  1.00 27.79  ? 39  LYS A CD  1 
ATOM   301 C  CE  . LYS A 1 39 ? -4.046  -8.585  -4.214  1.00 25.90  ? 39  LYS A CE  1 
ATOM   302 N  NZ  . LYS A 1 39 ? -4.150  -9.265  -5.544  1.00 28.76  ? 39  LYS A NZ  1 
ATOM   303 N  N   . GLU A 1 40 ? -2.257  -9.000  1.688   1.00 16.40  ? 40  GLU A N   1 
ATOM   304 C  CA  . GLU A 1 40 ? -2.687  -9.819  2.816   1.00 15.29  ? 40  GLU A CA  1 
ATOM   305 C  C   . GLU A 1 40 ? -3.067  -8.949  4.007   1.00 15.48  ? 40  GLU A C   1 
ATOM   306 O  O   . GLU A 1 40 ? -4.009  -9.256  4.739   1.00 19.16  ? 40  GLU A O   1 
ATOM   307 C  CB  . GLU A 1 40 ? -1.585  -10.806 3.194   1.00 19.99  ? 40  GLU A CB  1 
ATOM   308 C  CG  . GLU A 1 40 ? -1.414  -11.919 2.155   1.00 21.24  ? 40  GLU A CG  1 
ATOM   309 C  CD  . GLU A 1 40 ? -0.097  -12.671 2.314   1.00 35.78  ? 40  GLU A CD  1 
ATOM   310 O  OE1 . GLU A 1 40 ? 0.730   -12.268 3.153   1.00 37.22  ? 40  GLU A OE1 1 
ATOM   311 O  OE2 . GLU A 1 40 ? 0.116   -13.660 1.583   1.00 35.38  ? 40  GLU A OE2 1 
ATOM   312 N  N   . LYS A 1 41 ? -2.321  -7.872  4.224   1.00 16.97  ? 41  LYS A N   1 
ATOM   313 C  CA  . LYS A 1 41 ? -2.657  -6.971  5.316   1.00 14.98  ? 41  LYS A CA  1 
ATOM   314 C  C   . LYS A 1 41 ? -3.982  -6.275  5.038   1.00 16.45  ? 41  LYS A C   1 
ATOM   315 O  O   . LYS A 1 41 ? -4.862  -6.218  5.899   1.00 17.10  ? 41  LYS A O   1 
ATOM   316 C  CB  . LYS A 1 41 ? -1.515  -5.969  5.503   1.00 16.95  ? 41  LYS A CB  1 
ATOM   317 C  CG  . LYS A 1 41 ? -1.695  -5.052  6.696   1.00 18.20  ? 41  LYS A CG  1 
ATOM   318 C  CD  . LYS A 1 41 ? -1.334  -5.787  7.995   1.00 27.93  ? 41  LYS A CD  1 
ATOM   319 C  CE  . LYS A 1 41 ? -1.460  -4.870  9.190   1.00 28.95  ? 41  LYS A CE  1 
ATOM   320 N  NZ  . LYS A 1 41 ? -0.708  -5.417  10.362  1.00 31.29  ? 41  LYS A NZ  1 
ATOM   321 N  N   . ILE A 1 42 ? -4.168  -5.783  3.812   1.00 15.00  ? 42  ILE A N   1 
ATOM   322 C  CA  . ILE A 1 42 ? -5.413  -5.105  3.477   1.00 13.26  ? 42  ILE A CA  1 
ATOM   323 C  C   . ILE A 1 42 ? -6.598  -6.059  3.580   1.00 18.66  ? 42  ILE A C   1 
ATOM   324 O  O   . ILE A 1 42 ? -7.667  -5.688  4.078   1.00 16.33  ? 42  ILE A O   1 
ATOM   325 C  CB  . ILE A 1 42 ? -5.298  -4.465  2.082   1.00 16.44  ? 42  ILE A CB  1 
ATOM   326 C  CG1 . ILE A 1 42 ? -4.360  -3.247  2.155   1.00 17.47  ? 42  ILE A CG1 1 
ATOM   327 C  CG2 . ILE A 1 42 ? -6.671  -4.057  1.578   1.00 17.29  ? 42  ILE A CG2 1 
ATOM   328 C  CD1 . ILE A 1 42 ? -3.903  -2.706  0.749   1.00 16.86  ? 42  ILE A CD1 1 
ATOM   329 N  N   . ALA A 1 43 ? -6.425  -7.308  3.137   1.00 16.03  ? 43  ALA A N   1 
ATOM   330 C  CA  . ALA A 1 43 ? -7.486  -8.306  3.257   1.00 16.00  ? 43  ALA A CA  1 
ATOM   331 C  C   . ALA A 1 43 ? -7.867  -8.546  4.715   1.00 18.36  ? 43  ALA A C   1 
ATOM   332 O  O   . ALA A 1 43 ? -9.052  -8.652  5.048   1.00 18.68  ? 43  ALA A O   1 
ATOM   333 C  CB  . ALA A 1 43 ? -7.041  -9.618  2.596   1.00 18.18  ? 43  ALA A CB  1 
ATOM   334 N  N   . ALA A 1 44 ? -6.876  -8.650  5.598   1.00 20.29  ? 44  ALA A N   1 
ATOM   335 C  CA  . ALA A 1 44 ? -7.173  -8.854  7.017   1.00 20.24  ? 44  ALA A CA  1 
ATOM   336 C  C   . ALA A 1 44 ? -7.915  -7.658  7.612   1.00 18.80  ? 44  ALA A C   1 
ATOM   337 O  O   . ALA A 1 44 ? -8.791  -7.823  8.477   1.00 25.33  ? 44  ALA A O   1 
ATOM   338 C  CB  . ALA A 1 44 ? -5.878  -9.122  7.781   1.00 23.48  ? 44  ALA A CB  1 
ATOM   339 N  N   . LEU A 1 45 ? -7.576  -6.440  7.171   1.00 16.64  ? 45  LEU A N   1 
ATOM   340 C  CA  . LEU A 1 45 ? -8.180  -5.233  7.730   1.00 15.85  ? 45  LEU A CA  1 
ATOM   341 C  C   . LEU A 1 45 ? -9.640  -5.087  7.351   1.00 20.19  ? 45  LEU A C   1 
ATOM   342 O  O   . LEU A 1 45 ? -10.420 -4.526  8.126   1.00 22.32  ? 45  LEU A O   1 
ATOM   343 C  CB  . LEU A 1 45 ? -7.430  -3.980  7.265   1.00 20.26  ? 45  LEU A CB  1 
ATOM   344 C  CG  . LEU A 1 45 ? -6.047  -3.715  7.856   1.00 20.07  ? 45  LEU A CG  1 
ATOM   345 C  CD1 . LEU A 1 45 ? -5.383  -2.552  7.118   1.00 19.69  ? 45  LEU A CD1 1 
ATOM   346 C  CD2 . LEU A 1 45 ? -6.134  -3.448  9.351   1.00 20.23  ? 45  LEU A CD2 1 
ATOM   347 N  N   . PHE A 1 46 ? -10.028 -5.530  6.155   1.00 17.75  ? 46  PHE A N   1 
ATOM   348 C  CA  . PHE A 1 46 ? -11.353 -5.222  5.639   1.00 15.99  ? 46  PHE A CA  1 
ATOM   349 C  C   . PHE A 1 46 ? -12.154 -6.474  5.306   1.00 17.44  ? 46  PHE A C   1 
ATOM   350 O  O   . PHE A 1 46 ? -13.226 -6.369  4.685   1.00 21.08  ? 46  PHE A O   1 
ATOM   351 C  CB  . PHE A 1 46 ? -11.230 -4.313  4.403   1.00 17.48  ? 46  PHE A CB  1 
ATOM   352 C  CG  . PHE A 1 46 ? -10.632 -2.955  4.701   1.00 17.33  ? 46  PHE A CG  1 
ATOM   353 C  CD1 . PHE A 1 46 ? -11.349 -2.010  5.430   1.00 16.97  ? 46  PHE A CD1 1 
ATOM   354 C  CD2 . PHE A 1 46 ? -9.358  -2.626  4.275   1.00 19.56  ? 46  PHE A CD2 1 
ATOM   355 C  CE1 . PHE A 1 46 ? -10.801 -0.769  5.721   1.00 16.91  ? 46  PHE A CE1 1 
ATOM   356 C  CE2 . PHE A 1 46 ? -8.805  -1.380  4.559   1.00 20.03  ? 46  PHE A CE2 1 
ATOM   357 C  CZ  . PHE A 1 46 ? -9.543  -0.446  5.279   1.00 17.44  ? 46  PHE A CZ  1 
ATOM   358 N  N   A ASN A 1 47 ? -11.673 -7.651  5.695   0.66 20.61  ? 47  ASN A N   1 
ATOM   359 N  N   B ASN A 1 47 ? -11.651 -7.656  5.669   0.34 20.56  ? 47  ASN A N   1 
ATOM   360 C  CA  A ASN A 1 47 ? -12.319 -8.926  5.399   0.66 23.86  ? 47  ASN A CA  1 
ATOM   361 C  CA  B ASN A 1 47 ? -12.318 -8.932  5.410   0.34 23.89  ? 47  ASN A CA  1 
ATOM   362 C  C   A ASN A 1 47 ? -12.560 -9.087  3.899   0.66 24.72  ? 47  ASN A C   1 
ATOM   363 C  C   B ASN A 1 47 ? -12.541 -9.151  3.915   0.34 24.70  ? 47  ASN A C   1 
ATOM   364 O  O   A ASN A 1 47 ? -13.679 -9.312  3.434   0.66 21.14  ? 47  ASN A O   1 
ATOM   365 O  O   B ASN A 1 47 ? -13.638 -9.487  3.464   0.34 21.46  ? 47  ASN A O   1 
ATOM   366 C  CB  A ASN A 1 47 ? -13.628 -9.096  6.182   0.66 24.55  ? 47  ASN A CB  1 
ATOM   367 C  CB  B ASN A 1 47 ? -13.632 -9.034  6.189   0.34 24.62  ? 47  ASN A CB  1 
ATOM   368 C  CG  A ASN A 1 47 ? -14.085 -10.536 6.212   0.66 28.37  ? 47  ASN A CG  1 
ATOM   369 C  CG  B ASN A 1 47 ? -13.407 -9.150  7.677   0.34 29.11  ? 47  ASN A CG  1 
ATOM   370 O  OD1 A ASN A 1 47 ? -13.262 -11.443 6.273   0.66 30.50  ? 47  ASN A OD1 1 
ATOM   371 O  OD1 B ASN A 1 47 ? -12.908 -10.169 8.161   0.34 30.24  ? 47  ASN A OD1 1 
ATOM   372 N  ND2 A ASN A 1 47 ? -15.395 -10.756 6.141   0.66 30.19  ? 47  ASN A ND2 1 
ATOM   373 N  ND2 B ASN A 1 47 ? -13.753 -8.099  8.412   0.34 29.13  ? 47  ASN A ND2 1 
ATOM   374 N  N   . LEU A 1 48 ? -11.476 -8.966  3.144   1.00 18.18  ? 48  LEU A N   1 
ATOM   375 C  CA  . LEU A 1 48 ? -11.481 -9.214  1.708   1.00 15.71  ? 48  LEU A CA  1 
ATOM   376 C  C   . LEU A 1 48 ? -10.681 -10.483 1.431   1.00 16.35  ? 48  LEU A C   1 
ATOM   377 O  O   . LEU A 1 48 ? -10.093 -11.067 2.339   1.00 18.22  ? 48  LEU A O   1 
ATOM   378 C  CB  . LEU A 1 48 ? -10.888 -8.020  0.960   1.00 15.75  ? 48  LEU A CB  1 
ATOM   379 C  CG  . LEU A 1 48 ? -11.158 -6.605  1.471   1.00 17.19  ? 48  LEU A CG  1 
ATOM   380 C  CD1 . LEU A 1 48 ? -10.405 -5.574  0.626   1.00 19.54  ? 48  LEU A CD1 1 
ATOM   381 C  CD2 . LEU A 1 48 ? -12.638 -6.299  1.492   1.00 22.12  ? 48  LEU A CD2 1 
ATOM   382 N  N   A SER A 1 49 ? -10.677 -10.908 0.159   0.56 16.91  ? 49  SER A N   1 
ATOM   383 N  N   B SER A 1 49 ? -10.656 -10.923 0.175   0.44 16.97  ? 49  SER A N   1 
ATOM   384 C  CA  A SER A 1 49 ? -9.790  -11.982 -0.288  0.56 19.78  ? 49  SER A CA  1 
ATOM   385 C  CA  B SER A 1 49 ? -9.785  -12.036 -0.180  0.44 19.64  ? 49  SER A CA  1 
ATOM   386 C  C   A SER A 1 49 ? -8.400  -11.425 -0.566  0.56 16.82  ? 49  SER A C   1 
ATOM   387 C  C   B SER A 1 49 ? -8.424  -11.506 -0.603  0.44 16.88  ? 49  SER A C   1 
ATOM   388 O  O   A SER A 1 49 ? -8.261  -10.438 -1.294  0.56 19.16  ? 49  SER A O   1 
ATOM   389 O  O   B SER A 1 49 ? -8.335  -10.611 -1.449  0.44 19.41  ? 49  SER A O   1 
ATOM   390 C  CB  A SER A 1 49 ? -10.313 -12.649 -1.565  0.56 16.03  ? 49  SER A CB  1 
ATOM   391 C  CB  B SER A 1 49 ? -10.364 -12.900 -1.296  0.44 16.72  ? 49  SER A CB  1 
ATOM   392 O  OG  A SER A 1 49 ? -11.550 -13.300 -1.374  0.56 18.84  ? 49  SER A OG  1 
ATOM   393 O  OG  B SER A 1 49 ? -9.619  -14.104 -1.368  0.44 17.03  ? 49  SER A OG  1 
ATOM   394 N  N   . ALA A 1 50 ? -7.370  -12.081 -0.023  1.00 19.65  ? 50  ALA A N   1 
ATOM   395 C  CA  . ALA A 1 50 ? -6.012  -11.640 -0.316  1.00 21.87  ? 50  ALA A CA  1 
ATOM   396 C  C   . ALA A 1 50 ? -5.634  -11.859 -1.774  1.00 24.37  ? 50  ALA A C   1 
ATOM   397 O  O   . ALA A 1 50 ? -4.759  -11.149 -2.291  1.00 22.96  ? 50  ALA A O   1 
ATOM   398 C  CB  . ALA A 1 50 ? -5.024  -12.361 0.598   1.00 19.73  ? 50  ALA A CB  1 
ATOM   399 N  N   . ASP A 1 51 ? -6.287  -12.798 -2.463  1.00 21.67  ? 51  ASP A N   1 
ATOM   400 C  CA  . ASP A 1 51 ? -6.014  -12.986 -3.879  1.00 19.10  ? 51  ASP A CA  1 
ATOM   401 C  C   . ASP A 1 51 ? -7.045  -12.329 -4.782  1.00 25.25  ? 51  ASP A C   1 
ATOM   402 O  O   . ASP A 1 51 ? -7.038  -12.575 -5.997  1.00 23.70  ? 51  ASP A O   1 
ATOM   403 C  CB  . ASP A 1 51 ? -5.879  -14.476 -4.235  1.00 21.67  ? 51  ASP A CB  1 
ATOM   404 C  CG  . ASP A 1 51 ? -7.104  -15.324 -3.906  1.00 23.95  ? 51  ASP A CG  1 
ATOM   405 O  OD1 . ASP A 1 51 ? -8.110  -14.845 -3.359  1.00 20.67  ? 51  ASP A OD1 1 
ATOM   406 O  OD2 . ASP A 1 51 ? -7.065  -16.524 -4.263  1.00 24.97  ? 51  ASP A OD2 1 
ATOM   407 N  N   . ALA A 1 52 ? -7.915  -11.482 -4.239  1.00 21.62  ? 52  ALA A N   1 
ATOM   408 C  CA  . ALA A 1 52 ? -8.776  -10.699 -5.107  1.00 19.32  ? 52  ALA A CA  1 
ATOM   409 C  C   . ALA A 1 52 ? -7.959  -9.738  -5.966  1.00 26.78  ? 52  ALA A C   1 
ATOM   410 O  O   . ALA A 1 52 ? -6.868  -9.297  -5.589  1.00 22.64  ? 52  ALA A O   1 
ATOM   411 C  CB  . ALA A 1 52 ? -9.793  -9.911  -4.289  1.00 21.81  ? 52  ALA A CB  1 
ATOM   412 N  N   A GLU A 1 53 ? -8.511  -9.371  -7.129  0.70 21.65  ? 53  GLU A N   1 
ATOM   413 N  N   B GLU A 1 53 ? -8.478  -9.467  -7.160  0.30 21.82  ? 53  GLU A N   1 
ATOM   414 C  CA  A GLU A 1 53 ? -7.863  -8.400  -8.020  0.70 22.18  ? 53  GLU A CA  1 
ATOM   415 C  CA  B GLU A 1 53 ? -7.947  -8.405  -8.003  0.30 22.46  ? 53  GLU A CA  1 
ATOM   416 C  C   A GLU A 1 53 ? -8.280  -6.981  -7.623  0.70 25.11  ? 53  GLU A C   1 
ATOM   417 C  C   B GLU A 1 53 ? -8.461  -7.100  -7.416  0.30 25.63  ? 53  GLU A C   1 
ATOM   418 O  O   A GLU A 1 53 ? -9.110  -6.331  -8.259  0.70 31.64  ? 53  GLU A O   1 
ATOM   419 O  O   B GLU A 1 53 ? -9.585  -6.671  -7.678  0.30 28.06  ? 53  GLU A O   1 
ATOM   420 C  CB  A GLU A 1 53 ? -8.196  -8.703  -9.478  0.70 26.05  ? 53  GLU A CB  1 
ATOM   421 C  CB  B GLU A 1 53 ? -8.370  -8.592  -9.454  0.30 26.36  ? 53  GLU A CB  1 
ATOM   422 C  CG  A GLU A 1 53 ? -7.369  -9.823  -10.057 0.70 29.70  ? 53  GLU A CG  1 
ATOM   423 C  CG  B GLU A 1 53 ? -7.546  -7.784  -10.435 0.30 25.86  ? 53  GLU A CG  1 
ATOM   424 C  CD  A GLU A 1 53 ? -7.227  -9.724  -11.561 0.70 34.77  ? 53  GLU A CD  1 
ATOM   425 C  CD  B GLU A 1 53 ? -6.066  -8.101  -10.349 0.30 31.10  ? 53  GLU A CD  1 
ATOM   426 O  OE1 A GLU A 1 53 ? -8.104  -9.102  -12.196 0.70 32.25  ? 53  GLU A OE1 1 
ATOM   427 O  OE1 B GLU A 1 53 ? -5.720  -9.285  -10.139 0.30 34.34  ? 53  GLU A OE1 1 
ATOM   428 O  OE2 A GLU A 1 53 ? -6.237  -10.264 -12.101 0.70 41.85  ? 53  GLU A OE2 1 
ATOM   429 O  OE2 B GLU A 1 53 ? -5.246  -7.169  -10.489 0.30 37.30  ? 53  GLU A OE2 1 
ATOM   430 N  N   . LEU A 1 54 ? -7.647  -6.486  -6.566  1.00 22.91  ? 54  LEU A N   1 
ATOM   431 C  CA  . LEU A 1 54 ? -7.979  -5.203  -5.970  1.00 22.06  ? 54  LEU A CA  1 
ATOM   432 C  C   . LEU A 1 54 ? -7.272  -4.095  -6.724  1.00 21.79  ? 54  LEU A C   1 
ATOM   433 O  O   . LEU A 1 54 ? -6.109  -4.244  -7.100  1.00 30.93  ? 54  LEU A O   1 
ATOM   434 C  CB  . LEU A 1 54 ? -7.546  -5.170  -4.508  1.00 23.44  ? 54  LEU A CB  1 
ATOM   435 C  CG  . LEU A 1 54 ? -8.079  -6.309  -3.635  1.00 24.64  ? 54  LEU A CG  1 
ATOM   436 C  CD1 . LEU A 1 54 ? -7.416  -6.302  -2.270  1.00 24.08  ? 54  LEU A CD1 1 
ATOM   437 C  CD2 . LEU A 1 54 ? -9.568  -6.160  -3.487  1.00 25.20  ? 54  LEU A CD2 1 
ATOM   438 N  N   . SER A 1 55 ? -7.961  -2.989  -6.940  1.00 21.03  ? 55  SER A N   1 
ATOM   439 C  CA  . SER A 1 55 ? -7.304  -1.789  -7.436  1.00 21.97  ? 55  SER A CA  1 
ATOM   440 C  C   . SER A 1 55 ? -6.764  -1.012  -6.236  1.00 19.68  ? 55  SER A C   1 
ATOM   441 O  O   . SER A 1 55 ? -7.538  -0.560  -5.388  1.00 21.82  ? 55  SER A O   1 
ATOM   442 C  CB  . SER A 1 55 ? -8.265  -0.934  -8.263  1.00 29.19  ? 55  SER A CB  1 
ATOM   443 O  OG  . SER A 1 55 ? -7.822  0.409   -8.357  1.00 34.42  ? 55  SER A OG  1 
ATOM   444 N  N   . LEU A 1 56 ? -5.443  -0.859  -6.169  1.00 16.32  ? 56  LEU A N   1 
ATOM   445 C  CA  . LEU A 1 56 ? -4.765  -0.145  -5.094  1.00 18.71  ? 56  LEU A CA  1 
ATOM   446 C  C   . LEU A 1 56 ? -4.123  1.090   -5.710  1.00 18.59  ? 56  LEU A C   1 
ATOM   447 O  O   . LEU A 1 56 ? -3.211  0.963   -6.531  1.00 18.92  ? 56  LEU A O   1 
ATOM   448 C  CB  . LEU A 1 56 ? -3.721  -1.035  -4.426  1.00 19.64  ? 56  LEU A CB  1 
ATOM   449 C  CG  . LEU A 1 56 ? -4.257  -2.397  -3.957  1.00 22.15  ? 56  LEU A CG  1 
ATOM   450 C  CD1 . LEU A 1 56 ? -3.146  -3.250  -3.323  1.00 24.66  ? 56  LEU A CD1 1 
ATOM   451 C  CD2 . LEU A 1 56 ? -5.391  -2.169  -2.983  1.00 16.79  ? 56  LEU A CD2 1 
ATOM   452 N  N   . THR A 1 57 ? -4.630  2.278   -5.362  1.00 14.10  ? 57  THR A N   1 
ATOM   453 C  CA  . THR A 1 57 ? -4.165  3.503   -6.000  1.00 15.46  ? 57  THR A CA  1 
ATOM   454 C  C   . THR A 1 57 ? -3.772  4.548   -4.965  1.00 20.21  ? 57  THR A C   1 
ATOM   455 O  O   . THR A 1 57 ? -4.315  4.574   -3.858  1.00 18.19  ? 57  THR A O   1 
ATOM   456 C  CB  . THR A 1 57 ? -5.240  4.105   -6.929  1.00 20.25  ? 57  THR A CB  1 
ATOM   457 O  OG1 . THR A 1 57 ? -6.474  4.279   -6.222  1.00 21.55  ? 57  THR A OG1 1 
ATOM   458 C  CG2 . THR A 1 57 ? -5.459  3.188   -8.143  1.00 18.63  ? 57  THR A CG2 1 
ATOM   459 N  N   . TYR A 1 58 ? -2.835  5.424   -5.330  1.00 14.85  ? 58  TYR A N   1 
ATOM   460 C  CA  . TYR A 1 58 ? -2.602  6.633   -4.554  1.00 15.25  ? 58  TYR A CA  1 
ATOM   461 C  C   . TYR A 1 58 ? -2.470  7.824   -5.486  1.00 17.59  ? 58  TYR A C   1 
ATOM   462 O  O   . TYR A 1 58 ? -2.201  7.661   -6.675  1.00 17.22  ? 58  TYR A O   1 
ATOM   463 C  CB  . TYR A 1 58 ? -1.366  6.520   -3.656  1.00 17.58  ? 58  TYR A CB  1 
ATOM   464 C  CG  . TYR A 1 58 ? -0.005  6.448   -4.316  1.00 17.86  ? 58  TYR A CG  1 
ATOM   465 C  CD1 . TYR A 1 58 ? 0.753   7.605   -4.526  1.00 18.26  ? 58  TYR A CD1 1 
ATOM   466 C  CD2 . TYR A 1 58 ? 0.562   5.217   -4.654  1.00 19.33  ? 58  TYR A CD2 1 
ATOM   467 C  CE1 . TYR A 1 58 ? 2.027   7.533   -5.077  1.00 17.69  ? 58  TYR A CE1 1 
ATOM   468 C  CE2 . TYR A 1 58 ? 1.831   5.136   -5.201  1.00 21.17  ? 58  TYR A CE2 1 
ATOM   469 C  CZ  . TYR A 1 58 ? 2.556   6.306   -5.417  1.00 25.20  ? 58  TYR A CZ  1 
ATOM   470 O  OH  . TYR A 1 58 ? 3.820   6.235   -5.967  1.00 25.47  ? 58  TYR A OH  1 
ATOM   471 N  N   . SER A 1 59 ? -2.712  9.025   -4.946  1.00 16.69  ? 59  SER A N   1 
ATOM   472 C  CA  . SER A 1 59 ? -2.605  10.256  -5.729  1.00 16.45  ? 59  SER A CA  1 
ATOM   473 C  C   . SER A 1 59 ? -1.245  10.892  -5.503  1.00 20.76  ? 59  SER A C   1 
ATOM   474 O  O   . SER A 1 59 ? -0.889  11.226  -4.365  1.00 25.36  ? 59  SER A O   1 
ATOM   475 C  CB  . SER A 1 59 ? -3.726  11.248  -5.403  1.00 23.92  ? 59  SER A CB  1 
ATOM   476 O  OG  . SER A 1 59 ? -4.998  10.640  -5.501  1.00 25.16  ? 59  SER A OG  1 
ATOM   477 N  N   . ALA A 1 60 ? -0.507  11.090  -6.588  1.00 21.34  ? 60  ALA A N   1 
ATOM   478 C  CA  . ALA A 1 60 ? 0.842   11.622  -6.520  1.00 21.61  ? 60  ALA A CA  1 
ATOM   479 C  C   . ALA A 1 60 ? 0.801   13.145  -6.445  1.00 29.35  ? 60  ALA A C   1 
ATOM   480 O  O   . ALA A 1 60 ? -0.241  13.778  -6.629  1.00 25.71  ? 60  ALA A O   1 
ATOM   481 C  CB  . ALA A 1 60 ? 1.651   11.146  -7.723  1.00 24.68  ? 60  ALA A CB  1 
ATOM   482 N  N   . ALA A 1 61 ? 1.965   13.737  -6.158  1.00 31.62  ? 61  ALA A N   1 
ATOM   483 C  CA  . ALA A 1 61 ? 2.038   15.184  -6.001  1.00 38.47  ? 61  ALA A CA  1 
ATOM   484 C  C   . ALA A 1 61 ? 1.792   15.931  -7.306  1.00 25.73  ? 61  ALA A C   1 
ATOM   485 O  O   . ALA A 1 61 ? 1.434   17.113  -7.262  1.00 41.80  ? 61  ALA A O   1 
ATOM   486 C  CB  . ALA A 1 61 ? 3.395   15.587  -5.418  1.00 38.95  ? 61  ALA A CB  1 
ATOM   487 N  N   . ASP A 1 62 ? 1.982   15.292  -8.461  1.00 27.07  ? 62  ASP A N   1 
ATOM   488 C  CA  . ASP A 1 62 ? 1.720   15.947  -9.737  1.00 29.81  ? 62  ASP A CA  1 
ATOM   489 C  C   . ASP A 1 62 ? 0.275   15.802  -10.181 1.00 29.63  ? 62  ASP A C   1 
ATOM   490 O  O   . ASP A 1 62 ? -0.028  16.091  -11.343 1.00 27.98  ? 62  ASP A O   1 
ATOM   491 C  CB  . ASP A 1 62 ? 2.654   15.419  -10.844 1.00 27.71  ? 62  ASP A CB  1 
ATOM   492 C  CG  . ASP A 1 62 ? 2.489   13.920  -11.115 1.00 30.09  ? 62  ASP A CG  1 
ATOM   493 O  OD1 . ASP A 1 62 ? 1.590   13.275  -10.526 1.00 29.84  ? 62  ASP A OD1 1 
ATOM   494 O  OD2 . ASP A 1 62 ? 3.278   13.376  -11.916 1.00 31.51  ? 62  ASP A OD2 1 
ATOM   495 N  N   . GLY A 1 63 ? -0.620  15.363  -9.289  1.00 26.48  ? 63  GLY A N   1 
ATOM   496 C  CA  . GLY A 1 63 ? -2.022  15.214  -9.619  1.00 26.27  ? 63  GLY A CA  1 
ATOM   497 C  C   . GLY A 1 63 ? -2.379  13.991  -10.430 1.00 21.18  ? 63  GLY A C   1 
ATOM   498 O  O   . GLY A 1 63 ? -3.543  13.861  -10.846 1.00 22.66  ? 63  GLY A O   1 
ATOM   499 N  N   . ALA A 1 64 ? -1.431  13.102  -10.700 1.00 18.99  ? 64  ALA A N   1 
ATOM   500 C  CA  . ALA A 1 64 ? -1.726  11.879  -11.426 1.00 14.67  ? 64  ALA A CA  1 
ATOM   501 C  C   . ALA A 1 64 ? -1.889  10.745  -10.421 1.00 17.29  ? 64  ALA A C   1 
ATOM   502 O  O   . ALA A 1 64 ? -1.344  10.805  -9.323  1.00 22.92  ? 64  ALA A O   1 
ATOM   503 C  CB  . ALA A 1 64 ? -0.624  11.537  -12.422 1.00 20.80  ? 64  ALA A CB  1 
ATOM   504 N  N   . VAL A 1 65 ? -2.697  9.783   -10.753 1.00 17.51  ? 65  VAL A N   1 
ATOM   505 C  CA  . VAL A 1 65 ? -2.914  8.624   -9.881  1.00 13.40  ? 65  VAL A CA  1 
ATOM   506 C  C   . VAL A 1 65 ? -1.898  7.553   -10.227 1.00 17.32  ? 65  VAL A C   1 
ATOM   507 O  O   . VAL A 1 65 ? -1.630  7.288   -11.406 1.00 18.45  ? 65  VAL A O   1 
ATOM   508 C  CB  . VAL A 1 65 ? -4.355  8.093   -10.025 1.00 15.25  ? 65  VAL A CB  1 
ATOM   509 C  CG1 . VAL A 1 65 ? -4.531  6.701   -9.362  1.00 15.39  ? 65  VAL A CG1 1 
ATOM   510 C  CG2 . VAL A 1 65 ? -5.343  9.078   -9.430  1.00 19.51  ? 65  VAL A CG2 1 
ATOM   511 N  N   . VAL A 1 66 ? -1.344  6.910   -9.197  1.00 13.48  ? 66  VAL A N   1 
ATOM   512 C  CA  . VAL A 1 66 ? -0.434  5.787   -9.334  1.00 13.91  ? 66  VAL A CA  1 
ATOM   513 C  C   . VAL A 1 66 ? -1.168  4.512   -8.939  1.00 19.69  ? 66  VAL A C   1 
ATOM   514 O  O   . VAL A 1 66 ? -1.726  4.427   -7.837  1.00 17.70  ? 66  VAL A O   1 
ATOM   515 C  CB  . VAL A 1 66 ? 0.815   5.960   -8.459  1.00 14.15  ? 66  VAL A CB  1 
ATOM   516 C  CG1 . VAL A 1 66 ? 1.729   4.753   -8.633  1.00 20.42  ? 66  VAL A CG1 1 
ATOM   517 C  CG2 . VAL A 1 66 ? 1.540   7.280   -8.729  1.00 17.85  ? 66  VAL A CG2 1 
ATOM   518 N  N   . ALA A 1 67 ? -1.161  3.518   -9.818  1.00 16.42  ? 67  ALA A N   1 
ATOM   519 C  CA  . ALA A 1 67 ? -1.700  2.202   -9.476  1.00 17.20  ? 67  ALA A CA  1 
ATOM   520 C  C   . ALA A 1 67 ? -0.584  1.274   -9.023  1.00 20.39  ? 67  ALA A C   1 
ATOM   521 O  O   . ALA A 1 67 ? 0.405   1.079   -9.739  1.00 25.34  ? 67  ALA A O   1 
ATOM   522 C  CB  . ALA A 1 67 ? -2.433  1.578   -10.655 1.00 19.69  ? 67  ALA A CB  1 
ATOM   523 N  N   . LEU A 1 68 ? -0.763  0.677   -7.852  1.00 16.40  ? 68  LEU A N   1 
ATOM   524 C  CA  . LEU A 1 68 ? 0.168   -0.326  -7.352  1.00 14.37  ? 68  LEU A CA  1 
ATOM   525 C  C   . LEU A 1 68 ? -0.218  -1.652  -7.988  1.00 22.94  ? 68  LEU A C   1 
ATOM   526 O  O   . LEU A 1 68 ? -1.167  -2.313  -7.553  1.00 25.60  ? 68  LEU A O   1 
ATOM   527 C  CB  . LEU A 1 68 ? 0.119   -0.389  -5.831  1.00 16.19  ? 68  LEU A CB  1 
ATOM   528 C  CG  . LEU A 1 68 ? 0.414   0.913   -5.091  1.00 18.58  ? 68  LEU A CG  1 
ATOM   529 C  CD1 . LEU A 1 68 ? 0.174   0.689   -3.588  1.00 23.02  ? 68  LEU A CD1 1 
ATOM   530 C  CD2 . LEU A 1 68 ? 1.834   1.389   -5.342  1.00 21.31  ? 68  LEU A CD2 1 
ATOM   531 N  N   . VAL A 1 69 ? 0.483   -2.027  -9.058  1.00 20.87  ? 69  VAL A N   1 
ATOM   532 C  CA  . VAL A 1 69 ? 0.206   -3.299  -9.720  1.00 19.74  ? 69  VAL A CA  1 
ATOM   533 C  C   . VAL A 1 69 ? 1.349   -4.301  -9.594  1.00 26.71  ? 69  VAL A C   1 
ATOM   534 O  O   . VAL A 1 69 ? 1.098   -5.510  -9.731  1.00 30.65  ? 69  VAL A O   1 
ATOM   535 C  CB  . VAL A 1 69 ? -0.180  -3.098  -11.203 1.00 22.24  ? 69  VAL A CB  1 
ATOM   536 C  CG1 . VAL A 1 69 ? -1.525  -2.405  -11.311 1.00 25.03  ? 69  VAL A CG1 1 
ATOM   537 C  CG2 . VAL A 1 69 ? 0.872   -2.294  -11.963 1.00 30.12  ? 69  VAL A CG2 1 
ATOM   538 N  N   . ASP A 1 70 ? 2.576   -3.864  -9.301  1.00 24.00  ? 70  ASP A N   1 
ATOM   539 C  CA  . ASP A 1 70 ? 3.670   -4.806  -9.120  1.00 29.07  ? 70  ASP A CA  1 
ATOM   540 C  C   . ASP A 1 70 ? 4.662   -4.271  -8.093  1.00 25.53  ? 70  ASP A C   1 
ATOM   541 O  O   . ASP A 1 70 ? 4.542   -3.146  -7.599  1.00 23.80  ? 70  ASP A O   1 
ATOM   542 C  CB  . ASP A 1 70 ? 4.362   -5.125  -10.464 1.00 27.89  ? 70  ASP A CB  1 
ATOM   543 C  CG  . ASP A 1 70 ? 4.841   -3.884  -11.195 1.00 32.98  ? 70  ASP A CG  1 
ATOM   544 O  OD1 . ASP A 1 70 ? 5.541   -3.063  -10.570 1.00 29.61  ? 70  ASP A OD1 1 
ATOM   545 O  OD2 . ASP A 1 70 ? 4.539   -3.727  -12.407 1.00 31.20  ? 70  ASP A OD2 1 
ATOM   546 N  N   . ASP A 1 71 ? 5.654   -5.108  -7.775  1.00 26.11  ? 71  ASP A N   1 
ATOM   547 C  CA  . ASP A 1 71 ? 6.634   -4.746  -6.753  1.00 29.54  ? 71  ASP A CA  1 
ATOM   548 C  C   . ASP A 1 71 ? 7.457   -3.528  -7.153  1.00 25.92  ? 71  ASP A C   1 
ATOM   549 O  O   . ASP A 1 71 ? 7.946   -2.801  -6.280  1.00 35.24  ? 71  ASP A O   1 
ATOM   550 C  CB  . ASP A 1 71 ? 7.560   -5.931  -6.466  1.00 28.43  ? 71  ASP A CB  1 
ATOM   551 C  CG  . ASP A 1 71 ? 6.912   -6.981  -5.591  1.00 34.10  ? 71  ASP A CG  1 
ATOM   552 O  OD1 . ASP A 1 71 ? 5.936   -6.646  -4.899  1.00 33.11  ? 71  ASP A OD1 1 
ATOM   553 O  OD2 . ASP A 1 71 ? 7.390   -8.135  -5.587  1.00 38.95  ? 71  ASP A OD2 1 
ATOM   554 N  N   . ASN A 1 72 ? 7.632   -3.285  -8.459  1.00 29.69  ? 72  ASN A N   1 
ATOM   555 C  CA  . ASN A 1 72 ? 8.364   -2.097  -8.876  1.00 24.57  ? 72  ASN A CA  1 
ATOM   556 C  C   . ASN A 1 72 ? 7.641   -0.820  -8.471  1.00 23.01  ? 72  ASN A C   1 
ATOM   557 O  O   . ASN A 1 72 ? 8.291   0.183   -8.143  1.00 27.07  ? 72  ASN A O   1 
ATOM   558 C  CB  . ASN A 1 72 ? 8.596   -2.123  -10.387 1.00 31.03  ? 72  ASN A CB  1 
ATOM   559 C  CG  . ASN A 1 72 ? 9.491   -3.268  -10.812 1.00 39.35  ? 72  ASN A CG  1 
ATOM   560 O  OD1 . ASN A 1 72 ? 10.556  -3.481  -10.235 1.00 40.50  ? 72  ASN A OD1 1 
ATOM   561 N  ND2 . ASN A 1 72 ? 9.066   -4.011  -11.827 1.00 47.46  ? 72  ASN A ND2 1 
ATOM   562 N  N   . ASP A 1 73 ? 6.306   -0.830  -8.497  1.00 22.03  ? 73  ASP A N   1 
ATOM   563 C  CA  . ASP A 1 73 ? 5.542   0.320   -8.031  1.00 20.81  ? 73  ASP A CA  1 
ATOM   564 C  C   . ASP A 1 73 ? 5.749   0.565   -6.537  1.00 21.65  ? 73  ASP A C   1 
ATOM   565 O  O   . ASP A 1 73 ? 5.748   1.716   -6.093  1.00 21.44  ? 73  ASP A O   1 
ATOM   566 C  CB  . ASP A 1 73 ? 4.054   0.123   -8.306  1.00 26.00  ? 73  ASP A CB  1 
ATOM   567 C  CG  . ASP A 1 73 ? 3.761   -0.097  -9.765  1.00 30.00  ? 73  ASP A CG  1 
ATOM   568 O  OD1 . ASP A 1 73 ? 4.238   0.708   -10.601 1.00 27.40  ? 73  ASP A OD1 1 
ATOM   569 O  OD2 . ASP A 1 73 ? 3.048   -1.064  -10.075 1.00 25.13  ? 73  ASP A OD2 1 
ATOM   570 N  N   . LEU A 1 74 ? 5.869   -0.507  -5.753  1.00 23.41  ? 74  LEU A N   1 
ATOM   571 C  CA  . LEU A 1 74 ? 6.084   -0.330  -4.316  1.00 25.87  ? 74  LEU A CA  1 
ATOM   572 C  C   . LEU A 1 74 ? 7.517   0.070   -4.026  1.00 31.93  ? 74  LEU A C   1 
ATOM   573 O  O   . LEU A 1 74 ? 7.775   0.905   -3.144  1.00 36.20  ? 74  LEU A O   1 
ATOM   574 C  CB  . LEU A 1 74 ? 5.724   -1.604  -3.555  1.00 33.87  ? 74  LEU A CB  1 
ATOM   575 C  CG  . LEU A 1 74 ? 4.292   -1.711  -3.058  1.00 35.56  ? 74  LEU A CG  1 
ATOM   576 C  CD1 . LEU A 1 74 ? 4.064   -3.124  -2.511  1.00 48.77  ? 74  LEU A CD1 1 
ATOM   577 C  CD2 . LEU A 1 74 ? 4.030   -0.643  -2.006  1.00 38.17  ? 74  LEU A CD2 1 
ATOM   578 N  N   . PHE A 1 75 ? 8.475   -0.528  -4.737  1.00 35.99  ? 75  PHE A N   1 
ATOM   579 C  CA  . PHE A 1 75 ? 9.866   -0.103  -4.645  1.00 38.58  ? 75  PHE A CA  1 
ATOM   580 C  C   . PHE A 1 75 ? 9.997   1.390   -4.906  1.00 43.02  ? 75  PHE A C   1 
ATOM   581 O  O   . PHE A 1 75 ? 10.773  2.086   -4.242  1.00 37.17  ? 75  PHE A O   1 
ATOM   582 C  CB  . PHE A 1 75 ? 10.713  -0.902  -5.637  1.00 40.14  ? 75  PHE A CB  1 
ATOM   583 C  CG  . PHE A 1 75 ? 12.188  -0.625  -5.559  1.00 49.72  ? 75  PHE A CG  1 
ATOM   584 C  CD1 . PHE A 1 75 ? 12.954  -1.140  -4.527  1.00 58.71  ? 75  PHE A CD1 1 
ATOM   585 C  CD2 . PHE A 1 75 ? 12.819  0.115   -6.542  1.00 57.99  ? 75  PHE A CD2 1 
ATOM   586 C  CE1 . PHE A 1 75 ? 14.317  -0.897  -4.467  1.00 59.60  ? 75  PHE A CE1 1 
ATOM   587 C  CE2 . PHE A 1 75 ? 14.187  0.349   -6.486  1.00 60.28  ? 75  PHE A CE2 1 
ATOM   588 C  CZ  . PHE A 1 75 ? 14.930  -0.146  -5.443  1.00 64.24  ? 75  PHE A CZ  1 
ATOM   589 N  N   . ASP A 1 76 ? 9.220   1.903   -5.857  1.00 30.11  ? 76  ASP A N   1 
ATOM   590 C  CA  . ASP A 1 76 ? 9.295   3.311   -6.204  1.00 31.86  ? 76  ASP A CA  1 
ATOM   591 C  C   . ASP A 1 76 ? 8.611   4.225   -5.195  1.00 32.40  ? 76  ASP A C   1 
ATOM   592 O  O   . ASP A 1 76 ? 8.835   5.438   -5.234  1.00 27.92  ? 76  ASP A O   1 
ATOM   593 C  CB  . ASP A 1 76 ? 8.707   3.530   -7.589  1.00 27.34  ? 76  ASP A CB  1 
ATOM   594 C  CG  . ASP A 1 76 ? 9.426   4.627   -8.338  1.00 40.88  ? 76  ASP A CG  1 
ATOM   595 O  OD1 . ASP A 1 76 ? 10.666  4.537   -8.468  1.00 48.17  ? 76  ASP A OD1 1 
ATOM   596 O  OD2 . ASP A 1 76 ? 8.759   5.578   -8.791  1.00 36.22  ? 76  ASP A OD2 1 
ATOM   597 N  N   . VAL A 1 77 ? 7.834   3.719   -4.258  1.00 30.42  ? 77  VAL A N   1 
ATOM   598 C  CA  . VAL A 1 77 ? 7.333   4.577   -3.153  1.00 32.71  ? 77  VAL A CA  1 
ATOM   599 C  C   . VAL A 1 77 ? 8.536   5.016   -2.314  1.00 40.53  ? 77  VAL A C   1 
ATOM   600 O  O   . VAL A 1 77 ? 8.621   6.174   -1.958  1.00 41.35  ? 77  VAL A O   1 
ATOM   601 C  CB  . VAL A 1 77 ? 6.287   3.834   -2.311  1.00 30.96  ? 77  VAL A CB  1 
ATOM   602 C  CG1 . VAL A 1 77 ? 6.061   4.500   -0.968  1.00 31.44  ? 77  VAL A CG1 1 
ATOM   603 C  CG2 . VAL A 1 77 ? 4.974   3.691   -3.061  1.00 23.65  ? 77  VAL A CG2 1 
ATOM   604 N  N   . THR A 1 78 ? 9.426   4.087   -2.037  1.00 42.00  ? 78  THR A N   1 
ATOM   605 C  CA  . THR A 1 78 ? 10.640  4.358   -1.227  1.00 48.31  ? 78  THR A CA  1 
ATOM   606 C  C   . THR A 1 78 ? 11.641  5.175   -2.045  1.00 50.61  ? 78  THR A C   1 
ATOM   607 O  O   . THR A 1 78 ? 12.217  6.113   -1.499  1.00 48.16  ? 78  THR A O   1 
ATOM   608 C  CB  . THR A 1 78 ? 11.249  3.004   -0.846  1.00 46.23  ? 78  THR A CB  1 
ATOM   609 O  OG1 . THR A 1 78 ? 12.143  2.561   -1.862  1.00 61.74  ? 78  THR A OG1 1 
ATOM   610 C  CG2 . THR A 1 78 ? 10.216  1.925   -0.629  1.00 54.48  ? 78  THR A CG2 1 
ATOM   611 N  N   . ASN A 1 79 ? 11.843  4.800   -3.303  1.00 42.26  ? 79  ASN A N   1 
ATOM   612 C  CA  . ASN A 1 79 ? 12.834  5.492   -4.158  1.00 47.38  ? 79  ASN A CA  1 
ATOM   613 C  C   . ASN A 1 79 ? 12.507  6.965   -4.156  1.00 48.46  ? 79  ASN A C   1 
ATOM   614 O  O   . ASN A 1 79 ? 13.409  7.783   -4.142  1.00 54.68  ? 79  ASN A O   1 
ATOM   615 C  CB  . ASN A 1 79 ? 12.788  5.025   -5.604  1.00 39.46  ? 79  ASN A CB  1 
ATOM   616 C  CG  . ASN A 1 79 ? 13.334  3.641   -5.824  1.00 51.64  ? 79  ASN A CG  1 
ATOM   617 O  OD1 . ASN A 1 79 ? 13.777  2.991   -4.886  1.00 51.04  ? 79  ASN A OD1 1 
ATOM   618 N  ND2 . ASN A 1 79 ? 13.295  3.200   -7.067  1.00 46.38  ? 79  ASN A ND2 1 
ATOM   619 N  N   . GLN A 1 80 ? 11.235  7.246   -4.114  1.00 41.18  ? 80  GLN A N   1 
ATOM   620 C  CA  . GLN A 1 80 ? 10.736  8.654   -4.135  1.00 38.14  ? 80  GLN A CA  1 
ATOM   621 C  C   . GLN A 1 80 ? 10.739  9.325   -2.742  1.00 56.46  ? 80  GLN A C   1 
ATOM   622 O  O   . GLN A 1 80 ? 10.236  10.446  -2.622  1.00 61.40  ? 80  GLN A O   1 
ATOM   623 C  CB  . GLN A 1 80 ? 9.340   8.747   -4.756  1.00 43.10  ? 80  GLN A CB  1 
ATOM   624 C  CG  . GLN A 1 80 ? 9.303   8.543   -6.261  1.00 36.50  ? 80  GLN A CG  1 
ATOM   625 C  CD  . GLN A 1 80 ? 7.895   8.491   -6.802  1.00 40.64  ? 80  GLN A CD  1 
ATOM   626 O  OE1 . GLN A 1 80 ? 7.049   7.749   -6.322  1.00 51.55  ? 80  GLN A OE1 1 
ATOM   627 N  NE2 . GLN A 1 80 ? 7.632   9.290   -7.821  1.00 45.92  ? 80  GLN A NE2 1 
ATOM   628 N  N   . ARG A 1 81 ? 11.211  8.621   -1.727  1.00 52.54  ? 81  ARG A N   1 
ATOM   629 C  CA  . ARG A 1 81 ? 11.292  9.174   -0.359  1.00 56.63  ? 81  ARG A CA  1 
ATOM   630 C  C   . ARG A 1 81 ? 9.937   9.639   0.167   1.00 63.64  ? 81  ARG A C   1 
ATOM   631 O  O   . ARG A 1 81 ? 9.905   10.622  0.884   1.00 68.58  ? 81  ARG A O   1 
ATOM   632 C  CB  . ARG A 1 81 ? 12.378  10.236  -0.273  1.00 57.79  ? 81  ARG A CB  1 
ATOM   633 C  CG  . ARG A 1 81 ? 13.785  9.722   -0.532  1.00 66.72  ? 81  ARG A CG  1 
ATOM   634 C  CD  . ARG A 1 81 ? 14.759  10.867  -0.345  1.00 71.88  ? 81  ARG A CD  1 
ATOM   635 N  NE  . ARG A 1 81 ? 16.064  10.591  -0.918  1.00 74.22  ? 81  ARG A NE  1 
ATOM   636 C  CZ  . ARG A 1 81 ? 17.096  10.103  -0.241  1.00 75.96  ? 81  ARG A CZ  1 
ATOM   637 N  NH1 . ARG A 1 81 ? 16.980  9.832   1.048   1.00 75.32  ? 81  ARG A NH1 1 
ATOM   638 N  NH2 . ARG A 1 81 ? 18.241  9.886   -0.859  1.00 79.78  ? 81  ARG A NH2 1 
ATOM   639 N  N   . LEU A 1 82 ? 8.851   8.957   -0.193  1.00 59.78  ? 82  LEU A N   1 
ATOM   640 C  CA  . LEU A 1 82 ? 7.561   9.238   0.479   1.00 56.29  ? 82  LEU A CA  1 
ATOM   641 C  C   . LEU A 1 82 ? 7.651   8.762   1.932   1.00 48.34  ? 82  LEU A C   1 
ATOM   642 O  O   . LEU A 1 82 ? 8.250   7.700   2.163   1.00 53.56  ? 82  LEU A O   1 
ATOM   643 C  CB  . LEU A 1 82 ? 6.419   8.546   -0.275  1.00 43.40  ? 82  LEU A CB  1 
ATOM   644 C  CG  . LEU A 1 82 ? 6.363   8.814   -1.778  1.00 58.86  ? 82  LEU A CG  1 
ATOM   645 C  CD1 . LEU A 1 82 ? 5.060   8.305   -2.371  1.00 48.03  ? 82  LEU A CD1 1 
ATOM   646 C  CD2 . LEU A 1 82 ? 6.540   10.295  -2.071  1.00 59.25  ? 82  LEU A CD2 1 
ATOM   647 N  N   . LYS A 1 83 ? 7.027   9.494   2.837   1.00 50.94  ? 83  LYS A N   1 
ATOM   648 C  CA  . LYS A 1 83 ? 6.990   9.086   4.269   1.00 59.05  ? 83  LYS A CA  1 
ATOM   649 C  C   . LYS A 1 83 ? 5.569   8.732   4.672   1.00 53.08  ? 83  LYS A C   1 
ATOM   650 O  O   . LYS A 1 83 ? 5.388   8.076   5.699   1.00 52.18  ? 83  LYS A O   1 
ATOM   651 C  CB  . LYS A 1 83 ? 7.354   10.294  5.123   1.00 58.91  ? 83  LYS A CB  1 
ATOM   652 C  CG  . LYS A 1 83 ? 7.427   10.006  6.619   1.00 52.66  ? 83  LYS A CG  1 
ATOM   653 C  CD  . LYS A 1 83 ? 7.551   11.236  7.487   1.00 69.90  ? 83  LYS A CD  1 
ATOM   654 C  CE  . LYS A 1 83 ? 7.695   10.917  8.958   1.00 64.14  ? 83  LYS A CE  1 
ATOM   655 N  NZ  . LYS A 1 83 ? 9.001   10.284  9.257   1.00 68.07  ? 83  LYS A NZ  1 
ATOM   656 N  N   . PHE A 1 84 ? 4.609   8.963   4.006   1.00 42.33  ? 84  PHE A N   1 
ATOM   657 C  CA  . PHE A 1 84 ? 3.135   8.823   4.039   1.00 41.54  ? 84  PHE A CA  1 
ATOM   658 C  C   . PHE A 1 84 ? 2.665   8.344   2.672   1.00 36.93  ? 84  PHE A C   1 
ATOM   659 O  O   . PHE A 1 84 ? 3.118   8.871   1.668   1.00 37.54  ? 84  PHE A O   1 
ATOM   660 C  CB  . PHE A 1 84 ? 2.472   10.114  4.511   1.00 37.22  ? 84  PHE A CB  1 
ATOM   661 C  CG  . PHE A 1 84 ? 0.969   10.085  4.508   1.00 50.94  ? 84  PHE A CG  1 
ATOM   662 C  CD1 . PHE A 1 84 ? 0.283   9.079   5.165   1.00 47.89  ? 84  PHE A CD1 1 
ATOM   663 C  CD2 . PHE A 1 84 ? 0.240   11.067  3.861   1.00 52.82  ? 84  PHE A CD2 1 
ATOM   664 C  CE1 . PHE A 1 84 ? -1.099  9.048   5.166   1.00 47.73  ? 84  PHE A CE1 1 
ATOM   665 C  CE2 . PHE A 1 84 ? -1.144  11.034  3.861   1.00 48.62  ? 84  PHE A CE2 1 
ATOM   666 C  CZ  . PHE A 1 84 ? -1.810  10.031  4.525   1.00 41.61  ? 84  PHE A CZ  1 
ATOM   667 N  N   . LEU A 1 85 ? 1.866   7.232   2.910   1.00 26.36  ? 85  LEU A N   1 
ATOM   668 C  CA  . LEU A 1 85 ? 1.180   6.719   1.718   1.00 27.31  ? 85  LEU A CA  1 
ATOM   669 C  C   . LEU A 1 85 ? -0.290  6.503   2.045   1.00 23.31  ? 85  LEU A C   1 
ATOM   670 O  O   . LEU A 1 85 ? -0.571  5.782   2.962   1.00 30.33  ? 85  LEU A O   1 
ATOM   671 C  CB  . LEU A 1 85 ? 1.867   5.431   1.290   1.00 22.37  ? 85  LEU A CB  1 
ATOM   672 C  CG  . LEU A 1 85 ? 1.285   4.748   0.062   1.00 27.42  ? 85  LEU A CG  1 
ATOM   673 C  CD1 . LEU A 1 85 ? 1.410   5.652   -1.147  1.00 26.37  ? 85  LEU A CD1 1 
ATOM   674 C  CD2 . LEU A 1 85 ? 1.998   3.434   -0.183  1.00 26.59  ? 85  LEU A CD2 1 
ATOM   675 N  N   . LYS A 1 86 ? -1.160  7.151   1.294   1.00 20.82  ? 86  LYS A N   1 
ATOM   676 C  CA  . LYS A 1 86 ? -2.588  6.886   1.422   1.00 19.73  ? 86  LYS A CA  1 
ATOM   677 C  C   . LYS A 1 86 ? -3.034  6.094   0.209   1.00 21.61  ? 86  LYS A C   1 
ATOM   678 O  O   . LYS A 1 86 ? -2.966  6.605   -0.917  1.00 19.71  ? 86  LYS A O   1 
ATOM   679 C  CB  . LYS A 1 86 ? -3.420  8.157   1.533   1.00 20.72  ? 86  LYS A CB  1 
ATOM   680 C  CG  . LYS A 1 86 ? -4.900  7.833   1.683   1.00 26.47  ? 86  LYS A CG  1 
ATOM   681 C  CD  . LYS A 1 86 ? -5.802  9.000   1.340   1.00 32.15  ? 86  LYS A CD  1 
ATOM   682 C  CE  . LYS A 1 86 ? -7.227  8.761   1.852   1.00 33.19  ? 86  LYS A CE  1 
ATOM   683 N  NZ  . LYS A 1 86 ? -8.177  8.318   0.810   1.00 45.03  ? 86  LYS A NZ  1 
ATOM   684 N  N   . ILE A 1 87 ? -3.511  4.868   0.444   1.00 15.95  ? 87  ILE A N   1 
ATOM   685 C  CA  . ILE A 1 87 ? -3.914  3.941   -0.615  1.00 16.50  ? 87  ILE A CA  1 
ATOM   686 C  C   . ILE A 1 87 ? -5.433  3.831   -0.624  1.00 17.25  ? 87  ILE A C   1 
ATOM   687 O  O   . ILE A 1 87 ? -6.044  3.473   0.389   1.00 18.13  ? 87  ILE A O   1 
ATOM   688 C  CB  . ILE A 1 87 ? -3.285  2.554   -0.417  1.00 18.46  ? 87  ILE A CB  1 
ATOM   689 C  CG1 . ILE A 1 87 ? -1.756  2.611   -0.438  1.00 21.52  ? 87  ILE A CG1 1 
ATOM   690 C  CG2 . ILE A 1 87 ? -3.845  1.547   -1.449  1.00 22.49  ? 87  ILE A CG2 1 
ATOM   691 C  CD1 . ILE A 1 87 ? -1.116  1.265   -0.094  1.00 22.76  ? 87  ILE A CD1 1 
ATOM   692 N  N   . ASN A 1 88 ? -6.055  4.100   -1.774  1.00 15.76  ? 88  ASN A N   1 
ATOM   693 C  CA  . ASN A 1 88 ? -7.474  3.832   -1.918  1.00 16.84  ? 88  ASN A CA  1 
ATOM   694 C  C   . ASN A 1 88 ? -7.660  2.426   -2.483  1.00 19.19  ? 88  ASN A C   1 
ATOM   695 O  O   . ASN A 1 88 ? -6.985  2.042   -3.450  1.00 19.80  ? 88  ASN A O   1 
ATOM   696 C  CB  . ASN A 1 88 ? -8.141  4.849   -2.853  1.00 19.49  ? 88  ASN A CB  1 
ATOM   697 C  CG  . ASN A 1 88 ? -8.356  6.205   -2.203  1.00 36.15  ? 88  ASN A CG  1 
ATOM   698 O  OD1 . ASN A 1 88 ? -8.412  6.321   -0.984  1.00 30.14  ? 88  ASN A OD1 1 
ATOM   699 N  ND2 . ASN A 1 88 ? -8.491  7.240   -3.025  1.00 45.67  ? 88  ASN A ND2 1 
ATOM   700 N  N   . VAL A 1 89 ? -8.604  1.675   -1.911  1.00 16.86  ? 89  VAL A N   1 
ATOM   701 C  CA  . VAL A 1 89 ? -8.878  0.295   -2.319  1.00 18.36  ? 89  VAL A CA  1 
ATOM   702 C  C   . VAL A 1 89 ? -10.200 0.250   -3.048  1.00 18.94  ? 89  VAL A C   1 
ATOM   703 O  O   . VAL A 1 89 ? -11.228 0.669   -2.507  1.00 20.79  ? 89  VAL A O   1 
ATOM   704 C  CB  . VAL A 1 89 ? -8.940  -0.667  -1.113  1.00 19.48  ? 89  VAL A CB  1 
ATOM   705 C  CG1 . VAL A 1 89 ? -9.214  -2.092  -1.610  1.00 20.33  ? 89  VAL A CG1 1 
ATOM   706 C  CG2 . VAL A 1 89 ? -7.677  -0.621  -0.338  1.00 20.62  ? 89  VAL A CG2 1 
ATOM   707 N  N   . ASN A 1 90 ? -10.198 -0.279  -4.261  1.00 19.33  ? 90  ASN A N   1 
ATOM   708 C  CA  . ASN A 1 90 ? -11.448 -0.551  -4.943  1.00 25.62  ? 90  ASN A CA  1 
ATOM   709 C  C   . ASN A 1 90 ? -11.454 -1.992  -5.417  1.00 32.80  ? 90  ASN A C   1 
ATOM   710 O  O   . ASN A 1 90 ? -10.423 -2.529  -5.834  1.00 28.62  ? 90  ASN A O   1 
ATOM   711 C  CB  . ASN A 1 90 ? -11.663 0.406   -6.106  1.00 32.46  ? 90  ASN A CB  1 
ATOM   712 C  CG  . ASN A 1 90 ? -11.985 1.797   -5.639  1.00 30.94  ? 90  ASN A CG  1 
ATOM   713 O  OD1 . ASN A 1 90 ? -13.147 2.133   -5.417  1.00 45.96  ? 90  ASN A OD1 1 
ATOM   714 N  ND2 . ASN A 1 90 ? -10.957 2.617   -5.466  1.00 30.36  ? 90  ASN A ND2 1 
ATOM   715 N  N   . ALA A 1 91 ? -12.613 -2.625  -5.324  1.00 34.48  ? 91  ALA A N   1 
ATOM   716 C  CA  . ALA A 1 91 ? -12.740 -4.035  -5.635  1.00 36.31  ? 91  ALA A CA  1 
ATOM   717 C  C   . ALA A 1 91 ? -13.607 -4.221  -6.873  1.00 49.50  ? 91  ALA A C   1 
ATOM   718 O  O   . ALA A 1 91 ? -14.518 -3.431  -7.138  1.00 51.30  ? 91  ALA A O   1 
ATOM   719 C  CB  . ALA A 1 91 ? -13.333 -4.800  -4.452  1.00 37.17  ? 91  ALA A CB  1 
ATOM   720 N  N   . GLY A 1 92 ? -13.309 -5.274  -7.628  1.00 53.73  ? 92  GLY A N   1 
ATOM   721 C  CA  . GLY A 1 92 ? -13.988 -5.536  -8.882  1.00 49.45  ? 92  GLY A CA  1 
ATOM   722 C  C   . GLY A 1 92 ? -13.075 -5.338  -10.078 1.00 68.95  ? 92  GLY A C   1 
ATOM   723 O  O   . GLY A 1 92 ? -12.163 -4.508  -10.046 1.00 70.10  ? 92  GLY A O   1 
HETATM 724 C  C1  . GOL B 2 .  ? -12.301 3.133   -1.321  1.00 37.00  ? 101 GOL A C1  1 
HETATM 725 O  O1  . GOL B 2 .  ? -13.358 2.216   -1.195  1.00 41.69  ? 101 GOL A O1  1 
HETATM 726 C  C2  . GOL B 2 .  ? -12.911 4.526   -1.470  1.00 52.24  ? 101 GOL A C2  1 
HETATM 727 O  O2  . GOL B 2 .  ? -12.134 5.349   -2.285  1.00 53.54  ? 101 GOL A O2  1 
HETATM 728 C  C3  . GOL B 2 .  ? -12.999 5.072   -0.034  1.00 39.18  ? 101 GOL A C3  1 
HETATM 729 O  O3  . GOL B 2 .  ? -13.099 3.998   0.849   1.00 42.75  ? 101 GOL A O3  1 
HETATM 730 C  C1  . GOL C 2 .  ? -2.084  -7.160  -7.731  1.00 43.85  ? 102 GOL A C1  1 
HETATM 731 O  O1  . GOL C 2 .  ? -0.971  -7.215  -8.573  1.00 61.22  ? 102 GOL A O1  1 
HETATM 732 C  C2  . GOL C 2 .  ? -2.648  -5.720  -7.850  1.00 42.38  ? 102 GOL A C2  1 
HETATM 733 O  O2  . GOL C 2 .  ? -3.508  -5.574  -8.940  1.00 48.00  ? 102 GOL A O2  1 
HETATM 734 C  C3  . GOL C 2 .  ? -3.360  -5.478  -6.506  1.00 50.17  ? 102 GOL A C3  1 
HETATM 735 O  O3  . GOL C 2 .  ? -4.563  -6.200  -6.564  1.00 38.79  ? 102 GOL A O3  1 
HETATM 736 C  C1  . GOL D 2 .  ? 6.371   2.901   -10.810 1.00 26.70  ? 103 GOL A C1  1 
HETATM 737 O  O1  . GOL D 2 .  ? 7.691   3.417   -10.935 1.00 40.53  ? 103 GOL A O1  1 
HETATM 738 C  C2  . GOL D 2 .  ? 5.574   3.674   -9.784  1.00 36.71  ? 103 GOL A C2  1 
HETATM 739 O  O2  . GOL D 2 .  ? 4.185   3.399   -9.934  1.00 41.83  ? 103 GOL A O2  1 
HETATM 740 C  C3  . GOL D 2 .  ? 5.819   5.166   -9.823  1.00 36.03  ? 103 GOL A C3  1 
HETATM 741 O  O3  . GOL D 2 .  ? 5.674   5.753   -8.534  1.00 53.78  ? 103 GOL A O3  1 
HETATM 742 C  C1  . GOL E 2 .  ? -10.214 -3.582  10.918  1.00 35.85  ? 104 GOL A C1  1 
HETATM 743 O  O1  . GOL E 2 .  ? -10.866 -2.583  10.221  1.00 30.41  ? 104 GOL A O1  1 
HETATM 744 C  C2  . GOL E 2 .  ? -11.165 -4.148  12.000  1.00 53.06  ? 104 GOL A C2  1 
HETATM 745 O  O2  . GOL E 2 .  ? -10.862 -5.473  12.327  1.00 55.13  ? 104 GOL A O2  1 
HETATM 746 C  C3  . GOL E 2 .  ? -12.591 -3.968  11.424  1.00 44.88  ? 104 GOL A C3  1 
HETATM 747 O  O3  . GOL E 2 .  ? -12.949 -2.640  11.694  1.00 44.11  ? 104 GOL A O3  1 
HETATM 748 C  C1  . GOL F 2 .  ? -4.947  -19.303 -3.513  1.00 52.54  ? 105 GOL A C1  1 
HETATM 749 O  O1  . GOL F 2 .  ? -5.265  -20.530 -2.924  1.00 47.00  ? 105 GOL A O1  1 
HETATM 750 C  C2  . GOL F 2 .  ? -3.553  -18.989 -3.036  1.00 53.23  ? 105 GOL A C2  1 
HETATM 751 O  O2  . GOL F 2 .  ? -3.088  -17.774 -3.539  1.00 40.52  ? 105 GOL A O2  1 
HETATM 752 C  C3  . GOL F 2 .  ? -3.703  -18.939 -1.526  1.00 36.49  ? 105 GOL A C3  1 
HETATM 753 O  O3  . GOL F 2 .  ? -3.834  -20.244 -1.107  1.00 66.60  ? 105 GOL A O3  1 
HETATM 754 C  C1  . PEG G 3 .  ? -10.649 8.421   2.849   1.00 40.63  ? 106 PEG A C1  1 
HETATM 755 O  O1  . PEG G 3 .  ? -10.893 7.973   1.539   1.00 50.37  ? 106 PEG A O1  1 
HETATM 756 C  C2  . PEG G 3 .  ? -11.496 7.634   3.841   1.00 42.32  ? 106 PEG A C2  1 
HETATM 757 O  O2  . PEG G 3 .  ? -12.589 8.416   4.215   1.00 59.91  ? 106 PEG A O2  1 
HETATM 758 C  C3  . PEG G 3 .  ? -12.402 9.045   5.443   1.00 40.84  ? 106 PEG A C3  1 
HETATM 759 C  C4  . PEG G 3 .  ? -13.482 8.559   6.396   1.00 36.44  ? 106 PEG A C4  1 
HETATM 760 O  O4  . PEG G 3 .  ? -13.138 7.311   6.910   1.00 38.74  ? 106 PEG A O4  1 
HETATM 761 S  S   . SO4 H 4 .  ? 18.765  -3.479  6.195   1.00 78.79  ? 107 SO4 A S   1 
HETATM 762 O  O1  . SO4 H 4 .  ? 19.086  -2.461  5.197   1.00 69.82  ? 107 SO4 A O1  1 
HETATM 763 O  O2  . SO4 H 4 .  ? 18.451  -4.730  5.514   1.00 68.58  ? 107 SO4 A O2  1 
HETATM 764 O  O3  . SO4 H 4 .  ? 17.650  -3.039  7.030   1.00 74.47  ? 107 SO4 A O3  1 
HETATM 765 O  O4  . SO4 H 4 .  ? 19.905  -3.692  7.069   1.00 68.65  ? 107 SO4 A O4  1 
HETATM 766 S  S   . SO4 I 4 .  ? 9.410   -10.568 2.833   0.50 126.50 ? 108 SO4 A S   1 
HETATM 767 O  O1  . SO4 I 4 .  ? 10.392  -9.842  2.030   0.50 90.13  ? 108 SO4 A O1  1 
HETATM 768 O  O2  . SO4 I 4 .  ? 9.520   -11.594 1.797   0.50 82.80  ? 108 SO4 A O2  1 
HETATM 769 O  O3  . SO4 I 4 .  ? 9.374   -11.211 4.147   0.50 103.98 ? 108 SO4 A O3  1 
HETATM 770 O  O4  . SO4 I 4 .  ? 8.544   -9.423  3.117   0.50 83.83  ? 108 SO4 A O4  1 
HETATM 771 CL CL  . CL  J 5 .  ? -5.106  10.280  9.316   0.38 28.10  ? 109 CL  A CL  1 
HETATM 772 C  C1  A SIN K 6 .  ? -3.057  -15.346 -0.079  0.37 38.18  ? 110 SIN A C1  1 
HETATM 773 C  C1  B SIN K 6 .  ? -2.985  -15.143 -0.258  0.63 37.33  ? 110 SIN A C1  1 
HETATM 774 O  O1  A SIN K 6 .  ? -3.843  -15.774 -0.949  0.37 33.85  ? 110 SIN A O1  1 
HETATM 775 O  O1  B SIN K 6 .  ? -3.881  -15.440 -1.074  0.63 33.49  ? 110 SIN A O1  1 
HETATM 776 O  O2  A SIN K 6 .  ? -3.132  -15.804 1.082   0.37 45.84  ? 110 SIN A O2  1 
HETATM 777 O  O2  B SIN K 6 .  ? -2.986  -15.715 0.855   0.63 46.08  ? 110 SIN A O2  1 
HETATM 778 C  C2  A SIN K 6 .  ? -2.020  -14.310 -0.431  0.37 31.14  ? 110 SIN A C2  1 
HETATM 779 C  C2  B SIN K 6 .  ? -1.921  -14.126 -0.599  0.63 28.94  ? 110 SIN A C2  1 
HETATM 780 C  C3  A SIN K 6 .  ? -2.358  -13.624 -1.743  0.37 35.75  ? 110 SIN A C3  1 
HETATM 781 C  C3  B SIN K 6 .  ? -2.280  -13.310 -1.831  0.63 36.79  ? 110 SIN A C3  1 
HETATM 782 C  C4  A SIN K 6 .  ? -1.248  -12.658 -2.070  0.37 34.39  ? 110 SIN A C4  1 
HETATM 783 C  C4  B SIN K 6 .  ? -2.022  -14.143 -3.062  0.63 35.90  ? 110 SIN A C4  1 
HETATM 784 O  O3  A SIN K 6 .  ? -0.207  -13.055 -2.638  0.37 41.01  ? 110 SIN A O3  1 
HETATM 785 O  O3  B SIN K 6 .  ? -1.371  -15.209 -2.973  0.63 34.65  ? 110 SIN A O3  1 
HETATM 786 O  O4  A SIN K 6 .  ? -1.363  -11.452 -1.781  0.37 30.18  ? 110 SIN A O4  1 
HETATM 787 O  O4  B SIN K 6 .  ? -2.480  -13.807 -4.172  0.63 25.94  ? 110 SIN A O4  1 
HETATM 788 O  O   . HOH L 7 .  ? -3.966  -16.121 -2.990  1.00 56.84  ? 201 HOH A O   1 
HETATM 789 O  O   . HOH L 7 .  ? -0.440  -16.484 -4.397  1.00 58.40  ? 202 HOH A O   1 
HETATM 790 O  O   . HOH L 7 .  ? 8.901   1.664   -11.388 1.00 41.59  ? 203 HOH A O   1 
HETATM 791 O  O   . HOH L 7 .  ? -6.023  8.923   -4.590  1.00 37.86  ? 204 HOH A O   1 
HETATM 792 O  O   . HOH L 7 .  ? -1.991  -17.871 -5.508  1.00 54.60  ? 205 HOH A O   1 
HETATM 793 O  O   . HOH L 7 .  ? -4.731  -3.947  -9.936  1.00 40.70  ? 206 HOH A O   1 
HETATM 794 O  O   . HOH L 7 .  ? -3.636  -22.525 -1.287  1.00 43.46  ? 207 HOH A O   1 
HETATM 795 O  O   . HOH L 7 .  ? 4.868   3.973   -6.935  1.00 27.79  ? 208 HOH A O   1 
HETATM 796 O  O   . HOH L 7 .  ? 1.932   1.580   -11.785 1.00 22.80  ? 209 HOH A O   1 
HETATM 797 O  O   . HOH L 7 .  ? -3.414  -21.916 0.842   1.00 40.24  ? 210 HOH A O   1 
HETATM 798 O  O   . HOH L 7 .  ? -6.756  -22.385 -1.800  1.00 46.25  ? 211 HOH A O   1 
HETATM 799 O  O   . HOH L 7 .  ? 3.071   -5.269  -14.038 1.00 48.78  ? 212 HOH A O   1 
HETATM 800 O  O   . HOH L 7 .  ? -8.207  2.224   -6.204  1.00 22.07  ? 213 HOH A O   1 
HETATM 801 O  O   . HOH L 7 .  ? -5.420  -21.662 -5.366  1.00 53.68  ? 214 HOH A O   1 
HETATM 802 O  O   . HOH L 7 .  ? -3.342  8.996   -2.107  1.00 22.14  ? 215 HOH A O   1 
HETATM 803 O  O   . HOH L 7 .  ? 19.399  -4.713  1.163   1.00 61.42  ? 216 HOH A O   1 
HETATM 804 O  O   . HOH L 7 .  ? -4.745  -0.733  10.853  1.00 17.66  ? 217 HOH A O   1 
HETATM 805 O  O   . HOH L 7 .  ? -3.877  -1.941  -8.233  1.00 26.00  ? 218 HOH A O   1 
HETATM 806 O  O   . HOH L 7 .  ? 12.871  5.399   2.478   1.00 60.07  ? 219 HOH A O   1 
HETATM 807 O  O   . HOH L 7 .  ? 5.876   -7.651  -8.957  1.00 40.08  ? 220 HOH A O   1 
HETATM 808 O  O   . HOH L 7 .  ? -4.735  -11.931 5.240   1.00 37.49  ? 221 HOH A O   1 
HETATM 809 O  O   . HOH L 7 .  ? -4.031  -11.680 -7.002  1.00 56.09  ? 222 HOH A O   1 
HETATM 810 O  O   . HOH L 7 .  ? -6.224  7.078   -5.471  1.00 30.70  ? 223 HOH A O   1 
HETATM 811 O  O   . HOH L 7 .  ? -15.541 -7.126  10.492  1.00 51.29  ? 224 HOH A O   1 
HETATM 812 O  O   . HOH L 7 .  ? 11.475  11.260  3.363   0.50 52.26  ? 225 HOH A O   1 
HETATM 813 O  O   . HOH L 7 .  ? -6.400  -16.586 -7.326  1.00 40.68  ? 226 HOH A O   1 
HETATM 814 O  O   . HOH L 7 .  ? -0.173  9.534   -0.537  1.00 38.44  ? 227 HOH A O   1 
HETATM 815 O  O   . HOH L 7 .  ? -8.021  -14.866 -8.037  1.00 41.45  ? 228 HOH A O   1 
HETATM 816 O  O   . HOH L 7 .  ? -16.900 8.402   5.186   1.00 41.09  ? 229 HOH A O   1 
HETATM 817 O  O   . HOH L 7 .  ? 17.774  6.617   -0.202  1.00 62.70  ? 230 HOH A O   1 
HETATM 818 O  O   . HOH L 7 .  ? 9.743   -3.880  -2.543  1.00 46.46  ? 231 HOH A O   1 
HETATM 819 O  O   . HOH L 7 .  ? -11.194 -7.733  -11.809 1.00 43.69  ? 232 HOH A O   1 
HETATM 820 O  O   . HOH L 7 .  ? 1.582   11.372  -2.011  1.00 54.53  ? 233 HOH A O   1 
HETATM 821 O  O   . HOH L 7 .  ? -19.057 -4.439  0.530   1.00 50.02  ? 234 HOH A O   1 
HETATM 822 O  O   . HOH L 7 .  ? 7.563   -2.631  -15.790 1.00 50.80  ? 235 HOH A O   1 
# 
